data_7UBY
#
_entry.id   7UBY
#
_cell.length_a   80.118
_cell.length_b   131.641
_cell.length_c   83.796
_cell.angle_alpha   90.000
_cell.angle_beta   110.015
_cell.angle_gamma   90.000
#
_symmetry.space_group_name_H-M   'P 1 21 1'
#
loop_
_entity.id
_entity.type
_entity.pdbx_description
1 polymer 'Glucosyltransferase TcdA'
2 polymer 'Nanobody VHH AH3'
3 non-polymer "URIDINE-5'-DIPHOSPHATE-GLUCOSE"
4 non-polymer 'MANGANESE (II) ION'
5 non-polymer DI(HYDROXYETHYL)ETHER
6 non-polymer 1,2-ETHANEDIOL
7 water water
#
loop_
_entity_poly.entity_id
_entity_poly.type
_entity_poly.pdbx_seq_one_letter_code
_entity_poly.pdbx_strand_id
1 'polypeptide(L)'
;SMSLISKEELIKLAYSIRPRENEYKTILTNLDEYNKLTTNNNENKYLQLKKLNESIDVFMNKYKTSSRNRALSNLKKDIL
KEVILIKNSNTSPVEKNLHFVWIGGEVSDIALEYIKQWADINAEYNIKLWYDSEAFLVNTLKKAIVESSTTEALQLLEEE
IQNPQFDNMKFYKKRMEFIYDRQKRFINYYASQINKPTVPTIDDIIKSHLVSEYNRDETVLESYRTNSLRKINSNHGIDI
RANSLFTEQELLNIYSQELLNRGNLAAASDIVRLLALKNFGGVYLDVDMLPGIHSDLFKTISRPSSIGLDRWEMIKLEAI
MKYKKYINNYTSENFDKLDQQLKDNFKLIIESKSEKSEIFSKLENLNVSDLEIKIAFALGSVINQALISKQGSYLTNLVI
EQVKNRYQFLNQHLNPAIESDNNFTDTTKIFHDSLFNSATAENSMFLTKIAPYLQVGFMPEARSTISLSGPGAYASAYYD
FINLQENTIEKTLKASDLIEFKFPENNLSQLTEQEINSLWSFDQASAKYQFEKYVRDYTGGSL
;
B,A
2 'polypeptide(L)'
;SQLQLVESGGGLVQPGGSLRLSCAASGFTLDYSSIGWFRQAPGKEREGVSCISSSGDSTKYADSVKGRFTTSRDNAKNTV
YLQMNSLKPDDTAVYYCAAFRATMCGVFPLSPYGKDDWGKGTLVTVSSEPKTPKPQTSGAPVPYPDPLEPR
;
D,C
#
# COMPACT_ATOMS: atom_id res chain seq x y z
N SER A 3 -13.71 23.91 -22.71
CA SER A 3 -14.09 24.84 -21.65
C SER A 3 -13.50 26.24 -21.94
N LEU A 4 -12.90 26.35 -23.12
CA LEU A 4 -12.45 27.61 -23.69
C LEU A 4 -13.55 28.17 -24.61
N ILE A 5 -13.21 29.16 -25.43
CA ILE A 5 -14.06 29.51 -26.55
C ILE A 5 -14.07 28.34 -27.53
N SER A 6 -15.26 28.00 -28.03
CA SER A 6 -15.41 26.86 -28.93
C SER A 6 -14.84 27.18 -30.31
N LYS A 7 -14.75 26.15 -31.15
CA LYS A 7 -14.09 26.28 -32.45
C LYS A 7 -14.78 27.33 -33.32
N GLU A 8 -16.11 27.34 -33.34
CA GLU A 8 -16.83 28.33 -34.14
C GLU A 8 -16.52 29.75 -33.68
N GLU A 9 -16.43 29.96 -32.37
CA GLU A 9 -16.11 31.28 -31.84
C GLU A 9 -14.76 31.77 -32.37
N LEU A 10 -13.75 30.90 -32.35
CA LEU A 10 -12.44 31.28 -32.87
C LEU A 10 -12.45 31.42 -34.39
N ILE A 11 -13.24 30.58 -35.07
CA ILE A 11 -13.44 30.77 -36.51
C ILE A 11 -14.13 32.09 -36.78
N LYS A 12 -15.11 32.44 -35.96
CA LYS A 12 -15.86 33.70 -36.09
C LYS A 12 -15.17 34.88 -35.42
N LEU A 13 -13.97 34.69 -34.84
CA LEU A 13 -13.20 35.77 -34.28
C LEU A 13 -11.84 35.96 -34.95
N ALA A 14 -11.48 35.11 -35.90
CA ALA A 14 -10.22 35.26 -36.62
C ALA A 14 -10.47 35.38 -38.13
N GLU A 23 -2.16 24.82 -40.93
CA GLU A 23 -1.76 25.25 -39.59
C GLU A 23 -2.97 25.63 -38.74
N TYR A 24 -3.71 26.66 -39.17
CA TYR A 24 -4.85 27.13 -38.39
C TYR A 24 -5.91 26.05 -38.25
N LYS A 25 -6.09 25.21 -39.28
CA LYS A 25 -7.06 24.13 -39.17
C LYS A 25 -6.70 23.18 -38.05
N THR A 26 -5.40 22.91 -37.86
CA THR A 26 -4.96 22.07 -36.75
C THR A 26 -5.37 22.69 -35.41
N ILE A 27 -5.24 24.02 -35.29
CA ILE A 27 -5.65 24.71 -34.06
C ILE A 27 -7.11 24.44 -33.75
N LEU A 28 -7.97 24.61 -34.75
CA LEU A 28 -9.41 24.46 -34.55
C LEU A 28 -9.74 23.07 -34.04
N THR A 29 -9.20 22.05 -34.70
CA THR A 29 -9.41 20.69 -34.21
C THR A 29 -8.75 20.50 -32.85
N ASN A 30 -7.54 21.04 -32.65
CA ASN A 30 -6.88 20.92 -31.35
C ASN A 30 -7.73 21.54 -30.25
N LEU A 31 -8.31 22.72 -30.51
CA LEU A 31 -9.32 23.24 -29.58
C LEU A 31 -10.50 22.28 -29.51
N ASP A 32 -10.96 21.81 -30.67
CA ASP A 32 -12.14 20.94 -30.70
C ASP A 32 -11.89 19.66 -29.93
N GLU A 33 -10.72 19.04 -30.11
CA GLU A 33 -10.37 17.88 -29.30
C GLU A 33 -10.43 18.23 -27.82
N TYR A 34 -9.83 19.36 -27.44
CA TYR A 34 -9.82 19.76 -26.03
C TYR A 34 -11.23 20.10 -25.53
N ASN A 35 -12.02 20.79 -26.36
CA ASN A 35 -13.36 21.19 -25.93
C ASN A 35 -14.24 19.97 -25.66
N LYS A 36 -14.13 18.95 -26.52
CA LYS A 36 -14.87 17.72 -26.30
C LYS A 36 -14.25 16.84 -25.23
N LEU A 37 -12.91 16.89 -25.06
CA LEU A 37 -12.24 15.98 -24.13
C LEU A 37 -12.79 16.14 -22.73
N THR A 38 -13.53 15.14 -22.28
CA THR A 38 -14.26 15.17 -21.02
C THR A 38 -13.94 13.95 -20.19
N THR A 39 -12.71 13.46 -20.33
CA THR A 39 -12.19 12.45 -19.42
C THR A 39 -11.92 13.10 -18.06
N ASN A 40 -11.77 12.26 -17.04
CA ASN A 40 -11.45 12.72 -15.70
C ASN A 40 -9.96 12.66 -15.40
N ASN A 41 -9.13 12.44 -16.42
CA ASN A 41 -7.67 12.43 -16.27
C ASN A 41 -7.16 13.85 -16.42
N ASN A 42 -6.71 14.44 -15.31
CA ASN A 42 -6.21 15.81 -15.35
C ASN A 42 -4.98 15.92 -16.26
N GLU A 43 -4.10 14.91 -16.23
CA GLU A 43 -2.90 14.96 -17.05
C GLU A 43 -3.24 14.99 -18.54
N ASN A 44 -4.22 14.18 -18.97
CA ASN A 44 -4.62 14.20 -20.37
C ASN A 44 -5.15 15.58 -20.75
N LYS A 45 -5.97 16.17 -19.88
CA LYS A 45 -6.49 17.51 -20.13
C LYS A 45 -5.34 18.49 -20.32
N TYR A 46 -4.39 18.48 -19.38
CA TYR A 46 -3.23 19.34 -19.51
C TYR A 46 -2.45 19.03 -20.78
N LEU A 47 -2.24 17.74 -21.08
CA LEU A 47 -1.49 17.37 -22.27
C LEU A 47 -2.16 17.86 -23.55
N GLN A 48 -3.50 17.77 -23.61
CA GLN A 48 -4.21 18.29 -24.77
C GLN A 48 -4.09 19.82 -24.84
N LEU A 49 -4.20 20.49 -23.69
CA LEU A 49 -3.96 21.93 -23.63
C LEU A 49 -2.58 22.27 -24.16
N LYS A 50 -1.57 21.48 -23.78
CA LYS A 50 -0.20 21.72 -24.24
C LYS A 50 -0.10 21.60 -25.75
N LYS A 51 -0.73 20.61 -26.34
CA LYS A 51 -0.65 20.40 -27.78
C LYS A 51 -1.22 21.59 -28.53
N LEU A 52 -2.38 22.05 -28.08
CA LEU A 52 -3.03 23.19 -28.68
C LEU A 52 -2.13 24.41 -28.66
N ASN A 53 -1.51 24.66 -27.53
CA ASN A 53 -0.61 25.78 -27.42
C ASN A 53 0.53 25.71 -28.42
N GLU A 54 1.19 24.56 -28.56
CA GLU A 54 2.28 24.49 -29.52
C GLU A 54 1.77 24.67 -30.93
N SER A 55 0.60 24.13 -31.25
CA SER A 55 0.10 24.34 -32.59
C SER A 55 -0.13 25.83 -32.87
N ILE A 56 -0.69 26.53 -31.90
CA ILE A 56 -0.88 27.95 -32.02
C ILE A 56 0.46 28.61 -32.27
N ASP A 57 1.46 28.27 -31.48
CA ASP A 57 2.77 28.84 -31.65
C ASP A 57 3.38 28.60 -33.03
N VAL A 58 3.21 27.39 -33.57
CA VAL A 58 3.73 27.04 -34.88
C VAL A 58 3.14 28.00 -35.87
N PHE A 59 1.81 28.07 -35.82
CA PHE A 59 1.04 28.97 -36.67
C PHE A 59 1.59 30.34 -36.60
N MET A 60 1.69 30.87 -35.38
CA MET A 60 2.14 32.21 -35.16
C MET A 60 3.43 32.48 -35.82
N ASN A 61 4.46 31.69 -35.53
CA ASN A 61 5.75 31.96 -36.17
C ASN A 61 5.69 31.90 -37.69
N LYS A 62 5.17 30.82 -38.25
CA LYS A 62 5.17 30.77 -39.72
C LYS A 62 4.31 31.81 -40.42
N TYR A 63 3.27 32.31 -39.78
CA TYR A 63 2.46 33.28 -40.47
C TYR A 63 2.38 34.46 -39.54
N LYS A 64 3.55 34.94 -39.15
CA LYS A 64 3.63 36.11 -38.27
C LYS A 64 2.67 37.25 -38.56
N SER A 67 -3.96 38.61 -39.60
CA SER A 67 -5.19 38.96 -38.89
C SER A 67 -5.51 37.91 -37.83
N ARG A 68 -5.00 36.69 -38.05
CA ARG A 68 -5.29 35.60 -37.13
C ARG A 68 -4.68 35.85 -35.75
N ASN A 69 -3.48 36.44 -35.70
CA ASN A 69 -2.67 36.47 -34.49
C ASN A 69 -3.24 37.39 -33.40
N ARG A 70 -4.21 38.24 -33.70
CA ARG A 70 -4.80 39.06 -32.65
C ARG A 70 -5.58 38.19 -31.66
N ALA A 71 -6.44 37.30 -32.18
CA ALA A 71 -7.29 36.45 -31.37
C ALA A 71 -6.62 35.15 -30.94
N LEU A 72 -5.58 34.72 -31.64
CA LEU A 72 -4.83 33.55 -31.19
C LEU A 72 -4.09 33.84 -29.90
N SER A 73 -3.59 35.06 -29.75
CA SER A 73 -2.99 35.48 -28.48
C SER A 73 -4.02 35.46 -27.37
N ASN A 74 -5.23 35.94 -27.65
CA ASN A 74 -6.29 35.94 -26.65
C ASN A 74 -6.59 34.54 -26.17
N LEU A 75 -6.63 33.59 -27.10
CA LEU A 75 -6.76 32.17 -26.73
C LEU A 75 -5.56 31.72 -25.88
N LYS A 76 -4.35 32.16 -26.25
CA LYS A 76 -3.16 31.79 -25.49
C LYS A 76 -3.29 32.21 -24.04
N LYS A 77 -3.73 33.45 -23.80
CA LYS A 77 -3.94 33.92 -22.44
C LYS A 77 -5.03 33.13 -21.73
N ASP A 78 -6.10 32.79 -22.46
CA ASP A 78 -7.15 31.96 -21.88
C ASP A 78 -6.60 30.59 -21.46
N ILE A 79 -5.72 30.02 -22.28
CA ILE A 79 -5.17 28.70 -21.97
C ILE A 79 -4.39 28.73 -20.66
N LEU A 80 -3.65 29.82 -20.42
CA LEU A 80 -2.90 29.97 -19.17
C LEU A 80 -3.81 29.91 -17.96
N LYS A 81 -5.01 30.52 -18.06
CA LYS A 81 -5.97 30.46 -16.97
C LYS A 81 -6.56 29.07 -16.83
N GLU A 82 -6.80 28.39 -17.95
CA GLU A 82 -7.32 27.02 -17.92
C GLU A 82 -6.38 26.07 -17.16
N VAL A 83 -5.07 26.29 -17.27
CA VAL A 83 -4.12 25.45 -16.53
C VAL A 83 -4.36 25.59 -15.03
N ILE A 84 -4.48 26.83 -14.55
CA ILE A 84 -4.81 27.08 -13.16
C ILE A 84 -6.13 26.41 -12.79
N LEU A 85 -7.13 26.52 -13.68
CA LEU A 85 -8.45 25.95 -13.38
C LEU A 85 -8.37 24.45 -13.19
N ILE A 86 -7.75 23.76 -14.15
CA ILE A 86 -7.57 22.31 -14.06
C ILE A 86 -6.89 21.94 -12.75
N LYS A 87 -5.82 22.68 -12.40
CA LYS A 87 -5.08 22.36 -11.19
C LYS A 87 -5.97 22.50 -9.95
N ASN A 88 -6.74 23.58 -9.87
CA ASN A 88 -7.48 23.84 -8.65
C ASN A 88 -8.85 23.17 -8.61
N SER A 89 -9.25 22.45 -9.67
CA SER A 89 -10.62 21.96 -9.80
C SER A 89 -10.90 20.74 -8.92
N ASN A 90 -10.10 19.68 -9.05
CA ASN A 90 -10.33 18.47 -8.27
C ASN A 90 -9.08 18.19 -7.45
N THR A 91 -9.01 18.81 -6.28
CA THR A 91 -7.99 18.47 -5.32
C THR A 91 -8.51 17.36 -4.42
N SER A 92 -7.56 16.65 -3.80
CA SER A 92 -7.79 15.44 -3.05
C SER A 92 -6.66 15.32 -2.05
N PRO A 93 -6.88 14.63 -0.93
CA PRO A 93 -5.81 14.50 0.07
C PRO A 93 -4.62 13.71 -0.46
N VAL A 94 -3.41 14.21 -0.16
CA VAL A 94 -2.18 13.50 -0.51
C VAL A 94 -2.06 12.22 0.32
N GLU A 95 -1.46 11.19 -0.27
CA GLU A 95 -1.10 9.98 0.47
C GLU A 95 -0.42 10.35 1.78
N LYS A 96 -0.68 9.56 2.82
CA LYS A 96 -0.28 9.91 4.19
C LYS A 96 1.06 9.25 4.52
N ASN A 97 2.07 9.68 3.76
CA ASN A 97 3.45 9.31 3.99
C ASN A 97 4.24 10.55 4.37
N LEU A 98 5.13 10.41 5.34
CA LEU A 98 6.15 11.40 5.64
C LEU A 98 7.49 10.79 5.26
N HIS A 99 8.16 11.40 4.29
CA HIS A 99 9.46 10.93 3.83
C HIS A 99 10.54 11.83 4.42
N PHE A 100 11.49 11.21 5.12
CA PHE A 100 12.71 11.84 5.57
C PHE A 100 13.88 11.11 4.92
N VAL A 101 15.04 11.78 4.90
CA VAL A 101 16.24 11.22 4.27
C VAL A 101 17.44 11.47 5.19
N TRP A 102 18.17 10.41 5.53
CA TRP A 102 19.49 10.55 6.15
C TRP A 102 20.44 9.56 5.51
N ILE A 103 21.37 10.07 4.74
CA ILE A 103 22.36 9.28 4.04
C ILE A 103 23.76 9.70 4.54
N GLY A 104 24.67 8.72 4.60
CA GLY A 104 26.09 8.97 4.71
C GLY A 104 26.69 8.61 6.06
N GLY A 105 25.91 8.15 7.00
CA GLY A 105 26.42 7.85 8.33
C GLY A 105 25.27 7.61 9.28
N GLU A 106 25.62 7.51 10.55
CA GLU A 106 24.61 7.23 11.56
C GLU A 106 23.66 8.40 11.72
N VAL A 107 22.36 8.11 11.72
CA VAL A 107 21.39 9.17 11.98
C VAL A 107 21.54 9.61 13.42
N SER A 108 21.36 10.91 13.67
CA SER A 108 21.64 11.48 14.99
C SER A 108 20.42 11.39 15.88
N ASP A 109 20.67 11.41 17.19
CA ASP A 109 19.56 11.40 18.14
C ASP A 109 18.74 12.66 18.00
N ILE A 110 19.39 13.78 17.67
CA ILE A 110 18.66 15.04 17.48
C ILE A 110 17.70 14.92 16.30
N ALA A 111 18.16 14.34 15.19
CA ALA A 111 17.29 14.17 14.03
C ALA A 111 16.10 13.28 14.36
N LEU A 112 16.35 12.19 15.11
CA LEU A 112 15.28 11.28 15.51
C LEU A 112 14.27 11.99 16.41
N GLU A 113 14.74 12.89 17.29
CA GLU A 113 13.80 13.63 18.14
C GLU A 113 12.91 14.55 17.33
N TYR A 114 13.43 15.13 16.25
CA TYR A 114 12.61 15.99 15.40
C TYR A 114 11.57 15.18 14.65
N ILE A 115 11.95 14.01 14.13
CA ILE A 115 11.01 13.14 13.44
C ILE A 115 9.93 12.69 14.40
N LYS A 116 10.29 12.51 15.67
CA LYS A 116 9.34 12.04 16.68
C LYS A 116 8.19 13.03 16.90
N GLN A 117 8.45 14.34 16.78
CA GLN A 117 7.37 15.32 16.89
C GLN A 117 6.35 15.13 15.78
N TRP A 118 6.82 14.88 14.55
CA TRP A 118 5.89 14.69 13.43
C TRP A 118 5.07 13.43 13.63
N ALA A 119 5.72 12.35 14.03
CA ALA A 119 5.02 11.08 14.23
C ALA A 119 3.95 11.20 15.33
N ASP A 120 4.33 11.79 16.48
CA ASP A 120 3.37 11.91 17.60
C ASP A 120 2.19 12.78 17.24
N ILE A 121 2.38 13.80 16.41
CA ILE A 121 1.28 14.65 16.01
C ILE A 121 0.45 14.02 14.88
N ASN A 122 1.02 13.07 14.12
CA ASN A 122 0.40 12.54 12.90
C ASN A 122 0.52 11.01 12.85
N ALA A 123 -0.03 10.31 13.85
CA ALA A 123 0.14 8.86 13.96
C ALA A 123 -0.35 8.10 12.73
N GLU A 124 -1.30 8.66 11.96
CA GLU A 124 -1.79 7.98 10.76
C GLU A 124 -0.83 8.11 9.58
N TYR A 125 0.15 8.99 9.65
CA TYR A 125 1.12 9.11 8.57
C TYR A 125 2.16 8.01 8.71
N ASN A 126 2.42 7.31 7.62
CA ASN A 126 3.50 6.34 7.57
C ASN A 126 4.84 7.09 7.45
N ILE A 127 5.79 6.77 8.33
CA ILE A 127 7.09 7.46 8.34
C ILE A 127 8.09 6.60 7.61
N LYS A 128 8.71 7.15 6.55
CA LYS A 128 9.84 6.50 5.92
C LYS A 128 11.09 7.33 6.12
N LEU A 129 12.15 6.69 6.61
CA LEU A 129 13.46 7.34 6.77
C LEU A 129 14.40 6.67 5.77
N TRP A 130 14.60 7.32 4.63
CA TRP A 130 15.38 6.74 3.54
C TRP A 130 16.87 6.84 3.84
N TYR A 131 17.57 5.75 3.57
CA TYR A 131 19.01 5.71 3.81
C TYR A 131 19.65 4.91 2.69
N ASP A 132 20.98 4.96 2.63
CA ASP A 132 21.75 4.19 1.66
C ASP A 132 22.46 3.07 2.42
N SER A 133 21.99 1.83 2.22
CA SER A 133 22.56 0.68 2.91
C SER A 133 24.03 0.46 2.59
N GLU A 134 24.53 1.01 1.48
CA GLU A 134 25.92 0.80 1.10
C GLU A 134 26.85 1.94 1.53
N ALA A 135 26.33 3.01 2.15
CA ALA A 135 27.06 4.28 2.17
C ALA A 135 27.07 4.92 3.55
N PHE A 136 27.19 4.11 4.61
CA PHE A 136 27.27 4.66 5.96
C PHE A 136 28.60 5.33 6.28
N LEU A 137 29.65 5.11 5.47
CA LEU A 137 30.99 5.67 5.72
C LEU A 137 31.31 6.89 4.86
N VAL A 138 30.35 7.44 4.12
CA VAL A 138 30.63 8.61 3.27
C VAL A 138 30.99 9.84 4.12
N ASN A 139 30.25 10.10 5.21
CA ASN A 139 30.57 11.26 6.05
C ASN A 139 31.91 11.09 6.75
N THR A 140 32.24 9.86 7.17
CA THR A 140 33.56 9.59 7.72
C THR A 140 34.66 9.87 6.71
N LEU A 141 34.45 9.45 5.45
CA LEU A 141 35.45 9.72 4.41
C LEU A 141 35.61 11.22 4.20
N LYS A 142 34.49 11.94 4.11
CA LYS A 142 34.56 13.38 3.91
C LYS A 142 35.32 14.06 5.05
N LYS A 143 35.01 13.67 6.29
CA LYS A 143 35.71 14.19 7.46
C LYS A 143 37.22 13.95 7.36
N ALA A 144 37.60 12.73 7.00
CA ALA A 144 39.03 12.42 6.90
C ALA A 144 39.71 13.23 5.81
N ILE A 145 39.03 13.43 4.66
CA ILE A 145 39.60 14.26 3.61
C ILE A 145 39.71 15.72 4.08
N VAL A 146 38.65 16.25 4.66
CA VAL A 146 38.65 17.68 5.03
C VAL A 146 39.67 17.96 6.14
N GLU A 147 39.66 17.13 7.19
CA GLU A 147 40.55 17.38 8.33
C GLU A 147 42.02 17.21 7.95
N SER A 148 42.35 16.21 7.14
CA SER A 148 43.73 16.07 6.69
C SER A 148 44.14 17.27 5.83
N SER A 149 43.20 17.80 5.03
CA SER A 149 43.51 18.97 4.20
C SER A 149 43.65 20.24 5.05
N THR A 150 42.87 20.34 6.12
CA THR A 150 43.03 21.46 7.05
C THR A 150 44.44 21.45 7.65
N THR A 151 44.93 20.29 8.05
CA THR A 151 46.29 20.26 8.61
C THR A 151 47.33 20.57 7.54
N GLU A 152 47.10 20.14 6.30
CA GLU A 152 48.03 20.49 5.23
C GLU A 152 48.13 21.99 5.08
N ALA A 153 46.98 22.66 4.97
CA ALA A 153 46.95 24.08 4.72
C ALA A 153 47.48 24.88 5.91
N LEU A 154 47.14 24.47 7.14
CA LEU A 154 47.63 25.19 8.31
C LEU A 154 49.15 25.11 8.42
N GLN A 155 49.72 23.91 8.21
CA GLN A 155 51.16 23.77 8.29
C GLN A 155 51.87 24.48 7.13
N LEU A 156 51.32 24.36 5.91
CA LEU A 156 51.84 25.10 4.77
C LEU A 156 51.90 26.61 5.05
N LEU A 157 50.88 27.15 5.71
CA LEU A 157 50.79 28.58 5.94
C LEU A 157 51.18 29.01 7.35
N GLU A 158 51.90 28.20 8.05
CA GLU A 158 52.31 28.46 9.41
C GLU A 158 52.92 29.84 9.62
N GLU A 159 53.77 30.30 8.71
CA GLU A 159 54.38 31.63 8.87
C GLU A 159 53.35 32.75 8.81
N GLU A 160 52.29 32.58 8.02
CA GLU A 160 51.35 33.68 7.74
C GLU A 160 50.06 33.63 8.55
N ILE A 161 49.66 32.47 9.08
CA ILE A 161 48.42 32.42 9.85
C ILE A 161 48.55 33.18 11.15
N GLN A 162 49.78 33.44 11.61
CA GLN A 162 50.01 34.19 12.83
C GLN A 162 49.81 35.69 12.63
N ASN A 163 49.72 36.15 11.40
CA ASN A 163 49.58 37.57 11.09
C ASN A 163 48.12 37.98 11.24
N PRO A 164 47.82 39.03 12.01
CA PRO A 164 46.41 39.45 12.17
C PRO A 164 45.76 39.90 10.87
N GLN A 165 46.55 40.37 9.90
CA GLN A 165 46.03 40.81 8.61
C GLN A 165 45.79 39.65 7.64
N PHE A 166 46.02 38.40 8.06
CA PHE A 166 45.90 37.27 7.15
C PHE A 166 44.47 37.11 6.67
N ASP A 167 44.32 36.96 5.37
CA ASP A 167 43.03 36.75 4.72
C ASP A 167 42.65 35.28 4.87
N ASN A 168 41.59 35.01 5.66
CA ASN A 168 41.19 33.62 5.84
C ASN A 168 40.84 32.95 4.51
N MET A 169 40.49 33.73 3.48
CA MET A 169 40.20 33.12 2.18
C MET A 169 41.42 32.41 1.61
N LYS A 170 42.64 32.87 1.95
CA LYS A 170 43.82 32.15 1.48
C LYS A 170 43.88 30.75 2.06
N PHE A 171 43.47 30.59 3.32
CA PHE A 171 43.46 29.25 3.90
C PHE A 171 42.46 28.35 3.16
N TYR A 172 41.25 28.84 2.95
CA TYR A 172 40.24 27.99 2.32
C TYR A 172 40.63 27.61 0.91
N LYS A 173 41.25 28.54 0.17
CA LYS A 173 41.65 28.22 -1.20
C LYS A 173 42.77 27.18 -1.23
N LYS A 174 43.77 27.33 -0.36
CA LYS A 174 44.85 26.34 -0.35
C LYS A 174 44.35 24.98 0.09
N ARG A 175 43.49 24.94 1.11
CA ARG A 175 42.93 23.67 1.57
C ARG A 175 42.14 22.99 0.44
N MET A 176 41.45 23.77 -0.39
CA MET A 176 40.63 23.17 -1.45
C MET A 176 41.49 22.37 -2.42
N GLU A 177 42.72 22.83 -2.66
CA GLU A 177 43.59 22.13 -3.58
C GLU A 177 43.92 20.73 -3.07
N PHE A 178 44.19 20.61 -1.77
CA PHE A 178 44.36 19.30 -1.14
C PHE A 178 43.04 18.50 -1.14
N ILE A 179 41.92 19.14 -0.86
CA ILE A 179 40.65 18.42 -0.88
C ILE A 179 40.39 17.83 -2.27
N TYR A 180 40.59 18.64 -3.31
CA TYR A 180 40.36 18.14 -4.66
C TYR A 180 41.27 16.96 -4.98
N ASP A 181 42.55 17.03 -4.56
CA ASP A 181 43.49 15.96 -4.80
C ASP A 181 43.02 14.67 -4.14
N ARG A 182 42.53 14.76 -2.91
CA ARG A 182 42.20 13.55 -2.17
C ARG A 182 40.81 13.01 -2.53
N GLN A 183 39.91 13.87 -3.00
CA GLN A 183 38.67 13.36 -3.59
C GLN A 183 38.95 12.60 -4.87
N LYS A 184 39.90 13.09 -5.68
CA LYS A 184 40.21 12.42 -6.93
C LYS A 184 40.89 11.09 -6.68
N ARG A 185 41.79 11.00 -5.68
CA ARG A 185 42.42 9.73 -5.40
C ARG A 185 41.40 8.70 -4.91
N PHE A 186 40.41 9.13 -4.14
CA PHE A 186 39.36 8.19 -3.72
C PHE A 186 38.54 7.69 -4.91
N ILE A 187 38.14 8.59 -5.80
CA ILE A 187 37.25 8.17 -6.88
C ILE A 187 37.99 7.30 -7.88
N ASN A 188 39.29 7.53 -8.06
CA ASN A 188 40.11 6.63 -8.88
C ASN A 188 40.24 5.26 -8.24
N TYR A 189 40.46 5.22 -6.93
CA TYR A 189 40.44 3.94 -6.25
C TYR A 189 39.06 3.28 -6.34
N TYR A 190 38.00 4.07 -6.19
CA TYR A 190 36.66 3.51 -6.34
C TYR A 190 36.47 2.93 -7.75
N ALA A 191 36.93 3.65 -8.77
CA ALA A 191 36.70 3.18 -10.13
C ALA A 191 37.39 1.84 -10.36
N SER A 192 38.58 1.65 -9.79
CA SER A 192 39.26 0.37 -9.98
C SER A 192 38.55 -0.74 -9.20
N GLN A 193 38.05 -0.43 -8.01
CA GLN A 193 37.44 -1.48 -7.19
C GLN A 193 36.08 -1.92 -7.76
N ILE A 194 35.28 -0.97 -8.26
CA ILE A 194 33.96 -1.29 -8.78
C ILE A 194 34.04 -2.10 -10.06
N ASN A 195 35.21 -2.09 -10.71
CA ASN A 195 35.41 -2.83 -11.94
C ASN A 195 36.09 -4.17 -11.72
N LYS A 196 36.21 -4.63 -10.47
CA LYS A 196 36.60 -6.01 -10.22
C LYS A 196 35.46 -6.96 -10.62
N PRO A 197 35.76 -8.24 -10.86
CA PRO A 197 34.68 -9.18 -11.21
C PRO A 197 33.64 -9.34 -10.11
N THR A 198 34.06 -9.29 -8.85
CA THR A 198 33.15 -9.23 -7.72
C THR A 198 33.00 -7.76 -7.31
N VAL A 199 31.81 -7.20 -7.55
CA VAL A 199 31.54 -5.81 -7.22
C VAL A 199 31.48 -5.68 -5.70
N PRO A 200 32.37 -4.92 -5.08
CA PRO A 200 32.26 -4.66 -3.64
C PRO A 200 31.23 -3.57 -3.38
N THR A 201 30.80 -3.47 -2.13
CA THR A 201 29.92 -2.39 -1.75
C THR A 201 30.70 -1.09 -1.64
N ILE A 202 29.95 0.03 -1.71
CA ILE A 202 30.56 1.35 -1.53
C ILE A 202 31.29 1.41 -0.19
N ASP A 203 30.68 0.89 0.87
CA ASP A 203 31.34 0.94 2.17
C ASP A 203 32.55 0.00 2.25
N ASP A 204 32.53 -1.13 1.54
CA ASP A 204 33.75 -1.92 1.39
C ASP A 204 34.89 -1.06 0.83
N ILE A 205 34.60 -0.29 -0.22
CA ILE A 205 35.64 0.48 -0.89
C ILE A 205 36.14 1.61 0.00
N ILE A 206 35.23 2.34 0.64
CA ILE A 206 35.65 3.42 1.52
C ILE A 206 36.48 2.89 2.69
N LYS A 207 36.01 1.81 3.32
CA LYS A 207 36.72 1.20 4.44
C LYS A 207 38.16 0.89 4.04
N SER A 208 38.32 0.18 2.93
CA SER A 208 39.63 -0.21 2.44
C SER A 208 40.51 1.01 2.15
N HIS A 209 39.92 2.06 1.58
CA HIS A 209 40.69 3.27 1.29
C HIS A 209 41.06 4.03 2.55
N LEU A 210 40.14 4.12 3.53
CA LEU A 210 40.44 4.79 4.79
C LEU A 210 41.53 4.05 5.56
N VAL A 211 41.49 2.72 5.55
CA VAL A 211 42.47 1.92 6.29
C VAL A 211 43.85 2.10 5.68
N SER A 212 43.97 1.98 4.35
CA SER A 212 45.30 2.04 3.74
C SER A 212 45.83 3.48 3.64
N GLU A 213 44.97 4.45 3.34
CA GLU A 213 45.43 5.80 3.08
C GLU A 213 45.44 6.72 4.30
N TYR A 214 44.49 6.57 5.23
CA TYR A 214 44.31 7.50 6.34
C TYR A 214 44.52 6.84 7.71
N ASN A 215 45.07 5.61 7.72
CA ASN A 215 45.39 4.86 8.95
C ASN A 215 44.17 4.67 9.84
N ARG A 216 42.99 4.51 9.25
CA ARG A 216 41.83 4.15 10.06
C ARG A 216 41.89 2.68 10.45
N ASP A 217 41.42 2.39 11.65
CA ASP A 217 41.31 1.01 12.14
C ASP A 217 40.08 0.34 11.53
N GLU A 218 40.28 -0.83 10.90
CA GLU A 218 39.20 -1.50 10.16
C GLU A 218 38.04 -1.91 11.07
N THR A 219 38.35 -2.36 12.29
CA THR A 219 37.30 -2.87 13.16
C THR A 219 36.42 -1.74 13.70
N VAL A 220 36.97 -0.55 13.94
CA VAL A 220 36.12 0.56 14.39
C VAL A 220 35.21 1.03 13.26
N LEU A 221 35.72 1.08 12.02
CA LEU A 221 34.89 1.50 10.90
C LEU A 221 33.73 0.53 10.69
N GLU A 222 34.03 -0.77 10.72
CA GLU A 222 32.98 -1.78 10.63
C GLU A 222 31.99 -1.67 11.79
N SER A 223 32.48 -1.47 13.01
CA SER A 223 31.59 -1.35 14.16
C SER A 223 30.71 -0.10 14.05
N TYR A 224 31.24 0.98 13.47
CA TYR A 224 30.40 2.14 13.18
C TYR A 224 29.39 1.82 12.07
N ARG A 225 29.82 1.10 11.03
CA ARG A 225 28.94 0.80 9.91
C ARG A 225 27.76 -0.06 10.35
N THR A 226 28.03 -1.18 11.03
CA THR A 226 26.95 -2.01 11.55
C THR A 226 26.06 -1.24 12.51
N ASN A 227 26.66 -0.40 13.37
CA ASN A 227 25.84 0.40 14.28
C ASN A 227 24.87 1.32 13.53
N SER A 228 25.34 1.95 12.44
CA SER A 228 24.48 2.87 11.71
C SER A 228 23.32 2.12 11.09
N LEU A 229 23.58 0.93 10.56
CA LEU A 229 22.53 0.12 9.95
C LEU A 229 21.49 -0.29 10.97
N ARG A 230 21.93 -0.76 12.16
CA ARG A 230 20.97 -1.17 13.18
C ARG A 230 20.12 0.01 13.66
N LYS A 231 20.76 1.15 13.92
CA LYS A 231 19.99 2.30 14.41
C LYS A 231 18.97 2.79 13.38
N ILE A 232 19.34 2.84 12.10
CA ILE A 232 18.39 3.36 11.13
C ILE A 232 17.24 2.37 10.93
N ASN A 233 17.54 1.06 10.90
CA ASN A 233 16.51 0.04 10.76
C ASN A 233 15.48 0.13 11.88
N SER A 234 15.94 0.35 13.11
CA SER A 234 15.02 0.50 14.25
C SER A 234 14.25 1.81 14.25
N ASN A 235 14.45 2.67 13.24
CA ASN A 235 13.94 4.03 13.24
C ASN A 235 13.35 4.37 11.87
N HIS A 236 12.46 3.51 11.37
CA HIS A 236 11.71 3.71 10.13
C HIS A 236 12.58 3.62 8.88
N GLY A 237 13.80 3.11 9.00
CA GLY A 237 14.72 3.13 7.87
C GLY A 237 14.23 2.25 6.73
N ILE A 238 14.33 2.78 5.51
CA ILE A 238 14.07 2.02 4.29
C ILE A 238 15.18 2.34 3.31
N ASP A 239 15.74 1.29 2.68
CA ASP A 239 16.96 1.42 1.89
C ASP A 239 16.66 1.89 0.47
N ILE A 240 17.34 2.95 0.01
CA ILE A 240 17.04 3.42 -1.33
C ILE A 240 17.48 2.42 -2.38
N ARG A 241 18.49 1.60 -2.08
CA ARG A 241 19.02 0.70 -3.11
C ARG A 241 18.11 -0.50 -3.35
N ALA A 242 17.50 -1.05 -2.29
CA ALA A 242 16.86 -2.36 -2.37
C ALA A 242 15.38 -2.25 -2.69
N ASN A 243 14.82 -1.05 -2.55
CA ASN A 243 13.41 -0.79 -2.75
C ASN A 243 13.11 -0.19 -4.11
N SER A 244 14.03 -0.33 -5.07
CA SER A 244 13.80 0.06 -6.46
C SER A 244 13.37 1.52 -6.60
N LEU A 245 13.92 2.39 -5.73
CA LEU A 245 13.66 3.82 -5.85
C LEU A 245 14.21 4.39 -7.15
N PHE A 246 15.41 3.98 -7.54
CA PHE A 246 16.04 4.42 -8.78
C PHE A 246 15.65 3.46 -9.90
N THR A 247 15.02 3.99 -10.96
CA THR A 247 14.75 3.21 -12.17
C THR A 247 15.48 3.72 -13.40
N GLU A 248 16.12 4.88 -13.34
CA GLU A 248 16.90 5.40 -14.45
C GLU A 248 18.37 5.47 -14.04
N GLN A 249 19.24 4.89 -14.87
CA GLN A 249 20.68 4.93 -14.61
C GLN A 249 21.19 6.36 -14.52
N GLU A 250 20.67 7.24 -15.37
CA GLU A 250 21.08 8.64 -15.38
C GLU A 250 20.86 9.31 -14.01
N LEU A 251 19.71 9.06 -13.38
CA LEU A 251 19.44 9.66 -12.07
C LEU A 251 20.30 9.04 -10.97
N LEU A 252 20.52 7.72 -11.05
CA LEU A 252 21.40 7.07 -10.09
C LEU A 252 22.82 7.60 -10.21
N ASN A 253 23.26 7.88 -11.44
CA ASN A 253 24.60 8.41 -11.65
C ASN A 253 24.73 9.80 -11.07
N ILE A 254 23.68 10.64 -11.22
CA ILE A 254 23.69 11.97 -10.59
C ILE A 254 23.75 11.85 -9.08
N TYR A 255 22.87 11.01 -8.50
CA TYR A 255 22.95 10.76 -7.07
C TYR A 255 24.36 10.33 -6.66
N SER A 256 24.98 9.47 -7.47
CA SER A 256 26.26 8.85 -7.14
C SER A 256 27.42 9.82 -7.27
N GLN A 257 27.35 10.73 -8.25
CA GLN A 257 28.43 11.70 -8.38
C GLN A 257 28.42 12.67 -7.21
N GLU A 258 27.23 12.97 -6.65
CA GLU A 258 27.17 13.76 -5.44
C GLU A 258 27.57 12.95 -4.21
N LEU A 259 27.08 11.72 -4.10
CA LEU A 259 27.42 10.89 -2.95
C LEU A 259 28.91 10.59 -2.89
N LEU A 260 29.51 10.22 -4.03
CA LEU A 260 30.84 9.63 -4.06
C LEU A 260 31.93 10.59 -4.50
N ASN A 261 31.74 11.34 -5.60
CA ASN A 261 32.80 12.24 -6.06
C ASN A 261 32.91 13.46 -5.16
N ARG A 262 31.78 14.02 -4.71
CA ARG A 262 31.79 15.33 -4.07
C ARG A 262 31.52 15.29 -2.58
N GLY A 263 31.00 14.19 -2.06
CA GLY A 263 30.61 14.15 -0.66
C GLY A 263 29.52 15.12 -0.28
N ASN A 264 28.67 15.50 -1.24
CA ASN A 264 27.56 16.42 -0.98
C ASN A 264 26.29 15.61 -0.70
N LEU A 265 26.05 15.31 0.57
CA LEU A 265 24.88 14.51 0.94
C LEU A 265 23.57 15.29 0.82
N ALA A 266 23.61 16.61 0.92
CA ALA A 266 22.39 17.38 0.66
C ALA A 266 21.97 17.27 -0.80
N ALA A 267 22.93 17.34 -1.72
CA ALA A 267 22.60 17.17 -3.14
C ALA A 267 22.06 15.77 -3.41
N ALA A 268 22.70 14.75 -2.82
CA ALA A 268 22.22 13.38 -2.99
C ALA A 268 20.81 13.24 -2.45
N SER A 269 20.53 13.87 -1.31
CA SER A 269 19.19 13.88 -0.73
C SER A 269 18.19 14.65 -1.60
N ASP A 270 18.66 15.68 -2.34
CA ASP A 270 17.82 16.36 -3.32
C ASP A 270 17.27 15.39 -4.35
N ILE A 271 18.11 14.45 -4.80
CA ILE A 271 17.61 13.46 -5.76
C ILE A 271 16.64 12.50 -5.10
N VAL A 272 17.01 11.97 -3.91
CA VAL A 272 16.23 10.92 -3.29
C VAL A 272 14.81 11.38 -2.99
N ARG A 273 14.66 12.62 -2.52
CA ARG A 273 13.33 13.09 -2.12
C ARG A 273 12.38 13.15 -3.30
N LEU A 274 12.88 13.53 -4.49
CA LEU A 274 12.04 13.59 -5.68
C LEU A 274 11.57 12.20 -6.08
N LEU A 275 12.46 11.21 -5.99
CA LEU A 275 12.08 9.84 -6.34
C LEU A 275 11.13 9.25 -5.33
N ALA A 276 11.29 9.60 -4.04
CA ALA A 276 10.37 9.11 -3.01
C ALA A 276 8.96 9.64 -3.25
N LEU A 277 8.82 10.93 -3.59
CA LEU A 277 7.50 11.47 -3.86
C LEU A 277 6.93 10.90 -5.15
N LYS A 278 7.79 10.75 -6.16
CA LYS A 278 7.32 10.21 -7.44
C LYS A 278 6.77 8.82 -7.27
N ASN A 279 7.40 7.99 -6.44
CA ASN A 279 7.04 6.60 -6.36
C ASN A 279 5.95 6.31 -5.34
N PHE A 280 5.80 7.16 -4.34
CA PHE A 280 4.95 6.89 -3.19
C PHE A 280 3.96 8.03 -2.94
N GLY A 281 4.35 9.26 -3.27
CA GLY A 281 3.54 10.41 -2.91
C GLY A 281 3.63 10.75 -1.43
N GLY A 282 3.15 11.93 -1.07
CA GLY A 282 3.07 12.31 0.33
C GLY A 282 3.80 13.60 0.61
N VAL A 283 4.43 13.68 1.77
CA VAL A 283 5.13 14.87 2.25
C VAL A 283 6.60 14.56 2.42
N TYR A 284 7.46 15.39 1.85
CA TYR A 284 8.89 15.32 2.16
C TYR A 284 9.25 16.43 3.14
N LEU A 285 10.04 16.09 4.14
CA LEU A 285 10.55 17.05 5.12
C LEU A 285 12.03 16.81 5.37
N ASP A 286 12.83 17.88 5.35
CA ASP A 286 14.17 17.80 5.92
C ASP A 286 14.08 17.49 7.41
N VAL A 287 15.08 16.77 7.93
CA VAL A 287 15.03 16.36 9.33
C VAL A 287 15.17 17.51 10.32
N ASP A 288 15.42 18.73 9.87
CA ASP A 288 15.42 19.88 10.77
C ASP A 288 14.12 20.66 10.73
N MET A 289 13.07 20.11 10.11
CA MET A 289 11.77 20.78 10.14
C MET A 289 10.95 20.27 11.33
N LEU A 290 9.98 21.10 11.75
CA LEU A 290 9.10 20.82 12.87
C LEU A 290 7.65 21.12 12.53
N PRO A 291 6.70 20.43 13.16
CA PRO A 291 5.28 20.70 12.88
C PRO A 291 4.98 22.17 13.16
N GLY A 292 4.02 22.70 12.41
CA GLY A 292 3.60 24.08 12.62
C GLY A 292 2.96 24.26 13.99
N ILE A 293 3.06 25.48 14.50
CA ILE A 293 2.53 25.79 15.83
C ILE A 293 1.06 26.12 15.69
N HIS A 294 0.26 25.58 16.61
CA HIS A 294 -1.18 25.84 16.63
C HIS A 294 -1.46 27.31 16.48
N SER A 295 -2.27 27.64 15.48
CA SER A 295 -2.58 29.03 15.18
C SER A 295 -3.38 29.67 16.32
N ASP A 296 -3.31 31.01 16.38
CA ASP A 296 -3.97 31.86 17.36
C ASP A 296 -3.31 31.81 18.73
N LEU A 297 -2.38 30.88 18.91
CA LEU A 297 -1.83 30.63 20.25
C LEU A 297 -1.10 31.85 20.80
N PHE A 298 -0.30 32.50 19.97
CA PHE A 298 0.59 33.55 20.43
C PHE A 298 0.16 34.92 19.90
N LYS A 299 -1.14 35.15 19.91
CA LYS A 299 -1.75 36.48 19.95
C LYS A 299 -2.06 36.91 21.38
N THR A 300 -2.51 35.96 22.22
CA THR A 300 -2.75 36.28 23.64
C THR A 300 -1.45 36.60 24.36
N ILE A 301 -0.35 35.95 23.98
CA ILE A 301 0.99 36.42 24.32
C ILE A 301 1.39 37.33 23.16
N SER A 302 1.13 38.63 23.32
CA SER A 302 1.54 39.57 22.30
C SER A 302 3.06 39.68 22.26
N ARG A 303 3.58 40.09 21.11
CA ARG A 303 5.02 40.00 20.91
C ARG A 303 5.64 41.39 20.88
N PRO A 304 6.74 41.59 21.61
CA PRO A 304 7.36 42.93 21.68
C PRO A 304 7.79 43.46 20.31
N SER A 305 7.84 44.78 20.21
CA SER A 305 8.32 45.45 19.01
C SER A 305 9.83 45.35 18.85
N SER A 306 10.56 44.93 19.88
CA SER A 306 12.00 44.77 19.80
C SER A 306 12.42 43.44 19.17
N ILE A 307 11.49 42.49 19.04
CA ILE A 307 11.78 41.15 18.53
C ILE A 307 11.16 41.03 17.15
N GLY A 308 11.99 40.72 16.15
CA GLY A 308 11.52 40.64 14.78
C GLY A 308 10.62 39.44 14.53
N LEU A 309 10.05 39.41 13.32
CA LEU A 309 9.11 38.34 12.96
C LEU A 309 9.81 36.99 12.92
N ASP A 310 10.92 36.88 12.18
CA ASP A 310 11.65 35.62 12.12
C ASP A 310 12.10 35.21 13.52
N ARG A 311 12.67 36.15 14.27
CA ARG A 311 13.11 35.85 15.63
C ARG A 311 11.96 35.40 16.50
N TRP A 312 10.84 36.14 16.46
CA TRP A 312 9.69 35.77 17.28
C TRP A 312 9.20 34.37 16.96
N GLU A 313 9.27 33.96 15.69
CA GLU A 313 8.97 32.57 15.36
C GLU A 313 9.94 31.63 16.08
N MET A 314 11.23 31.96 16.08
CA MET A 314 12.21 31.17 16.81
C MET A 314 11.90 31.19 18.31
N ILE A 315 11.59 32.37 18.86
CA ILE A 315 11.36 32.46 20.30
C ILE A 315 10.17 31.60 20.70
N LYS A 316 9.10 31.63 19.88
CA LYS A 316 7.96 30.74 20.10
C LYS A 316 8.44 29.32 20.36
N LEU A 317 9.26 28.78 19.43
CA LEU A 317 9.67 27.38 19.55
C LEU A 317 10.49 27.16 20.82
N GLU A 318 11.35 28.13 21.18
CA GLU A 318 12.17 27.97 22.37
C GLU A 318 11.32 27.90 23.64
N ALA A 319 10.19 28.63 23.66
CA ALA A 319 9.29 28.57 24.81
C ALA A 319 8.74 27.15 25.02
N ILE A 320 8.23 26.50 23.96
CA ILE A 320 7.64 25.17 24.16
C ILE A 320 8.69 24.20 24.71
N MET A 321 9.89 24.21 24.13
CA MET A 321 10.89 23.24 24.53
C MET A 321 11.34 23.46 25.97
N LYS A 322 11.26 24.71 26.44
CA LYS A 322 11.72 25.03 27.79
C LYS A 322 10.96 24.22 28.83
N TYR A 323 9.63 24.18 28.72
CA TYR A 323 8.78 23.57 29.72
C TYR A 323 8.35 22.15 29.37
N LYS A 324 8.13 21.84 28.09
CA LYS A 324 7.72 20.50 27.71
C LYS A 324 8.89 19.55 27.49
N LYS A 325 10.03 20.07 27.01
CA LYS A 325 11.25 19.28 26.83
C LYS A 325 11.05 18.11 25.87
N TYR A 326 10.25 18.33 24.81
CA TYR A 326 10.02 17.28 23.82
C TYR A 326 11.32 16.90 23.14
N ILE A 327 12.10 17.90 22.74
CA ILE A 327 13.46 17.75 22.24
C ILE A 327 14.39 18.19 23.36
N ASN A 328 15.34 17.33 23.72
CA ASN A 328 16.22 17.64 24.84
C ASN A 328 17.23 18.72 24.46
N ASN A 329 17.62 19.51 25.45
CA ASN A 329 18.67 20.52 25.31
C ASN A 329 18.42 21.46 24.14
N TYR A 330 17.14 21.75 23.87
CA TYR A 330 16.83 22.74 22.86
C TYR A 330 17.29 24.11 23.34
N THR A 331 17.79 24.92 22.41
CA THR A 331 18.30 26.23 22.77
C THR A 331 17.20 27.07 23.41
N SER A 332 17.60 27.86 24.40
CA SER A 332 16.73 28.88 24.99
C SER A 332 17.39 30.26 24.92
N GLU A 333 18.42 30.40 24.08
CA GLU A 333 19.24 31.61 24.06
C GLU A 333 18.43 32.85 23.69
N ASN A 334 17.59 32.74 22.65
CA ASN A 334 16.81 33.91 22.24
C ASN A 334 15.67 34.17 23.20
N PHE A 335 15.06 33.11 23.72
CA PHE A 335 13.96 33.25 24.66
C PHE A 335 14.39 34.00 25.91
N ASP A 336 15.38 33.45 26.62
CA ASP A 336 15.87 33.94 27.91
C ASP A 336 16.02 35.45 27.97
N LYS A 337 16.42 36.07 26.86
CA LYS A 337 16.69 37.51 26.86
C LYS A 337 15.43 38.35 26.89
N LEU A 338 14.65 38.29 27.98
CA LEU A 338 13.55 39.24 28.22
C LEU A 338 12.79 39.02 29.52
N ASP A 339 11.84 39.91 29.75
CA ASP A 339 10.89 39.99 30.86
C ASP A 339 10.42 38.63 31.39
N GLN A 340 10.49 38.44 32.72
CA GLN A 340 10.05 37.20 33.36
C GLN A 340 8.53 37.05 33.39
N GLN A 341 7.78 38.16 33.35
CA GLN A 341 6.33 38.04 33.19
C GLN A 341 6.00 37.32 31.89
N LEU A 342 6.72 37.63 30.82
CA LEU A 342 6.57 36.90 29.56
C LEU A 342 6.89 35.43 29.74
N LYS A 343 8.01 35.13 30.40
CA LYS A 343 8.40 33.73 30.62
C LYS A 343 7.36 33.00 31.46
N ASP A 344 6.86 33.65 32.51
CA ASP A 344 5.82 33.04 33.35
C ASP A 344 4.52 32.86 32.58
N ASN A 345 4.15 33.85 31.75
CA ASN A 345 2.94 33.74 30.93
C ASN A 345 3.06 32.61 29.93
N PHE A 346 4.21 32.52 29.25
CA PHE A 346 4.51 31.36 28.41
C PHE A 346 4.43 30.08 29.22
N LYS A 347 5.00 30.09 30.43
CA LYS A 347 5.12 28.88 31.24
C LYS A 347 3.77 28.30 31.62
N LEU A 348 2.77 29.15 31.85
CA LEU A 348 1.45 28.67 32.24
C LEU A 348 0.71 28.08 31.06
N ILE A 349 0.83 28.69 29.88
CA ILE A 349 0.11 28.21 28.70
C ILE A 349 0.55 26.79 28.35
N ILE A 350 1.87 26.57 28.28
CA ILE A 350 2.40 25.26 27.90
C ILE A 350 2.02 24.21 28.94
N GLU A 351 2.22 24.53 30.22
CA GLU A 351 1.91 23.58 31.29
C GLU A 351 0.41 23.32 31.42
N SER A 352 -0.43 24.24 30.93
CA SER A 352 -1.87 24.06 31.03
C SER A 352 -2.40 22.92 30.15
N LYS A 353 -1.60 22.42 29.21
CA LYS A 353 -2.10 21.48 28.22
C LYS A 353 -1.33 20.17 28.21
N LYS A 356 0.11 18.00 23.51
CA LYS A 356 0.91 18.39 22.34
C LYS A 356 0.01 18.92 21.23
N SER A 357 -1.14 18.27 21.05
CA SER A 357 -2.02 18.63 19.94
C SER A 357 -2.54 20.05 20.05
N GLU A 358 -2.61 20.61 21.28
CA GLU A 358 -2.90 22.03 21.44
C GLU A 358 -1.66 22.89 21.24
N ILE A 359 -0.47 22.28 21.26
CA ILE A 359 0.74 23.01 20.91
C ILE A 359 0.98 22.99 19.40
N PHE A 360 0.95 21.81 18.80
CA PHE A 360 1.33 21.62 17.41
C PHE A 360 0.13 21.29 16.52
N SER A 361 0.14 21.85 15.31
CA SER A 361 -0.89 21.59 14.31
C SER A 361 -0.71 20.20 13.69
N LYS A 362 -1.84 19.53 13.49
CA LYS A 362 -1.86 18.24 12.80
C LYS A 362 -1.97 18.46 11.29
N LEU A 363 -1.33 17.59 10.51
CA LEU A 363 -1.37 17.76 9.06
C LEU A 363 -2.77 17.48 8.51
N GLU A 364 -3.41 16.41 8.96
CA GLU A 364 -4.74 16.02 8.47
C GLU A 364 -4.72 15.90 6.96
N ASN A 365 -5.83 16.28 6.30
CA ASN A 365 -5.91 16.20 4.85
C ASN A 365 -5.15 17.38 4.24
N LEU A 366 -4.16 17.07 3.39
CA LEU A 366 -3.42 18.07 2.63
C LEU A 366 -3.88 17.93 1.17
N ASN A 367 -4.79 18.81 0.76
CA ASN A 367 -5.46 18.68 -0.53
C ASN A 367 -4.59 19.23 -1.64
N VAL A 368 -4.27 18.40 -2.64
CA VAL A 368 -3.44 18.81 -3.76
C VAL A 368 -4.03 18.27 -5.06
N SER A 369 -3.73 18.95 -6.16
CA SER A 369 -3.99 18.39 -7.47
C SER A 369 -3.01 17.26 -7.75
N ASP A 370 -3.47 16.24 -8.49
CA ASP A 370 -2.48 15.23 -8.88
C ASP A 370 -1.53 15.73 -9.97
N LEU A 371 -1.67 16.98 -10.44
CA LEU A 371 -0.68 17.54 -11.36
C LEU A 371 0.49 18.21 -10.65
N GLU A 372 0.35 18.59 -9.39
CA GLU A 372 1.24 19.61 -8.82
C GLU A 372 2.24 19.02 -7.81
N ILE A 373 3.17 19.89 -7.40
CA ILE A 373 3.96 19.70 -6.19
C ILE A 373 3.92 21.02 -5.43
N LYS A 374 3.72 20.95 -4.13
CA LYS A 374 3.78 22.13 -3.29
C LYS A 374 5.14 22.18 -2.59
N ILE A 375 5.57 23.38 -2.20
CA ILE A 375 6.92 23.59 -1.71
C ILE A 375 6.92 24.72 -0.68
N ALA A 376 7.80 24.59 0.31
CA ALA A 376 8.00 25.65 1.29
C ALA A 376 8.57 26.91 0.62
N PHE A 377 8.26 28.06 1.20
CA PHE A 377 8.77 29.35 0.73
C PHE A 377 9.66 29.94 1.80
N ALA A 378 10.65 30.71 1.37
CA ALA A 378 11.51 31.44 2.30
C ALA A 378 12.02 32.67 1.60
N LEU A 379 11.70 33.84 2.16
CA LEU A 379 12.09 35.13 1.58
C LEU A 379 11.50 35.30 0.18
N GLY A 380 10.25 34.85 0.02
CA GLY A 380 9.53 34.96 -1.24
C GLY A 380 9.90 33.95 -2.29
N SER A 381 10.93 33.13 -2.07
CA SER A 381 11.42 32.15 -3.03
C SER A 381 11.26 30.72 -2.49
N VAL A 382 10.98 29.80 -3.40
CA VAL A 382 10.77 28.41 -3.02
C VAL A 382 12.02 27.84 -2.34
N ILE A 383 11.80 26.95 -1.39
CA ILE A 383 12.89 26.21 -0.75
C ILE A 383 12.39 24.79 -0.52
N ASN A 384 13.17 23.79 -0.99
CA ASN A 384 12.72 22.41 -1.09
C ASN A 384 13.01 21.60 0.17
N GLN A 385 13.04 22.26 1.33
CA GLN A 385 13.15 21.55 2.60
C GLN A 385 11.82 20.98 3.08
N ALA A 386 10.72 21.26 2.37
CA ALA A 386 9.42 20.67 2.65
C ALA A 386 8.62 20.67 1.36
N LEU A 387 8.01 19.53 1.03
CA LEU A 387 7.34 19.29 -0.25
C LEU A 387 6.09 18.44 -0.05
N ILE A 388 5.07 18.67 -0.90
CA ILE A 388 3.86 17.83 -0.95
C ILE A 388 3.57 17.47 -2.39
N SER A 389 3.40 16.17 -2.64
CA SER A 389 3.01 15.70 -3.98
C SER A 389 2.40 14.31 -3.90
N LYS A 390 1.33 14.10 -4.68
CA LYS A 390 0.82 12.76 -4.94
C LYS A 390 1.81 11.95 -5.75
N GLN A 391 1.66 10.63 -5.68
CA GLN A 391 2.52 9.73 -6.45
C GLN A 391 2.40 10.04 -7.93
N GLY A 392 3.53 10.13 -8.62
CA GLY A 392 3.52 10.25 -10.07
C GLY A 392 3.02 11.55 -10.62
N SER A 393 3.06 12.63 -9.85
CA SER A 393 2.51 13.88 -10.35
C SER A 393 3.33 14.43 -11.52
N TYR A 394 2.62 15.12 -12.42
CA TYR A 394 3.26 15.72 -13.59
C TYR A 394 4.36 16.71 -13.18
N LEU A 395 4.12 17.52 -12.14
CA LEU A 395 5.07 18.55 -11.79
C LEU A 395 6.33 17.95 -11.15
N THR A 396 6.17 16.90 -10.33
CA THR A 396 7.35 16.20 -9.81
C THR A 396 8.22 15.66 -10.94
N ASN A 397 7.59 15.15 -12.01
CA ASN A 397 8.36 14.66 -13.15
C ASN A 397 9.05 15.81 -13.89
N LEU A 398 8.40 16.98 -13.96
CA LEU A 398 9.06 18.14 -14.52
C LEU A 398 10.28 18.57 -13.69
N VAL A 399 10.20 18.50 -12.35
CA VAL A 399 11.39 18.84 -11.54
C VAL A 399 12.51 17.85 -11.83
N ILE A 400 12.17 16.56 -11.92
CA ILE A 400 13.17 15.54 -12.21
C ILE A 400 13.82 15.78 -13.57
N GLU A 401 13.02 16.17 -14.58
CA GLU A 401 13.57 16.49 -15.88
C GLU A 401 14.46 17.74 -15.82
N GLN A 402 14.05 18.76 -15.05
CA GLN A 402 14.92 19.91 -14.82
C GLN A 402 16.27 19.48 -14.26
N VAL A 403 16.26 18.57 -13.27
CA VAL A 403 17.51 18.20 -12.62
C VAL A 403 18.44 17.49 -13.62
N LYS A 404 17.88 16.54 -14.39
CA LYS A 404 18.66 15.82 -15.40
C LYS A 404 19.20 16.77 -16.48
N ASN A 405 18.36 17.71 -16.92
CA ASN A 405 18.83 18.69 -17.90
C ASN A 405 19.99 19.51 -17.34
N ARG A 406 19.87 19.97 -16.09
CA ARG A 406 20.92 20.79 -15.50
C ARG A 406 22.21 19.98 -15.36
N TYR A 407 22.10 18.72 -14.93
CA TYR A 407 23.29 17.89 -14.77
C TYR A 407 23.90 17.51 -16.11
N GLN A 408 23.07 17.39 -17.15
CA GLN A 408 23.60 17.15 -18.48
C GLN A 408 24.53 18.27 -18.89
N PHE A 409 24.08 19.52 -18.69
CA PHE A 409 24.93 20.64 -19.04
C PHE A 409 26.15 20.71 -18.14
N LEU A 410 25.96 20.54 -16.83
CA LEU A 410 27.12 20.55 -15.92
C LEU A 410 28.15 19.50 -16.31
N ASN A 411 27.71 18.25 -16.49
CA ASN A 411 28.67 17.18 -16.73
C ASN A 411 29.33 17.31 -18.10
N GLN A 412 28.62 17.84 -19.10
CA GLN A 412 29.25 18.10 -20.39
C GLN A 412 30.49 18.98 -20.24
N HIS A 413 30.37 20.03 -19.42
CA HIS A 413 31.45 20.98 -19.22
C HIS A 413 32.42 20.60 -18.11
N LEU A 414 32.01 19.73 -17.18
CA LEU A 414 32.86 19.42 -16.05
C LEU A 414 33.73 18.20 -16.30
N ASN A 415 33.21 17.20 -17.01
CA ASN A 415 33.97 15.96 -17.18
C ASN A 415 35.28 16.17 -17.92
N PRO A 416 35.37 16.95 -19.00
CA PRO A 416 36.71 17.15 -19.60
C PRO A 416 37.70 17.77 -18.63
N ALA A 417 37.25 18.75 -17.84
CA ALA A 417 38.14 19.36 -16.86
C ALA A 417 38.59 18.35 -15.81
N ILE A 418 37.63 17.57 -15.30
CA ILE A 418 37.88 16.70 -14.15
C ILE A 418 38.73 15.51 -14.56
N GLU A 419 38.61 15.04 -15.80
CA GLU A 419 39.40 13.89 -16.23
C GLU A 419 40.79 14.27 -16.74
N SER A 420 41.08 15.55 -16.91
CA SER A 420 42.43 15.96 -17.29
C SER A 420 43.40 15.75 -16.13
N ASP A 421 44.66 15.50 -16.49
CA ASP A 421 45.73 15.28 -15.51
C ASP A 421 46.17 16.64 -15.01
N ASN A 422 45.40 17.20 -14.07
CA ASN A 422 45.63 18.57 -13.61
C ASN A 422 45.25 18.71 -12.14
N ASN A 423 45.95 19.62 -11.45
CA ASN A 423 45.62 19.95 -10.08
C ASN A 423 44.30 20.73 -10.03
N PHE A 424 43.90 21.14 -8.81
CA PHE A 424 42.60 21.81 -8.65
C PHE A 424 42.56 23.16 -9.37
N THR A 425 43.66 23.92 -9.28
CA THR A 425 43.64 25.27 -9.85
C THR A 425 43.51 25.22 -11.37
N ASP A 426 44.24 24.32 -12.03
CA ASP A 426 44.18 24.23 -13.48
C ASP A 426 42.90 23.51 -13.93
N THR A 427 42.44 22.52 -13.17
CA THR A 427 41.16 21.91 -13.48
C THR A 427 40.04 22.95 -13.42
N THR A 428 40.06 23.80 -12.39
CA THR A 428 39.05 24.85 -12.24
C THR A 428 39.01 25.78 -13.45
N LYS A 429 40.20 26.17 -13.93
CA LYS A 429 40.29 27.10 -15.06
C LYS A 429 39.73 26.47 -16.34
N ILE A 430 40.03 25.18 -16.58
CA ILE A 430 39.45 24.51 -17.74
C ILE A 430 37.92 24.48 -17.66
N PHE A 431 37.38 24.08 -16.50
CA PHE A 431 35.92 24.09 -16.30
C PHE A 431 35.36 25.48 -16.51
N HIS A 432 35.97 26.48 -15.84
CA HIS A 432 35.51 27.87 -15.92
C HIS A 432 35.59 28.39 -17.35
N ASP A 433 36.70 28.13 -18.04
CA ASP A 433 36.83 28.59 -19.42
C ASP A 433 35.86 27.84 -20.33
N SER A 434 35.68 26.53 -20.11
CA SER A 434 34.67 25.76 -20.83
C SER A 434 33.30 26.41 -20.72
N LEU A 435 32.99 26.99 -19.55
CA LEU A 435 31.69 27.60 -19.31
C LEU A 435 31.55 28.95 -20.00
N PHE A 436 32.60 29.78 -19.93
CA PHE A 436 32.49 31.18 -20.28
C PHE A 436 33.13 31.57 -21.60
N ASN A 437 34.21 30.89 -22.04
CA ASN A 437 34.97 31.38 -23.19
C ASN A 437 34.16 31.32 -24.48
N SER A 438 33.17 30.43 -24.57
CA SER A 438 32.36 30.32 -25.77
C SER A 438 30.87 30.36 -25.48
N ALA A 439 30.46 30.94 -24.35
CA ALA A 439 29.05 30.87 -24.00
C ALA A 439 28.24 31.96 -24.70
N THR A 440 26.92 31.74 -24.73
CA THR A 440 25.91 32.67 -25.20
C THR A 440 25.35 33.44 -24.01
N ALA A 441 24.71 34.56 -24.31
CA ALA A 441 24.10 35.35 -23.23
C ALA A 441 22.84 34.69 -22.68
N GLU A 442 22.10 33.93 -23.50
CA GLU A 442 20.92 33.25 -22.98
C GLU A 442 21.34 32.20 -21.96
N ASN A 443 20.73 32.25 -20.77
CA ASN A 443 21.01 31.34 -19.67
C ASN A 443 22.40 31.57 -19.09
N SER A 444 23.02 32.69 -19.46
CA SER A 444 24.24 33.18 -18.84
C SER A 444 24.25 33.06 -17.31
N MET A 445 23.14 33.43 -16.66
CA MET A 445 23.15 33.46 -15.19
C MET A 445 23.37 32.08 -14.59
N PHE A 446 22.96 31.02 -15.29
CA PHE A 446 23.12 29.66 -14.80
C PHE A 446 24.59 29.26 -14.74
N LEU A 447 25.38 29.70 -15.74
CA LEU A 447 26.82 29.40 -15.77
C LEU A 447 27.55 29.97 -14.57
N THR A 448 27.21 31.19 -14.18
CA THR A 448 27.84 31.80 -13.00
C THR A 448 27.54 30.98 -11.75
N LYS A 449 26.31 30.48 -11.62
CA LYS A 449 25.93 29.80 -10.40
C LYS A 449 26.58 28.42 -10.29
N ILE A 450 26.84 27.77 -11.43
CA ILE A 450 27.46 26.44 -11.33
C ILE A 450 28.98 26.48 -11.42
N ALA A 451 29.58 27.62 -11.79
CA ALA A 451 31.04 27.71 -11.90
C ALA A 451 31.80 27.27 -10.64
N PRO A 452 31.34 27.56 -9.39
CA PRO A 452 32.07 27.09 -8.21
C PRO A 452 31.71 25.68 -7.74
N TYR A 453 31.14 24.87 -8.64
CA TYR A 453 30.59 23.55 -8.27
C TYR A 453 31.57 22.69 -7.46
N LEU A 454 32.82 22.62 -7.90
CA LEU A 454 33.80 21.77 -7.22
C LEU A 454 34.07 22.21 -5.78
N GLN A 455 33.81 23.49 -5.47
CA GLN A 455 34.04 24.08 -4.15
C GLN A 455 32.88 23.87 -3.19
N VAL A 456 31.73 23.42 -3.69
CA VAL A 456 30.55 23.30 -2.85
C VAL A 456 30.84 22.37 -1.67
N GLY A 457 30.52 22.85 -0.47
CA GLY A 457 30.71 22.10 0.74
C GLY A 457 32.02 22.40 1.47
N PHE A 458 32.98 23.06 0.79
CA PHE A 458 34.35 23.17 1.29
C PHE A 458 34.88 24.59 1.31
N MET A 459 34.18 25.54 0.69
CA MET A 459 34.52 26.95 0.69
C MET A 459 33.26 27.78 0.96
N PRO A 460 33.40 28.96 1.55
CA PRO A 460 32.22 29.79 1.81
C PRO A 460 31.57 30.27 0.52
N GLU A 461 30.23 30.41 0.57
CA GLU A 461 29.47 31.02 -0.52
C GLU A 461 29.55 30.22 -1.82
N ALA A 462 29.76 28.90 -1.76
CA ALA A 462 29.67 28.05 -2.96
C ALA A 462 28.31 27.34 -2.90
N ARG A 463 27.38 27.75 -3.77
CA ARG A 463 25.98 27.38 -3.61
C ARG A 463 25.39 26.78 -4.89
N SER A 464 26.23 26.14 -5.72
CA SER A 464 25.77 25.65 -7.02
C SER A 464 24.63 24.64 -6.90
N THR A 465 24.56 23.93 -5.77
CA THR A 465 23.53 22.92 -5.55
C THR A 465 22.12 23.51 -5.70
N ILE A 466 21.95 24.77 -5.32
CA ILE A 466 20.66 25.45 -5.44
C ILE A 466 20.17 25.45 -6.89
N SER A 467 21.10 25.62 -7.84
CA SER A 467 20.76 25.74 -9.26
C SER A 467 20.74 24.41 -9.99
N LEU A 468 21.17 23.33 -9.35
CA LEU A 468 21.28 22.04 -10.00
C LEU A 468 20.18 21.09 -9.57
N SER A 469 20.10 20.78 -8.27
CA SER A 469 19.17 19.82 -7.73
C SER A 469 18.20 20.45 -6.74
N GLY A 470 18.35 21.74 -6.44
CA GLY A 470 17.62 22.39 -5.39
C GLY A 470 16.58 23.38 -5.91
N PRO A 471 16.33 24.46 -5.15
CA PRO A 471 15.17 25.32 -5.43
C PRO A 471 15.11 25.85 -6.86
N GLY A 472 16.26 26.09 -7.50
CA GLY A 472 16.27 26.59 -8.86
C GLY A 472 15.67 25.64 -9.85
N ALA A 473 15.86 24.33 -9.65
CA ALA A 473 15.19 23.35 -10.50
C ALA A 473 13.68 23.41 -10.32
N TYR A 474 13.22 23.66 -9.10
CA TYR A 474 11.78 23.70 -8.86
C TYR A 474 11.15 24.94 -9.50
N ALA A 475 11.79 26.10 -9.36
CA ALA A 475 11.25 27.34 -9.91
C ALA A 475 11.14 27.26 -11.42
N SER A 476 12.10 26.61 -12.08
CA SER A 476 11.99 26.47 -13.53
C SER A 476 10.93 25.45 -13.91
N ALA A 477 10.77 24.39 -13.10
CA ALA A 477 9.70 23.43 -13.34
C ALA A 477 8.33 24.08 -13.24
N TYR A 478 8.14 24.95 -12.25
CA TYR A 478 6.89 25.69 -12.12
C TYR A 478 6.66 26.57 -13.34
N TYR A 479 7.71 27.24 -13.81
CA TYR A 479 7.59 28.00 -15.05
C TYR A 479 7.23 27.08 -16.22
N ASP A 480 7.85 25.90 -16.28
CA ASP A 480 7.48 24.88 -17.28
C ASP A 480 5.98 24.62 -17.22
N PHE A 481 5.48 24.36 -16.01
CA PHE A 481 4.10 23.91 -15.84
C PHE A 481 3.10 25.00 -16.18
N ILE A 482 3.32 26.21 -15.65
CA ILE A 482 2.42 27.32 -15.88
C ILE A 482 2.31 27.64 -17.36
N ASN A 483 3.43 27.63 -18.08
CA ASN A 483 3.47 28.08 -19.46
C ASN A 483 3.46 26.95 -20.47
N LEU A 484 3.19 25.72 -20.03
CA LEU A 484 3.10 24.55 -20.91
C LEU A 484 4.36 24.36 -21.74
N GLN A 485 5.52 24.55 -21.11
CA GLN A 485 6.81 24.33 -21.74
C GLN A 485 7.59 23.25 -20.99
N GLU A 486 8.79 22.97 -21.50
CA GLU A 486 9.74 22.10 -20.83
C GLU A 486 11.14 22.69 -20.96
N ASN A 487 12.00 22.38 -19.97
CA ASN A 487 13.42 22.66 -20.03
C ASN A 487 13.75 24.15 -19.97
N THR A 488 12.87 24.96 -19.41
CA THR A 488 13.17 26.36 -19.11
C THR A 488 14.32 26.44 -18.11
N ILE A 489 15.21 27.42 -18.27
CA ILE A 489 16.40 27.56 -17.43
C ILE A 489 16.33 28.78 -16.51
N GLU A 490 16.24 29.97 -17.08
CA GLU A 490 16.38 31.16 -16.26
C GLU A 490 15.12 32.03 -16.31
N LYS A 491 13.99 31.45 -16.68
CA LYS A 491 12.74 32.18 -16.69
C LYS A 491 12.02 31.92 -15.37
N THR A 492 11.50 32.98 -14.75
CA THR A 492 10.83 32.88 -13.47
C THR A 492 9.41 33.43 -13.55
N LEU A 493 8.54 32.85 -12.73
CA LEU A 493 7.13 33.22 -12.69
C LEU A 493 6.93 34.52 -11.91
N LYS A 494 5.85 35.23 -12.24
CA LYS A 494 5.41 36.31 -11.36
C LYS A 494 4.85 35.72 -10.07
N ALA A 495 4.68 36.60 -9.08
CA ALA A 495 4.21 36.20 -7.75
C ALA A 495 2.89 35.42 -7.80
N SER A 496 1.90 35.91 -8.56
CA SER A 496 0.57 35.29 -8.51
C SER A 496 0.57 33.85 -9.03
N ASP A 497 1.43 33.55 -10.00
CA ASP A 497 1.55 32.18 -10.45
C ASP A 497 2.28 31.30 -9.42
N LEU A 498 3.28 31.87 -8.73
CA LEU A 498 4.18 31.07 -7.88
C LEU A 498 3.50 30.59 -6.61
N ILE A 499 2.64 31.43 -5.99
CA ILE A 499 2.03 31.02 -4.73
C ILE A 499 0.90 30.02 -4.93
N GLU A 500 0.56 29.72 -6.18
CA GLU A 500 -0.29 28.57 -6.49
C GLU A 500 0.28 27.27 -5.94
N PHE A 501 1.57 27.22 -5.62
CA PHE A 501 2.25 25.98 -5.24
C PHE A 501 2.87 26.07 -3.84
N LYS A 502 2.29 26.90 -2.98
CA LYS A 502 2.85 27.20 -1.66
C LYS A 502 2.44 26.15 -0.64
N PHE A 503 3.43 25.60 0.08
CA PHE A 503 3.19 24.73 1.22
C PHE A 503 2.50 25.52 2.35
N PRO A 504 1.36 25.07 2.85
CA PRO A 504 0.63 25.86 3.87
C PRO A 504 1.49 26.19 5.08
N GLU A 505 1.66 27.49 5.34
CA GLU A 505 2.57 27.93 6.40
C GLU A 505 2.12 27.46 7.77
N ASN A 506 0.80 27.31 7.97
CA ASN A 506 0.26 26.82 9.22
C ASN A 506 0.72 25.41 9.53
N ASN A 507 1.18 24.67 8.53
CA ASN A 507 1.54 23.25 8.68
C ASN A 507 3.03 23.03 8.90
N LEU A 508 3.81 24.10 9.11
CA LEU A 508 5.26 23.96 9.07
C LEU A 508 5.95 25.02 9.93
N SER A 509 6.92 24.59 10.76
CA SER A 509 7.82 25.50 11.48
C SER A 509 9.22 25.41 10.85
N GLN A 510 9.57 26.40 10.04
CA GLN A 510 10.85 26.38 9.37
C GLN A 510 12.00 26.91 10.22
N LEU A 511 11.70 27.79 11.18
CA LEU A 511 12.74 28.51 11.94
C LEU A 511 13.10 27.72 13.22
N THR A 512 13.74 26.58 13.01
CA THR A 512 14.14 25.71 14.10
C THR A 512 15.61 25.94 14.40
N GLU A 513 16.05 25.42 15.55
CA GLU A 513 17.45 25.51 15.91
C GLU A 513 18.33 24.84 14.86
N GLN A 514 18.02 23.58 14.51
CA GLN A 514 18.87 22.85 13.59
C GLN A 514 18.88 23.46 12.19
N GLU A 515 17.80 24.13 11.79
CA GLU A 515 17.77 24.80 10.50
C GLU A 515 18.84 25.90 10.39
N ILE A 516 19.29 26.46 11.52
CA ILE A 516 20.20 27.61 11.46
C ILE A 516 21.55 27.21 10.86
N ASN A 517 22.04 26.00 11.14
CA ASN A 517 23.31 25.54 10.61
C ASN A 517 23.06 24.66 9.38
N SER A 518 23.52 25.13 8.22
CA SER A 518 23.49 24.33 7.01
C SER A 518 24.58 23.26 7.04
N LEU A 519 24.25 22.04 6.61
CA LEU A 519 25.16 20.91 6.65
C LEU A 519 25.91 20.71 5.33
N TRP A 520 25.77 21.63 4.38
CA TRP A 520 26.40 21.50 3.08
C TRP A 520 27.05 22.79 2.60
N SER A 521 26.90 23.89 3.34
CA SER A 521 27.37 25.21 2.91
C SER A 521 27.59 26.07 4.15
N PHE A 522 28.29 27.19 3.95
CA PHE A 522 28.52 28.15 5.03
C PHE A 522 28.87 29.51 4.44
N ASP A 523 28.57 30.55 5.21
CA ASP A 523 28.76 31.93 4.78
C ASP A 523 30.11 32.47 5.28
N GLN A 524 30.41 33.72 4.90
CA GLN A 524 31.72 34.30 5.18
C GLN A 524 31.98 34.44 6.68
N ALA A 525 30.95 34.87 7.43
CA ALA A 525 31.12 35.05 8.87
C ALA A 525 31.48 33.74 9.55
N SER A 526 30.77 32.66 9.20
CA SER A 526 31.10 31.35 9.76
C SER A 526 32.48 30.88 9.31
N ALA A 527 32.86 31.16 8.06
CA ALA A 527 34.17 30.73 7.58
C ALA A 527 35.29 31.41 8.35
N LYS A 528 35.16 32.72 8.61
CA LYS A 528 36.17 33.43 9.37
C LYS A 528 36.27 32.91 10.79
N TYR A 529 35.12 32.66 11.43
CA TYR A 529 35.13 32.13 12.79
C TYR A 529 35.74 30.74 12.83
N GLN A 530 35.38 29.88 11.88
CA GLN A 530 35.94 28.53 11.83
C GLN A 530 37.45 28.57 11.65
N PHE A 531 37.94 29.45 10.79
CA PHE A 531 39.39 29.54 10.56
C PHE A 531 40.12 29.98 11.81
N GLU A 532 39.60 31.02 12.49
CA GLU A 532 40.25 31.47 13.73
C GLU A 532 40.24 30.35 14.77
N LYS A 533 39.17 29.55 14.79
CA LYS A 533 39.12 28.37 15.62
C LYS A 533 40.19 27.36 15.23
N TYR A 534 40.45 27.21 13.92
CA TYR A 534 41.52 26.34 13.46
C TYR A 534 42.89 26.86 13.91
N VAL A 535 43.08 28.18 13.85
CA VAL A 535 44.35 28.75 14.25
C VAL A 535 44.56 28.64 15.76
N ARG A 536 43.51 28.93 16.54
CA ARG A 536 43.64 28.87 18.01
C ARG A 536 43.97 27.46 18.48
N ASP A 537 43.28 26.47 17.93
CA ASP A 537 43.57 25.09 18.26
C ASP A 537 44.94 24.67 17.74
N TYR A 538 45.37 25.20 16.60
CA TYR A 538 46.65 24.80 16.02
C TYR A 538 47.81 25.30 16.87
N THR A 539 47.84 26.60 17.17
CA THR A 539 48.90 27.15 18.00
C THR A 539 48.76 26.72 19.46
N GLY A 540 47.53 26.68 19.98
CA GLY A 540 47.31 26.24 21.34
C GLY A 540 47.55 24.76 21.58
N GLY A 541 47.41 23.93 20.55
CA GLY A 541 47.58 22.49 20.69
C GLY A 541 46.41 21.83 21.39
N SER A 542 46.32 20.51 21.30
CA SER A 542 45.28 19.75 21.99
C SER A 542 45.90 18.57 22.74
N LEU A 543 45.24 18.18 23.83
CA LEU A 543 45.74 17.17 24.76
C LEU A 543 45.35 15.74 24.38
N LEU B 5 34.88 -14.02 -14.69
CA LEU B 5 33.56 -14.52 -15.09
C LEU B 5 33.48 -14.71 -16.60
N VAL B 6 33.23 -15.94 -17.03
CA VAL B 6 33.14 -16.30 -18.45
C VAL B 6 31.67 -16.56 -18.79
N GLU B 7 31.17 -15.86 -19.80
CA GLU B 7 29.80 -16.03 -20.25
C GLU B 7 29.78 -16.86 -21.52
N SER B 8 28.98 -17.93 -21.51
CA SER B 8 28.93 -18.88 -22.60
C SER B 8 27.51 -19.36 -22.80
N GLY B 9 27.22 -19.84 -24.01
CA GLY B 9 25.92 -20.38 -24.36
C GLY B 9 25.17 -19.56 -25.39
N GLY B 10 25.64 -18.36 -25.73
CA GLY B 10 24.89 -17.51 -26.63
C GLY B 10 24.95 -17.96 -28.07
N GLY B 11 24.02 -17.43 -28.86
CA GLY B 11 23.89 -17.81 -30.25
C GLY B 11 22.55 -17.35 -30.78
N LEU B 12 22.18 -17.87 -31.93
CA LEU B 12 20.88 -17.53 -32.47
C LEU B 12 19.78 -18.35 -31.81
N VAL B 13 18.58 -17.77 -31.81
CA VAL B 13 17.37 -18.46 -31.41
C VAL B 13 16.25 -17.94 -32.29
N GLN B 14 15.23 -18.71 -32.43
CA GLN B 14 14.09 -18.20 -33.15
C GLN B 14 13.08 -17.62 -32.18
N PRO B 15 12.30 -16.61 -32.61
CA PRO B 15 11.27 -16.06 -31.73
C PRO B 15 10.36 -17.14 -31.16
N GLY B 16 10.27 -17.20 -29.84
CA GLY B 16 9.53 -18.22 -29.14
C GLY B 16 10.37 -19.36 -28.61
N GLY B 17 11.64 -19.44 -28.99
CA GLY B 17 12.51 -20.52 -28.57
C GLY B 17 13.15 -20.28 -27.21
N SER B 18 13.99 -21.25 -26.81
CA SER B 18 14.68 -21.24 -25.54
C SER B 18 16.18 -21.21 -25.76
N LEU B 19 16.91 -20.92 -24.69
CA LEU B 19 18.37 -20.87 -24.67
C LEU B 19 18.83 -20.82 -23.22
N ARG B 20 19.95 -21.46 -22.92
CA ARG B 20 20.48 -21.44 -21.56
C ARG B 20 21.92 -20.94 -21.56
N LEU B 21 22.11 -19.72 -21.07
CA LEU B 21 23.45 -19.15 -20.90
C LEU B 21 24.06 -19.61 -19.59
N SER B 22 25.40 -19.63 -19.56
CA SER B 22 26.15 -20.04 -18.38
C SER B 22 27.14 -18.97 -18.01
N CYS B 23 27.29 -18.75 -16.70
CA CYS B 23 28.27 -17.82 -16.16
C CYS B 23 29.21 -18.63 -15.28
N ALA B 24 30.45 -18.78 -15.73
CA ALA B 24 31.44 -19.61 -15.03
C ALA B 24 32.45 -18.71 -14.33
N ALA B 25 32.65 -18.96 -13.04
CA ALA B 25 33.60 -18.17 -12.24
C ALA B 25 35.03 -18.38 -12.72
N LEU B 30 32.33 -18.11 -5.87
CA LEU B 30 31.13 -17.29 -6.03
C LEU B 30 30.10 -17.65 -4.95
N ASP B 31 30.52 -18.49 -4.00
CA ASP B 31 29.57 -19.17 -3.11
C ASP B 31 28.80 -18.18 -2.23
N TYR B 32 29.47 -17.17 -1.66
CA TYR B 32 28.83 -16.26 -0.72
C TYR B 32 28.48 -14.91 -1.33
N SER B 33 28.31 -14.85 -2.65
CA SER B 33 28.00 -13.62 -3.36
C SER B 33 26.70 -13.77 -4.14
N SER B 34 25.90 -12.70 -4.19
CA SER B 34 24.80 -12.65 -5.14
C SER B 34 25.35 -12.48 -6.56
N ILE B 35 24.69 -13.10 -7.53
CA ILE B 35 25.13 -13.11 -8.92
C ILE B 35 24.01 -12.57 -9.80
N GLY B 36 24.36 -11.65 -10.68
CA GLY B 36 23.39 -11.06 -11.59
C GLY B 36 23.80 -11.20 -13.05
N TRP B 37 22.81 -11.46 -13.89
CA TRP B 37 22.93 -11.36 -15.34
C TRP B 37 22.44 -9.98 -15.76
N PHE B 38 23.15 -9.38 -16.72
CA PHE B 38 22.85 -8.07 -17.28
C PHE B 38 22.96 -8.19 -18.80
N ARG B 39 22.38 -7.24 -19.52
CA ARG B 39 22.42 -7.29 -20.98
C ARG B 39 22.53 -5.88 -21.53
N GLN B 40 23.07 -5.80 -22.74
CA GLN B 40 23.24 -4.52 -23.43
C GLN B 40 22.99 -4.72 -24.91
N ALA B 41 21.99 -4.03 -25.44
CA ALA B 41 21.64 -4.02 -26.85
C ALA B 41 22.46 -2.96 -27.58
N PRO B 42 22.71 -3.15 -28.88
CA PRO B 42 23.43 -2.13 -29.66
C PRO B 42 22.72 -0.79 -29.63
N GLY B 43 23.43 0.23 -29.14
CA GLY B 43 22.90 1.57 -29.04
C GLY B 43 22.00 1.83 -27.84
N LYS B 44 21.79 0.84 -26.98
CA LYS B 44 20.97 1.01 -25.78
C LYS B 44 21.85 0.93 -24.54
N GLU B 45 21.29 1.39 -23.42
CA GLU B 45 22.00 1.32 -22.15
C GLU B 45 21.88 -0.08 -21.56
N ARG B 46 22.92 -0.49 -20.84
CA ARG B 46 22.88 -1.76 -20.15
C ARG B 46 21.71 -1.79 -19.17
N GLU B 47 21.13 -2.98 -19.00
CA GLU B 47 20.05 -3.16 -18.05
C GLU B 47 20.20 -4.52 -17.37
N GLY B 48 19.86 -4.56 -16.07
CA GLY B 48 19.80 -5.84 -15.38
C GLY B 48 18.76 -6.77 -15.97
N VAL B 49 18.99 -8.08 -15.81
CA VAL B 49 18.07 -9.09 -16.35
C VAL B 49 17.62 -10.02 -15.24
N SER B 50 18.57 -10.60 -14.51
CA SER B 50 18.25 -11.50 -13.41
C SER B 50 19.30 -11.35 -12.31
N CYS B 51 18.89 -11.74 -11.09
CA CYS B 51 19.81 -11.82 -9.98
C CYS B 51 19.41 -13.02 -9.14
N ILE B 52 20.40 -13.68 -8.53
CA ILE B 52 20.12 -14.81 -7.64
C ILE B 52 21.03 -14.70 -6.42
N SER B 53 20.45 -14.90 -5.24
CA SER B 53 21.20 -14.81 -4.00
C SER B 53 22.22 -15.95 -3.91
N SER B 54 23.10 -15.84 -2.91
CA SER B 54 24.22 -16.77 -2.78
C SER B 54 23.74 -18.18 -2.45
N SER B 55 22.74 -18.29 -1.56
CA SER B 55 22.12 -19.58 -1.31
C SER B 55 21.36 -20.10 -2.54
N GLY B 56 20.95 -19.22 -3.44
CA GLY B 56 20.11 -19.61 -4.56
C GLY B 56 18.64 -19.70 -4.26
N ASP B 57 18.22 -19.24 -3.08
CA ASP B 57 16.83 -19.32 -2.67
C ASP B 57 16.03 -18.07 -3.02
N SER B 58 16.69 -16.98 -3.43
CA SER B 58 16.03 -15.73 -3.79
C SER B 58 16.48 -15.32 -5.18
N THR B 59 15.51 -14.85 -5.98
CA THR B 59 15.80 -14.40 -7.33
C THR B 59 15.05 -13.10 -7.58
N LYS B 60 15.50 -12.36 -8.57
CA LYS B 60 14.91 -11.08 -8.93
C LYS B 60 15.07 -10.94 -10.43
N TYR B 61 14.06 -10.37 -11.10
CA TYR B 61 14.15 -10.23 -12.54
C TYR B 61 13.71 -8.85 -13.00
N ALA B 62 14.24 -8.44 -14.15
CA ALA B 62 13.73 -7.26 -14.83
C ALA B 62 12.28 -7.50 -15.25
N ASP B 63 11.50 -6.41 -15.25
CA ASP B 63 10.09 -6.50 -15.60
C ASP B 63 9.89 -7.14 -16.98
N SER B 64 10.75 -6.76 -17.94
CA SER B 64 10.61 -7.23 -19.31
C SER B 64 10.84 -8.73 -19.45
N VAL B 65 11.48 -9.39 -18.49
CA VAL B 65 11.73 -10.83 -18.59
C VAL B 65 11.03 -11.63 -17.50
N LYS B 66 10.39 -11.00 -16.52
CA LYS B 66 9.81 -11.74 -15.42
C LYS B 66 8.75 -12.70 -15.93
N GLY B 67 8.79 -13.94 -15.47
CA GLY B 67 7.88 -14.98 -15.92
C GLY B 67 8.23 -15.62 -17.24
N ARG B 68 9.28 -15.16 -17.91
CA ARG B 68 9.83 -15.77 -19.12
C ARG B 68 11.20 -16.37 -18.90
N PHE B 69 12.05 -15.72 -18.10
CA PHE B 69 13.40 -16.17 -17.79
C PHE B 69 13.48 -16.64 -16.34
N THR B 70 14.40 -17.54 -16.07
CA THR B 70 14.69 -17.95 -14.73
C THR B 70 16.21 -18.05 -14.57
N THR B 71 16.67 -18.01 -13.35
CA THR B 71 18.09 -18.13 -13.09
C THR B 71 18.33 -19.13 -11.96
N SER B 72 19.36 -19.93 -12.08
CA SER B 72 19.70 -20.89 -11.04
C SER B 72 21.18 -20.98 -10.78
N ARG B 73 21.54 -21.59 -9.68
CA ARG B 73 22.92 -21.75 -9.35
C ARG B 73 23.28 -23.19 -9.10
N ASP B 74 24.35 -23.64 -9.72
CA ASP B 74 24.91 -25.00 -9.59
C ASP B 74 26.26 -24.70 -8.93
N ASN B 75 26.22 -24.59 -7.62
CA ASN B 75 27.36 -24.27 -6.82
C ASN B 75 28.55 -25.18 -7.07
N ALA B 76 28.25 -26.48 -7.11
CA ALA B 76 29.22 -27.54 -7.41
C ALA B 76 30.08 -27.19 -8.61
N LYS B 77 29.49 -26.77 -9.72
CA LYS B 77 30.33 -26.40 -10.86
C LYS B 77 30.52 -24.89 -10.96
N ASN B 78 30.44 -24.19 -9.81
CA ASN B 78 30.56 -22.72 -9.67
C ASN B 78 29.97 -21.95 -10.84
N THR B 79 28.71 -22.21 -11.16
CA THR B 79 28.15 -21.63 -12.34
C THR B 79 26.66 -21.34 -12.23
N VAL B 80 26.29 -20.15 -12.64
CA VAL B 80 24.93 -19.68 -12.55
C VAL B 80 24.38 -19.65 -13.94
N TYR B 81 23.16 -20.15 -14.08
CA TYR B 81 22.55 -20.22 -15.37
C TYR B 81 21.47 -19.19 -15.59
N LEU B 82 21.24 -18.90 -16.85
CA LEU B 82 20.17 -18.05 -17.25
C LEU B 82 19.27 -18.82 -18.22
N GLN B 83 18.20 -19.36 -17.71
CA GLN B 83 17.23 -20.08 -18.52
C GLN B 83 16.32 -19.07 -19.20
N MET B 84 16.56 -18.81 -20.49
CA MET B 84 15.72 -17.92 -21.28
C MET B 84 14.69 -18.73 -22.07
N ASN B 85 13.43 -18.30 -22.04
CA ASN B 85 12.35 -18.91 -22.80
C ASN B 85 11.53 -17.79 -23.43
N SER B 86 10.68 -18.16 -24.39
CA SER B 86 9.84 -17.21 -25.14
C SER B 86 10.67 -16.02 -25.65
N LEU B 87 11.79 -16.34 -26.30
CA LEU B 87 12.69 -15.31 -26.78
C LEU B 87 11.99 -14.40 -27.79
N LYS B 88 12.28 -13.11 -27.72
CA LYS B 88 11.72 -12.08 -28.58
C LYS B 88 12.84 -11.30 -29.24
N PRO B 89 12.53 -10.54 -30.29
CA PRO B 89 13.55 -9.63 -30.85
C PRO B 89 14.13 -8.65 -29.84
N ASP B 90 13.32 -8.13 -28.92
CA ASP B 90 13.83 -7.19 -27.92
C ASP B 90 14.85 -7.82 -26.99
N ASP B 91 14.94 -9.15 -26.93
CA ASP B 91 15.96 -9.79 -26.11
C ASP B 91 17.31 -9.88 -26.80
N THR B 92 17.41 -9.42 -28.04
CA THR B 92 18.70 -9.34 -28.71
C THR B 92 19.62 -8.40 -27.95
N ALA B 93 20.76 -8.93 -27.50
CA ALA B 93 21.76 -8.13 -26.81
C ALA B 93 22.97 -9.02 -26.52
N VAL B 94 24.05 -8.38 -26.09
CA VAL B 94 25.17 -9.09 -25.48
C VAL B 94 24.87 -9.26 -23.99
N TYR B 95 25.09 -10.46 -23.46
CA TYR B 95 24.72 -10.79 -22.09
C TYR B 95 25.96 -10.96 -21.25
N TYR B 96 26.05 -10.20 -20.16
CA TYR B 96 27.17 -10.29 -19.24
C TYR B 96 26.67 -10.70 -17.87
N CYS B 97 27.62 -11.15 -17.07
CA CYS B 97 27.43 -11.67 -15.73
C CYS B 97 28.32 -10.90 -14.76
N ALA B 98 27.89 -10.77 -13.50
CA ALA B 98 28.74 -10.17 -12.48
C ALA B 98 28.34 -10.68 -11.10
N ALA B 99 29.32 -10.74 -10.20
CA ALA B 99 29.06 -11.13 -8.82
C ALA B 99 29.09 -9.91 -7.91
N PHE B 100 28.36 -10.00 -6.81
CA PHE B 100 28.12 -8.84 -5.94
C PHE B 100 28.27 -9.24 -4.50
N ARG B 101 28.98 -8.41 -3.73
CA ARG B 101 29.00 -8.54 -2.28
C ARG B 101 27.66 -8.14 -1.67
N ALA B 102 26.97 -7.19 -2.29
CA ALA B 102 25.66 -6.74 -1.82
C ALA B 102 24.63 -7.87 -1.92
N THR B 103 23.62 -7.80 -1.06
CA THR B 103 22.45 -8.66 -1.19
C THR B 103 21.70 -8.33 -2.49
N MET B 104 21.38 -9.36 -3.25
CA MET B 104 20.49 -9.25 -4.41
C MET B 104 20.98 -8.19 -5.41
N CYS B 105 22.30 -8.15 -5.62
CA CYS B 105 22.91 -7.35 -6.68
C CYS B 105 22.66 -5.84 -6.51
N GLY B 106 22.57 -5.39 -5.26
CA GLY B 106 22.57 -3.96 -4.99
C GLY B 106 21.38 -3.23 -5.58
N VAL B 107 21.67 -2.31 -6.51
CA VAL B 107 20.66 -1.43 -7.11
C VAL B 107 20.02 -2.08 -8.33
N PHE B 108 20.26 -3.37 -8.52
CA PHE B 108 19.66 -4.16 -9.59
C PHE B 108 18.18 -3.79 -9.74
N PRO B 109 17.66 -3.59 -10.96
CA PRO B 109 18.30 -3.87 -12.26
C PRO B 109 19.20 -2.78 -12.82
N LEU B 110 19.47 -1.73 -12.05
CA LEU B 110 20.46 -0.76 -12.50
C LEU B 110 21.86 -1.30 -12.18
N SER B 111 22.84 -0.68 -12.79
CA SER B 111 24.27 -0.99 -12.74
C SER B 111 24.99 -0.14 -11.69
N PRO B 112 26.08 -0.66 -11.11
CA PRO B 112 26.91 0.19 -10.23
C PRO B 112 27.45 1.39 -10.98
N TYR B 113 27.51 2.51 -10.28
CA TYR B 113 28.09 3.73 -10.84
C TYR B 113 29.56 3.53 -11.18
N GLY B 114 29.94 3.85 -12.42
CA GLY B 114 31.31 3.75 -12.87
C GLY B 114 31.74 2.38 -13.39
N LYS B 115 30.90 1.35 -13.28
CA LYS B 115 31.34 0.00 -13.66
C LYS B 115 31.19 -0.16 -15.16
N ASP B 116 32.31 -0.19 -15.87
CA ASP B 116 32.24 -0.22 -17.32
C ASP B 116 32.91 -1.43 -17.96
N ASP B 117 33.43 -2.38 -17.19
CA ASP B 117 33.89 -3.64 -17.78
C ASP B 117 33.21 -4.80 -17.08
N TRP B 118 32.60 -5.68 -17.90
CA TRP B 118 31.81 -6.80 -17.42
C TRP B 118 32.33 -8.13 -17.96
N GLY B 119 33.49 -8.13 -18.62
CA GLY B 119 33.99 -9.32 -19.27
C GLY B 119 33.65 -9.34 -20.74
N LYS B 120 33.88 -10.50 -21.35
CA LYS B 120 33.62 -10.65 -22.78
C LYS B 120 32.12 -10.70 -23.07
N GLY B 121 31.37 -11.48 -22.30
CA GLY B 121 29.95 -11.62 -22.51
C GLY B 121 29.63 -12.49 -23.70
N THR B 122 28.37 -12.89 -23.86
CA THR B 122 28.00 -13.79 -24.94
C THR B 122 26.77 -13.26 -25.65
N LEU B 123 26.86 -13.16 -26.98
CA LEU B 123 25.81 -12.51 -27.77
C LEU B 123 24.61 -13.44 -27.96
N VAL B 124 23.42 -12.85 -27.91
CA VAL B 124 22.16 -13.54 -28.19
C VAL B 124 21.40 -12.73 -29.24
N THR B 125 21.01 -13.38 -30.33
CA THR B 125 20.26 -12.72 -31.37
C THR B 125 19.00 -13.52 -31.67
N VAL B 126 17.87 -12.82 -31.73
CA VAL B 126 16.55 -13.41 -31.94
C VAL B 126 15.91 -12.64 -33.09
N SER B 127 15.91 -13.23 -34.29
CA SER B 127 15.46 -12.51 -35.46
C SER B 127 14.65 -13.42 -36.37
N SER B 128 13.72 -12.80 -37.10
CA SER B 128 12.99 -13.44 -38.21
C SER B 128 12.42 -14.81 -37.85
N MET C 2 6.60 -3.66 29.01
CA MET C 2 5.30 -4.30 29.16
C MET C 2 5.45 -5.76 29.61
N SER C 3 5.46 -5.99 30.93
CA SER C 3 5.76 -7.33 31.41
C SER C 3 5.02 -7.64 32.70
N LEU C 4 4.99 -8.93 33.00
CA LEU C 4 4.35 -9.49 34.17
C LEU C 4 5.33 -9.42 35.34
N ILE C 5 5.00 -10.09 36.44
CA ILE C 5 6.03 -10.39 37.42
C ILE C 5 7.16 -11.14 36.72
N SER C 6 8.37 -10.98 37.25
CA SER C 6 9.55 -11.63 36.70
C SER C 6 9.58 -13.11 37.08
N LYS C 7 10.47 -13.85 36.41
CA LYS C 7 10.72 -15.24 36.79
C LYS C 7 11.16 -15.35 38.25
N GLU C 8 12.07 -14.47 38.69
CA GLU C 8 12.47 -14.48 40.10
C GLU C 8 11.30 -14.21 41.03
N GLU C 9 10.45 -13.24 40.70
CA GLU C 9 9.31 -12.94 41.56
C GLU C 9 8.35 -14.14 41.66
N LEU C 10 8.15 -14.88 40.56
CA LEU C 10 7.27 -16.05 40.64
C LEU C 10 7.92 -17.18 41.44
N ILE C 11 9.24 -17.33 41.32
CA ILE C 11 9.97 -18.28 42.16
C ILE C 11 9.62 -18.05 43.63
N LYS C 12 9.65 -16.79 44.07
CA LYS C 12 9.25 -16.48 45.44
C LYS C 12 7.75 -16.76 45.68
N LEU C 13 6.88 -16.25 44.80
CA LEU C 13 5.45 -16.36 45.07
C LEU C 13 4.98 -17.82 45.07
N ALA C 14 5.48 -18.62 44.13
CA ALA C 14 5.11 -20.03 44.03
C ALA C 14 6.07 -20.96 44.77
N TYR C 15 6.86 -20.41 45.69
CA TYR C 15 7.89 -21.21 46.35
C TYR C 15 7.27 -22.37 47.11
N SER C 16 7.94 -23.50 47.02
CA SER C 16 7.74 -24.67 47.85
C SER C 16 9.10 -25.19 48.27
N ILE C 17 9.11 -26.08 49.27
CA ILE C 17 10.34 -26.84 49.48
C ILE C 17 10.40 -28.06 48.56
N ARG C 18 9.29 -28.41 47.93
CA ARG C 18 9.27 -29.50 46.97
C ARG C 18 10.10 -29.12 45.74
N PRO C 19 10.84 -30.08 45.16
CA PRO C 19 11.62 -29.77 43.95
C PRO C 19 10.71 -29.29 42.84
N ARG C 20 11.25 -28.41 42.01
CA ARG C 20 10.50 -27.88 40.87
C ARG C 20 10.15 -28.98 39.89
N GLU C 21 8.84 -29.21 39.73
CA GLU C 21 8.35 -30.13 38.72
C GLU C 21 8.70 -29.62 37.32
N ASN C 22 8.84 -30.55 36.36
CA ASN C 22 9.18 -30.14 35.00
C ASN C 22 8.19 -29.11 34.46
N GLU C 23 6.90 -29.41 34.63
CA GLU C 23 5.89 -28.49 34.11
C GLU C 23 6.00 -27.12 34.75
N TYR C 24 6.52 -27.05 35.97
CA TYR C 24 6.74 -25.76 36.60
C TYR C 24 7.96 -25.06 36.02
N LYS C 25 8.99 -25.83 35.66
CA LYS C 25 10.13 -25.23 34.97
C LYS C 25 9.70 -24.63 33.64
N THR C 26 8.78 -25.30 32.94
CA THR C 26 8.27 -24.80 31.66
C THR C 26 7.55 -23.46 31.84
N ILE C 27 6.74 -23.33 32.89
CA ILE C 27 6.08 -22.05 33.18
C ILE C 27 7.12 -20.95 33.36
N LEU C 28 8.15 -21.21 34.19
CA LEU C 28 9.20 -20.22 34.45
C LEU C 28 9.87 -19.79 33.16
N THR C 29 10.20 -20.74 32.29
CA THR C 29 10.80 -20.41 31.01
C THR C 29 9.85 -19.57 30.16
N ASN C 30 8.61 -20.03 30.03
CA ASN C 30 7.63 -19.27 29.26
C ASN C 30 7.45 -17.87 29.85
N LEU C 31 7.43 -17.74 31.18
CA LEU C 31 7.29 -16.42 31.79
C LEU C 31 8.53 -15.56 31.52
N ASP C 32 9.72 -16.14 31.68
CA ASP C 32 10.96 -15.42 31.44
C ASP C 32 11.07 -14.97 29.98
N GLU C 33 10.67 -15.83 29.04
CA GLU C 33 10.76 -15.44 27.64
C GLU C 33 9.72 -14.38 27.30
N TYR C 34 8.53 -14.46 27.90
CA TYR C 34 7.57 -13.38 27.74
C TYR C 34 8.16 -12.05 28.19
N ASN C 35 8.76 -12.02 29.40
CA ASN C 35 9.25 -10.76 29.92
C ASN C 35 10.38 -10.21 29.09
N LYS C 36 11.15 -11.08 28.44
CA LYS C 36 12.30 -10.68 27.64
C LYS C 36 11.93 -10.37 26.19
N LEU C 37 10.63 -10.29 25.88
CA LEU C 37 10.18 -10.09 24.51
C LEU C 37 9.95 -8.61 24.23
N THR C 38 10.44 -8.15 23.07
CA THR C 38 10.14 -6.80 22.62
C THR C 38 8.66 -6.63 22.36
N THR C 39 8.16 -5.43 22.62
CA THR C 39 6.77 -5.11 22.35
C THR C 39 6.60 -4.57 20.93
N ASN C 40 7.68 -4.59 20.14
CA ASN C 40 7.62 -4.27 18.72
C ASN C 40 6.44 -4.97 18.06
N ASN C 41 6.37 -6.29 18.22
CA ASN C 41 5.31 -7.09 17.60
C ASN C 41 4.29 -7.49 18.66
N ASN C 42 3.11 -6.87 18.62
CA ASN C 42 2.06 -7.16 19.57
C ASN C 42 1.58 -8.60 19.47
N GLU C 43 1.47 -9.12 18.25
CA GLU C 43 0.99 -10.48 18.10
C GLU C 43 1.93 -11.47 18.78
N ASN C 44 3.24 -11.33 18.57
CA ASN C 44 4.18 -12.25 19.20
C ASN C 44 4.07 -12.17 20.73
N LYS C 45 3.92 -10.95 21.27
CA LYS C 45 3.69 -10.79 22.70
C LYS C 45 2.45 -11.55 23.14
N TYR C 46 1.33 -11.42 22.39
CA TYR C 46 0.10 -12.14 22.75
C TYR C 46 0.31 -13.65 22.71
N LEU C 47 0.93 -14.14 21.63
CA LEU C 47 1.11 -15.58 21.45
C LEU C 47 2.00 -16.18 22.55
N GLN C 48 2.97 -15.41 23.03
CA GLN C 48 3.79 -15.90 24.14
C GLN C 48 3.00 -15.91 25.44
N LEU C 49 2.17 -14.88 25.68
CA LEU C 49 1.20 -14.92 26.78
C LEU C 49 0.34 -16.18 26.73
N LYS C 50 -0.23 -16.49 25.55
CA LYS C 50 -1.08 -17.66 25.40
C LYS C 50 -0.31 -18.95 25.68
N LYS C 51 0.91 -19.06 25.18
CA LYS C 51 1.73 -20.23 25.46
C LYS C 51 1.97 -20.37 26.97
N LEU C 52 2.28 -19.26 27.65
CA LEU C 52 2.48 -19.30 29.10
C LEU C 52 1.21 -19.73 29.82
N ASN C 53 0.07 -19.16 29.45
CA ASN C 53 -1.18 -19.49 30.12
C ASN C 53 -1.49 -20.98 30.00
N GLU C 54 -1.32 -21.55 28.80
CA GLU C 54 -1.56 -22.98 28.59
C GLU C 54 -0.66 -23.82 29.48
N SER C 55 0.63 -23.48 29.54
CA SER C 55 1.54 -24.26 30.38
C SER C 55 1.11 -24.20 31.84
N ILE C 56 0.54 -23.07 32.26
CA ILE C 56 0.01 -22.99 33.62
C ILE C 56 -1.15 -23.96 33.80
N ASP C 57 -2.07 -24.00 32.84
CA ASP C 57 -3.20 -24.92 32.92
C ASP C 57 -2.73 -26.37 32.97
N VAL C 58 -1.67 -26.69 32.24
CA VAL C 58 -1.13 -28.06 32.29
C VAL C 58 -0.66 -28.41 33.70
N PHE C 59 0.06 -27.49 34.35
CA PHE C 59 0.54 -27.76 35.71
C PHE C 59 -0.63 -27.98 36.67
N MET C 60 -1.59 -27.05 36.68
CA MET C 60 -2.62 -27.14 37.70
C MET C 60 -3.52 -28.34 37.46
N ASN C 61 -3.59 -28.83 36.22
CA ASN C 61 -4.35 -30.04 35.90
C ASN C 61 -3.61 -31.29 36.34
N LYS C 62 -2.29 -31.32 36.19
CA LYS C 62 -1.54 -32.49 36.61
C LYS C 62 -1.45 -32.58 38.13
N TYR C 63 -1.01 -31.50 38.79
CA TYR C 63 -0.90 -31.46 40.24
C TYR C 63 -2.05 -30.62 40.80
N LYS C 64 -3.23 -31.23 40.89
CA LYS C 64 -4.39 -30.49 41.36
C LYS C 64 -4.24 -30.05 42.81
N THR C 65 -3.37 -30.71 43.56
CA THR C 65 -3.15 -30.47 44.98
C THR C 65 -2.01 -29.52 45.27
N SER C 66 -1.24 -29.10 44.26
CA SER C 66 0.01 -28.39 44.52
C SER C 66 -0.22 -27.08 45.26
N SER C 67 0.69 -26.78 46.20
CA SER C 67 0.61 -25.53 46.93
C SER C 67 1.01 -24.32 46.08
N ARG C 68 1.67 -24.54 44.93
CA ARG C 68 1.92 -23.47 43.97
C ARG C 68 0.65 -22.95 43.29
N ASN C 69 -0.45 -23.70 43.37
CA ASN C 69 -1.60 -23.39 42.51
C ASN C 69 -2.19 -22.02 42.78
N ARG C 70 -2.16 -21.56 44.04
CA ARG C 70 -2.72 -20.24 44.32
C ARG C 70 -1.91 -19.13 43.65
N ALA C 71 -0.57 -19.17 43.78
CA ALA C 71 0.26 -18.21 43.07
C ALA C 71 0.02 -18.29 41.57
N LEU C 72 -0.15 -19.51 41.04
CA LEU C 72 -0.33 -19.65 39.59
C LEU C 72 -1.71 -19.16 39.17
N SER C 73 -2.74 -19.39 40.00
CA SER C 73 -4.06 -18.84 39.73
C SER C 73 -4.01 -17.33 39.64
N ASN C 74 -3.30 -16.69 40.58
CA ASN C 74 -3.18 -15.23 40.55
C ASN C 74 -2.38 -14.78 39.35
N LEU C 75 -1.38 -15.57 38.95
CA LEU C 75 -0.67 -15.28 37.71
C LEU C 75 -1.61 -15.30 36.52
N LYS C 76 -2.54 -16.27 36.49
CA LYS C 76 -3.50 -16.31 35.39
C LYS C 76 -4.35 -15.05 35.37
N LYS C 77 -4.84 -14.60 36.54
CA LYS C 77 -5.57 -13.33 36.61
C LYS C 77 -4.77 -12.18 36.02
N ASP C 78 -3.46 -12.12 36.32
CA ASP C 78 -2.61 -11.07 35.77
C ASP C 78 -2.46 -11.22 34.26
N ILE C 79 -2.42 -12.46 33.77
CA ILE C 79 -2.28 -12.69 32.33
C ILE C 79 -3.52 -12.16 31.59
N LEU C 80 -4.72 -12.37 32.16
CA LEU C 80 -5.93 -11.82 31.55
C LEU C 80 -5.85 -10.30 31.43
N LYS C 81 -5.38 -9.64 32.50
CA LYS C 81 -5.22 -8.19 32.47
C LYS C 81 -4.14 -7.77 31.48
N GLU C 82 -3.14 -8.63 31.28
CA GLU C 82 -2.02 -8.27 30.41
C GLU C 82 -2.44 -8.24 28.95
N VAL C 83 -3.37 -9.12 28.56
CA VAL C 83 -3.92 -9.03 27.20
C VAL C 83 -4.54 -7.66 27.00
N ILE C 84 -5.38 -7.23 27.94
CA ILE C 84 -6.01 -5.90 27.85
C ILE C 84 -4.95 -4.81 27.75
N LEU C 85 -3.89 -4.90 28.57
CA LEU C 85 -2.85 -3.88 28.55
C LEU C 85 -2.13 -3.85 27.21
N ILE C 86 -1.79 -5.02 26.67
CA ILE C 86 -1.17 -5.06 25.34
C ILE C 86 -2.09 -4.42 24.31
N LYS C 87 -3.38 -4.80 24.35
CA LYS C 87 -4.36 -4.28 23.41
C LYS C 87 -4.48 -2.77 23.48
N ASN C 88 -4.66 -2.22 24.68
CA ASN C 88 -4.92 -0.79 24.85
C ASN C 88 -3.65 0.04 24.92
N SER C 89 -2.47 -0.60 24.87
CA SER C 89 -1.23 0.11 25.11
C SER C 89 -0.95 1.24 24.14
N ASN C 90 -0.69 0.92 22.88
CA ASN C 90 -0.36 1.96 21.90
C ASN C 90 -1.21 1.74 20.64
N THR C 91 -2.45 2.19 20.69
CA THR C 91 -3.33 2.07 19.55
C THR C 91 -3.01 3.17 18.54
N SER C 92 -3.28 2.91 17.27
CA SER C 92 -2.92 3.82 16.20
C SER C 92 -3.97 3.68 15.09
N PRO C 93 -4.10 4.68 14.23
CA PRO C 93 -5.24 4.70 13.30
C PRO C 93 -5.26 3.48 12.37
N VAL C 94 -6.47 2.94 12.16
CA VAL C 94 -6.67 1.92 11.15
C VAL C 94 -6.30 2.49 9.77
N GLU C 95 -5.88 1.62 8.87
CA GLU C 95 -5.71 2.00 7.47
C GLU C 95 -6.98 2.67 6.95
N LYS C 96 -6.80 3.62 6.04
CA LYS C 96 -7.92 4.46 5.63
C LYS C 96 -8.58 3.90 4.36
N ASN C 97 -9.03 2.65 4.50
CA ASN C 97 -9.78 1.94 3.48
C ASN C 97 -11.22 1.71 3.96
N LEU C 98 -12.16 1.86 3.04
CA LEU C 98 -13.55 1.47 3.23
C LEU C 98 -13.85 0.32 2.27
N HIS C 99 -14.20 -0.83 2.83
CA HIS C 99 -14.57 -2.01 2.05
C HIS C 99 -16.08 -2.15 2.07
N PHE C 100 -16.68 -2.18 0.88
CA PHE C 100 -18.06 -2.58 0.68
C PHE C 100 -18.04 -3.85 -0.17
N VAL C 101 -19.16 -4.57 -0.17
CA VAL C 101 -19.29 -5.80 -0.95
C VAL C 101 -20.64 -5.81 -1.66
N TRP C 102 -20.65 -6.05 -2.97
CA TRP C 102 -21.90 -6.33 -3.68
C TRP C 102 -21.66 -7.43 -4.69
N ILE C 103 -22.15 -8.61 -4.38
CA ILE C 103 -21.93 -9.79 -5.20
C ILE C 103 -23.28 -10.25 -5.71
N GLY C 104 -23.29 -10.88 -6.89
CA GLY C 104 -24.44 -11.63 -7.35
C GLY C 104 -25.27 -10.90 -8.39
N GLY C 105 -24.99 -9.63 -8.67
CA GLY C 105 -25.79 -8.91 -9.64
C GLY C 105 -25.29 -7.49 -9.74
N GLU C 106 -26.02 -6.72 -10.57
CA GLU C 106 -25.72 -5.30 -10.74
C GLU C 106 -25.90 -4.54 -9.43
N VAL C 107 -24.93 -3.68 -9.08
CA VAL C 107 -25.06 -2.87 -7.88
C VAL C 107 -26.11 -1.79 -8.12
N SER C 108 -26.97 -1.57 -7.11
CA SER C 108 -28.11 -0.67 -7.26
C SER C 108 -27.68 0.78 -7.18
N ASP C 109 -28.50 1.63 -7.80
CA ASP C 109 -28.30 3.08 -7.69
C ASP C 109 -28.33 3.52 -6.22
N ILE C 110 -29.23 2.92 -5.43
CA ILE C 110 -29.36 3.31 -4.02
C ILE C 110 -28.13 2.88 -3.21
N ALA C 111 -27.58 1.69 -3.50
CA ALA C 111 -26.34 1.31 -2.86
C ALA C 111 -25.22 2.28 -3.21
N LEU C 112 -25.14 2.70 -4.48
CA LEU C 112 -24.14 3.69 -4.85
C LEU C 112 -24.35 5.03 -4.14
N GLU C 113 -25.59 5.41 -3.87
CA GLU C 113 -25.84 6.69 -3.20
C GLU C 113 -25.44 6.64 -1.72
N TYR C 114 -25.64 5.49 -1.05
CA TYR C 114 -25.16 5.37 0.31
C TYR C 114 -23.63 5.45 0.35
N ILE C 115 -22.96 4.74 -0.56
CA ILE C 115 -21.50 4.77 -0.60
C ILE C 115 -21.01 6.19 -0.81
N LYS C 116 -21.74 6.97 -1.63
CA LYS C 116 -21.35 8.35 -1.94
C LYS C 116 -21.36 9.25 -0.70
N GLN C 117 -22.28 9.02 0.25
CA GLN C 117 -22.26 9.77 1.50
C GLN C 117 -20.94 9.56 2.26
N TRP C 118 -20.47 8.32 2.35
CA TRP C 118 -19.18 8.05 2.98
C TRP C 118 -18.04 8.73 2.23
N ALA C 119 -18.05 8.64 0.88
CA ALA C 119 -16.96 9.21 0.10
C ALA C 119 -16.94 10.73 0.20
N ASP C 120 -18.13 11.35 0.14
CA ASP C 120 -18.22 12.80 0.27
C ASP C 120 -17.65 13.26 1.61
N ILE C 121 -17.99 12.55 2.69
CA ILE C 121 -17.59 12.96 4.03
C ILE C 121 -16.15 12.56 4.34
N ASN C 122 -15.61 11.51 3.72
CA ASN C 122 -14.25 11.04 4.05
C ASN C 122 -13.39 10.96 2.78
N ALA C 123 -12.94 12.12 2.28
CA ALA C 123 -12.29 12.13 0.96
C ALA C 123 -10.94 11.41 0.99
N GLU C 124 -10.29 11.31 2.15
CA GLU C 124 -9.02 10.60 2.24
C GLU C 124 -9.17 9.08 2.31
N TYR C 125 -10.37 8.54 2.49
CA TYR C 125 -10.52 7.09 2.55
C TYR C 125 -10.63 6.50 1.14
N ASN C 126 -9.86 5.44 0.89
CA ASN C 126 -9.91 4.69 -0.34
C ASN C 126 -11.11 3.73 -0.32
N ILE C 127 -11.99 3.80 -1.31
CA ILE C 127 -13.19 2.96 -1.36
C ILE C 127 -12.92 1.75 -2.24
N LYS C 128 -13.12 0.56 -1.69
CA LYS C 128 -13.14 -0.66 -2.49
C LYS C 128 -14.55 -1.26 -2.48
N LEU C 129 -15.10 -1.48 -3.66
CA LEU C 129 -16.41 -2.15 -3.80
C LEU C 129 -16.14 -3.56 -4.36
N TRP C 130 -16.08 -4.55 -3.48
CA TRP C 130 -15.72 -5.90 -3.89
C TRP C 130 -16.87 -6.57 -4.64
N TYR C 131 -16.55 -7.32 -5.71
CA TYR C 131 -17.56 -8.06 -6.45
C TYR C 131 -16.95 -9.32 -7.01
N ASP C 132 -17.83 -10.20 -7.45
CA ASP C 132 -17.46 -11.48 -8.05
C ASP C 132 -17.64 -11.35 -9.56
N SER C 133 -16.53 -11.22 -10.29
CA SER C 133 -16.57 -10.99 -11.73
C SER C 133 -17.20 -12.15 -12.48
N GLU C 134 -17.36 -13.31 -11.85
CA GLU C 134 -17.89 -14.49 -12.51
C GLU C 134 -19.36 -14.72 -12.21
N ALA C 135 -19.96 -13.90 -11.34
CA ALA C 135 -21.18 -14.29 -10.64
C ALA C 135 -22.25 -13.21 -10.66
N PHE C 136 -22.28 -12.39 -11.71
CA PHE C 136 -23.33 -11.37 -11.83
C PHE C 136 -24.73 -11.95 -12.04
N LEU C 137 -24.88 -13.24 -12.33
CA LEU C 137 -26.20 -13.82 -12.60
C LEU C 137 -26.76 -14.65 -11.44
N VAL C 138 -26.12 -14.60 -10.28
CA VAL C 138 -26.58 -15.45 -9.17
C VAL C 138 -27.94 -14.98 -8.64
N ASN C 139 -28.13 -13.67 -8.51
CA ASN C 139 -29.43 -13.17 -8.03
C ASN C 139 -30.54 -13.46 -9.04
N THR C 140 -30.21 -13.42 -10.33
CA THR C 140 -31.19 -13.78 -11.36
C THR C 140 -31.56 -15.25 -11.30
N LEU C 141 -30.58 -16.12 -11.02
CA LEU C 141 -30.87 -17.54 -10.86
C LEU C 141 -31.74 -17.80 -9.65
N LYS C 142 -31.37 -17.22 -8.51
CA LYS C 142 -32.19 -17.35 -7.30
C LYS C 142 -33.63 -16.89 -7.56
N LYS C 143 -33.79 -15.75 -8.24
CA LYS C 143 -35.14 -15.25 -8.53
C LYS C 143 -35.90 -16.25 -9.38
N ALA C 144 -35.26 -16.78 -10.42
CA ALA C 144 -35.92 -17.77 -11.26
C ALA C 144 -36.36 -18.98 -10.45
N ILE C 145 -35.50 -19.47 -9.54
CA ILE C 145 -35.85 -20.64 -8.75
C ILE C 145 -37.01 -20.35 -7.81
N VAL C 146 -36.92 -19.23 -7.06
CA VAL C 146 -37.94 -18.93 -6.07
C VAL C 146 -39.29 -18.62 -6.72
N GLU C 147 -39.28 -17.76 -7.76
CA GLU C 147 -40.54 -17.36 -8.40
C GLU C 147 -41.20 -18.54 -9.11
N SER C 148 -40.44 -19.36 -9.83
CA SER C 148 -41.01 -20.57 -10.42
C SER C 148 -41.55 -21.51 -9.35
N SER C 149 -40.85 -21.63 -8.21
CA SER C 149 -41.36 -22.45 -7.10
C SER C 149 -42.62 -21.85 -6.50
N THR C 150 -42.66 -20.53 -6.35
CA THR C 150 -43.84 -19.85 -5.82
C THR C 150 -45.08 -20.16 -6.68
N THR C 151 -44.92 -20.22 -8.00
CA THR C 151 -46.08 -20.49 -8.83
C THR C 151 -46.53 -21.94 -8.72
N GLU C 152 -45.58 -22.89 -8.58
CA GLU C 152 -45.97 -24.28 -8.36
C GLU C 152 -46.79 -24.42 -7.09
N ALA C 153 -46.29 -23.86 -5.98
CA ALA C 153 -47.04 -23.96 -4.72
C ALA C 153 -48.43 -23.36 -4.85
N LEU C 154 -48.52 -22.14 -5.40
CA LEU C 154 -49.83 -21.48 -5.47
C LEU C 154 -50.81 -22.28 -6.32
N GLN C 155 -50.35 -22.73 -7.49
CA GLN C 155 -51.23 -23.54 -8.33
C GLN C 155 -51.57 -24.86 -7.66
N LEU C 156 -50.57 -25.52 -7.06
CA LEU C 156 -50.85 -26.80 -6.41
C LEU C 156 -51.88 -26.64 -5.28
N LEU C 157 -51.82 -25.55 -4.54
CA LEU C 157 -52.71 -25.32 -3.41
C LEU C 157 -53.85 -24.36 -3.75
N GLU C 158 -54.21 -24.28 -5.04
CA GLU C 158 -55.22 -23.34 -5.51
C GLU C 158 -56.51 -23.40 -4.69
N GLU C 159 -56.99 -24.61 -4.36
CA GLU C 159 -58.23 -24.71 -3.60
C GLU C 159 -58.03 -24.30 -2.14
N GLU C 160 -56.97 -24.80 -1.51
CA GLU C 160 -56.81 -24.57 -0.06
C GLU C 160 -56.54 -23.10 0.25
N ILE C 161 -55.90 -22.36 -0.67
CA ILE C 161 -55.57 -20.97 -0.42
C ILE C 161 -56.82 -20.10 -0.36
N GLN C 162 -57.93 -20.56 -0.96
CA GLN C 162 -59.16 -19.77 -0.93
C GLN C 162 -59.64 -19.55 0.49
N ASN C 163 -59.65 -20.61 1.30
CA ASN C 163 -59.97 -20.57 2.72
C ASN C 163 -59.24 -19.41 3.38
N PRO C 164 -59.95 -18.40 3.88
CA PRO C 164 -59.26 -17.26 4.51
C PRO C 164 -58.57 -17.64 5.82
N GLN C 165 -58.92 -18.79 6.40
CA GLN C 165 -58.21 -19.36 7.53
C GLN C 165 -57.07 -20.27 7.10
N PHE C 166 -56.61 -20.17 5.85
CA PHE C 166 -55.49 -20.97 5.40
C PHE C 166 -54.22 -20.53 6.12
N ASP C 167 -53.38 -21.49 6.44
CA ASP C 167 -52.13 -21.21 7.12
C ASP C 167 -51.00 -20.96 6.13
N ASN C 168 -50.41 -19.76 6.19
CA ASN C 168 -49.38 -19.38 5.22
C ASN C 168 -48.13 -20.24 5.34
N MET C 169 -47.92 -20.92 6.47
CA MET C 169 -46.75 -21.79 6.59
C MET C 169 -46.86 -23.03 5.73
N LYS C 170 -48.07 -23.52 5.44
CA LYS C 170 -48.16 -24.67 4.55
C LYS C 170 -47.71 -24.32 3.14
N PHE C 171 -47.82 -23.05 2.75
CA PHE C 171 -47.30 -22.64 1.45
C PHE C 171 -45.77 -22.65 1.44
N TYR C 172 -45.14 -22.04 2.46
CA TYR C 172 -43.67 -21.97 2.48
C TYR C 172 -43.05 -23.37 2.54
N LYS C 173 -43.58 -24.23 3.42
CA LYS C 173 -43.14 -25.63 3.47
C LYS C 173 -43.20 -26.30 2.11
N LYS C 174 -44.34 -26.15 1.42
CA LYS C 174 -44.48 -26.77 0.12
C LYS C 174 -43.56 -26.15 -0.92
N ARG C 175 -43.45 -24.83 -0.93
CA ARG C 175 -42.56 -24.18 -1.90
C ARG C 175 -41.11 -24.62 -1.70
N MET C 176 -40.69 -24.80 -0.44
CA MET C 176 -39.30 -25.17 -0.16
C MET C 176 -38.92 -26.44 -0.89
N GLU C 177 -39.87 -27.39 -1.03
CA GLU C 177 -39.58 -28.66 -1.68
C GLU C 177 -39.26 -28.48 -3.15
N PHE C 178 -39.95 -27.56 -3.83
CA PHE C 178 -39.59 -27.20 -5.20
C PHE C 178 -38.26 -26.43 -5.23
N ILE C 179 -38.05 -25.50 -4.30
CA ILE C 179 -36.82 -24.72 -4.29
C ILE C 179 -35.62 -25.66 -4.17
N TYR C 180 -35.67 -26.57 -3.20
CA TYR C 180 -34.53 -27.48 -3.01
C TYR C 180 -34.29 -28.30 -4.27
N ASP C 181 -35.36 -28.82 -4.87
CA ASP C 181 -35.19 -29.65 -6.05
C ASP C 181 -34.56 -28.90 -7.22
N ARG C 182 -34.90 -27.61 -7.37
CA ARG C 182 -34.33 -26.83 -8.46
C ARG C 182 -32.93 -26.29 -8.11
N GLN C 183 -32.65 -26.02 -6.83
CA GLN C 183 -31.26 -25.79 -6.45
C GLN C 183 -30.44 -27.02 -6.76
N LYS C 184 -30.96 -28.21 -6.44
CA LYS C 184 -30.23 -29.45 -6.70
C LYS C 184 -29.95 -29.62 -8.18
N ARG C 185 -30.95 -29.35 -9.04
CA ARG C 185 -30.76 -29.51 -10.48
C ARG C 185 -29.73 -28.53 -11.03
N PHE C 186 -29.75 -27.28 -10.58
CA PHE C 186 -28.67 -26.36 -10.97
C PHE C 186 -27.31 -26.89 -10.50
N ILE C 187 -27.24 -27.35 -9.25
CA ILE C 187 -25.96 -27.76 -8.64
C ILE C 187 -25.34 -28.91 -9.41
N ASN C 188 -26.18 -29.86 -9.85
CA ASN C 188 -25.69 -31.00 -10.62
C ASN C 188 -25.27 -30.60 -12.02
N TYR C 189 -26.00 -29.66 -12.64
CA TYR C 189 -25.57 -29.13 -13.93
C TYR C 189 -24.26 -28.36 -13.78
N TYR C 190 -24.11 -27.58 -12.71
CA TYR C 190 -22.85 -26.90 -12.49
C TYR C 190 -21.72 -27.91 -12.38
N ALA C 191 -21.95 -29.01 -11.64
CA ALA C 191 -20.88 -29.96 -11.36
C ALA C 191 -20.39 -30.65 -12.62
N SER C 192 -21.30 -30.92 -13.58
CA SER C 192 -20.87 -31.49 -14.84
C SER C 192 -20.22 -30.45 -15.75
N GLN C 193 -20.64 -29.19 -15.67
CA GLN C 193 -20.01 -28.15 -16.49
C GLN C 193 -18.61 -27.77 -15.98
N ILE C 194 -18.43 -27.64 -14.66
CA ILE C 194 -17.13 -27.20 -14.15
C ILE C 194 -16.08 -28.28 -14.36
N ASN C 195 -16.53 -29.52 -14.58
CA ASN C 195 -15.63 -30.64 -14.79
C ASN C 195 -15.31 -30.91 -16.26
N LYS C 196 -15.56 -29.94 -17.15
CA LYS C 196 -15.17 -30.07 -18.55
C LYS C 196 -13.70 -29.71 -18.76
N PRO C 197 -13.11 -30.11 -19.89
CA PRO C 197 -11.69 -29.80 -20.12
C PRO C 197 -11.39 -28.31 -20.17
N THR C 198 -12.29 -27.51 -20.74
CA THR C 198 -12.24 -26.06 -20.66
C THR C 198 -13.21 -25.63 -19.56
N VAL C 199 -12.70 -24.91 -18.57
CA VAL C 199 -13.51 -24.48 -17.43
C VAL C 199 -14.31 -23.24 -17.81
N PRO C 200 -15.64 -23.30 -17.81
CA PRO C 200 -16.44 -22.10 -18.06
C PRO C 200 -16.53 -21.23 -16.81
N THR C 201 -16.91 -19.97 -17.02
CA THR C 201 -17.19 -19.14 -15.86
C THR C 201 -18.46 -19.59 -15.18
N ILE C 202 -18.62 -19.16 -13.93
CA ILE C 202 -19.86 -19.39 -13.21
C ILE C 202 -21.04 -18.81 -14.00
N ASP C 203 -20.87 -17.61 -14.56
CA ASP C 203 -21.95 -16.99 -15.31
C ASP C 203 -22.22 -17.70 -16.63
N ASP C 204 -21.19 -18.27 -17.27
CA ASP C 204 -21.42 -19.10 -18.44
C ASP C 204 -22.39 -20.22 -18.10
N ILE C 205 -22.16 -20.90 -16.97
CA ILE C 205 -22.99 -22.02 -16.54
C ILE C 205 -24.39 -21.56 -16.17
N ILE C 206 -24.50 -20.47 -15.42
CA ILE C 206 -25.82 -19.99 -15.00
C ILE C 206 -26.64 -19.56 -16.20
N LYS C 207 -26.04 -18.80 -17.12
CA LYS C 207 -26.72 -18.35 -18.33
C LYS C 207 -27.28 -19.53 -19.11
N SER C 208 -26.45 -20.55 -19.34
CA SER C 208 -26.89 -21.73 -20.07
C SER C 208 -28.06 -22.42 -19.38
N HIS C 209 -28.01 -22.56 -18.05
CA HIS C 209 -29.09 -23.22 -17.34
C HIS C 209 -30.38 -22.40 -17.38
N LEU C 210 -30.27 -21.08 -17.26
CA LEU C 210 -31.47 -20.23 -17.29
C LEU C 210 -32.13 -20.26 -18.66
N VAL C 211 -31.34 -20.18 -19.74
CA VAL C 211 -31.88 -20.25 -21.09
C VAL C 211 -32.53 -21.62 -21.32
N SER C 212 -31.80 -22.68 -20.95
CA SER C 212 -32.27 -24.04 -21.17
C SER C 212 -33.53 -24.35 -20.36
N GLU C 213 -33.51 -24.07 -19.06
CA GLU C 213 -34.55 -24.57 -18.18
C GLU C 213 -35.67 -23.59 -17.96
N TYR C 214 -35.36 -22.29 -17.93
CA TYR C 214 -36.27 -21.25 -17.47
C TYR C 214 -36.71 -20.29 -18.57
N ASN C 215 -36.33 -20.57 -19.82
CA ASN C 215 -36.71 -19.74 -20.97
C ASN C 215 -36.26 -18.29 -20.82
N ARG C 216 -35.12 -18.06 -20.17
CA ARG C 216 -34.56 -16.73 -20.16
C ARG C 216 -33.91 -16.45 -21.50
N ASP C 217 -33.98 -15.19 -21.94
CA ASP C 217 -33.39 -14.77 -23.20
C ASP C 217 -31.87 -14.55 -23.03
N GLU C 218 -31.08 -15.23 -23.87
CA GLU C 218 -29.63 -15.19 -23.74
C GLU C 218 -29.09 -13.79 -23.86
N THR C 219 -29.52 -13.04 -24.87
CA THR C 219 -28.98 -11.70 -25.09
C THR C 219 -29.32 -10.76 -23.93
N VAL C 220 -30.53 -10.86 -23.38
CA VAL C 220 -30.85 -10.04 -22.21
C VAL C 220 -29.91 -10.39 -21.04
N LEU C 221 -29.65 -11.68 -20.82
CA LEU C 221 -28.77 -12.09 -19.73
C LEU C 221 -27.35 -11.57 -19.95
N GLU C 222 -26.84 -11.69 -21.17
CA GLU C 222 -25.48 -11.27 -21.47
C GLU C 222 -25.34 -9.75 -21.37
N SER C 223 -26.34 -9.02 -21.85
CA SER C 223 -26.32 -7.56 -21.74
C SER C 223 -26.41 -7.12 -20.27
N TYR C 224 -27.24 -7.77 -19.44
CA TYR C 224 -27.24 -7.47 -18.00
C TYR C 224 -25.89 -7.83 -17.34
N ARG C 225 -25.30 -8.96 -17.72
CA ARG C 225 -23.99 -9.33 -17.18
C ARG C 225 -22.94 -8.28 -17.54
N THR C 226 -22.90 -7.90 -18.83
CA THR C 226 -21.95 -6.90 -19.32
C THR C 226 -22.15 -5.54 -18.66
N ASN C 227 -23.41 -5.12 -18.48
CA ASN C 227 -23.70 -3.85 -17.83
C ASN C 227 -23.33 -3.87 -16.35
N SER C 228 -23.53 -5.02 -15.69
CA SER C 228 -23.18 -5.14 -14.27
C SER C 228 -21.69 -4.96 -14.06
N LEU C 229 -20.86 -5.53 -14.94
CA LEU C 229 -19.40 -5.38 -14.84
C LEU C 229 -18.96 -3.94 -15.11
N ARG C 230 -19.53 -3.31 -16.14
CA ARG C 230 -19.21 -1.92 -16.44
C ARG C 230 -19.58 -1.00 -15.28
N LYS C 231 -20.80 -1.14 -14.76
CA LYS C 231 -21.23 -0.26 -13.67
C LYS C 231 -20.35 -0.44 -12.43
N ILE C 232 -20.07 -1.68 -12.04
CA ILE C 232 -19.29 -1.85 -10.81
C ILE C 232 -17.86 -1.34 -11.01
N ASN C 233 -17.28 -1.58 -12.19
CA ASN C 233 -15.94 -1.11 -12.48
C ASN C 233 -15.83 0.40 -12.45
N SER C 234 -16.90 1.12 -12.84
CA SER C 234 -16.94 2.58 -12.81
C SER C 234 -17.16 3.16 -11.41
N ASN C 235 -17.44 2.31 -10.42
CA ASN C 235 -17.84 2.72 -9.08
C ASN C 235 -17.01 2.01 -8.01
N HIS C 236 -15.68 2.09 -8.14
CA HIS C 236 -14.70 1.56 -7.19
C HIS C 236 -14.61 0.04 -7.19
N GLY C 237 -15.16 -0.65 -8.19
CA GLY C 237 -15.23 -2.10 -8.14
C GLY C 237 -13.85 -2.73 -8.17
N ILE C 238 -13.67 -3.80 -7.38
CA ILE C 238 -12.47 -4.62 -7.44
C ILE C 238 -12.87 -6.08 -7.28
N ASP C 239 -12.32 -6.96 -8.13
CA ASP C 239 -12.82 -8.33 -8.25
C ASP C 239 -12.19 -9.22 -7.18
N ILE C 240 -13.03 -9.98 -6.46
CA ILE C 240 -12.51 -10.87 -5.43
C ILE C 240 -11.69 -11.99 -6.03
N ARG C 241 -12.01 -12.42 -7.26
CA ARG C 241 -11.32 -13.56 -7.86
C ARG C 241 -9.90 -13.22 -8.28
N ALA C 242 -9.64 -12.01 -8.78
CA ALA C 242 -8.37 -11.72 -9.42
C ALA C 242 -7.37 -11.01 -8.51
N ASN C 243 -7.71 -10.73 -7.26
CA ASN C 243 -6.86 -9.92 -6.38
C ASN C 243 -6.42 -10.70 -5.16
N SER C 244 -6.29 -12.04 -5.32
CA SER C 244 -5.75 -12.96 -4.31
C SER C 244 -6.40 -12.76 -2.94
N LEU C 245 -7.67 -12.37 -2.93
CA LEU C 245 -8.44 -12.37 -1.70
C LEU C 245 -8.52 -13.76 -1.11
N PHE C 246 -8.78 -14.77 -1.93
CA PHE C 246 -8.86 -16.15 -1.45
C PHE C 246 -7.48 -16.81 -1.61
N THR C 247 -6.90 -17.25 -0.49
CA THR C 247 -5.66 -18.00 -0.51
C THR C 247 -5.84 -19.42 -0.01
N GLU C 248 -6.96 -19.75 0.62
CA GLU C 248 -7.21 -21.10 1.09
C GLU C 248 -8.40 -21.69 0.34
N GLN C 249 -8.21 -22.86 -0.25
CA GLN C 249 -9.30 -23.55 -0.92
C GLN C 249 -10.47 -23.79 0.03
N GLU C 250 -10.20 -24.08 1.31
CA GLU C 250 -11.29 -24.33 2.25
C GLU C 250 -12.19 -23.12 2.39
N LEU C 251 -11.61 -21.92 2.44
CA LEU C 251 -12.42 -20.71 2.53
C LEU C 251 -13.14 -20.43 1.21
N LEU C 252 -12.48 -20.67 0.09
CA LEU C 252 -13.13 -20.47 -1.20
C LEU C 252 -14.30 -21.43 -1.37
N ASN C 253 -14.15 -22.68 -0.89
CA ASN C 253 -15.25 -23.63 -1.00
C ASN C 253 -16.46 -23.21 -0.18
N ILE C 254 -16.24 -22.67 1.03
CA ILE C 254 -17.35 -22.21 1.86
C ILE C 254 -18.06 -21.05 1.20
N TYR C 255 -17.29 -20.05 0.74
CA TYR C 255 -17.89 -18.95 -0.01
C TYR C 255 -18.72 -19.49 -1.16
N SER C 256 -18.19 -20.52 -1.85
CA SER C 256 -18.80 -21.08 -3.05
C SER C 256 -20.07 -21.88 -2.74
N GLN C 257 -20.08 -22.59 -1.61
CA GLN C 257 -21.27 -23.34 -1.25
C GLN C 257 -22.41 -22.41 -0.90
N GLU C 258 -22.11 -21.25 -0.33
CA GLU C 258 -23.16 -20.25 -0.15
C GLU C 258 -23.53 -19.59 -1.48
N LEU C 259 -22.53 -19.22 -2.29
CA LEU C 259 -22.82 -18.54 -3.54
C LEU C 259 -23.62 -19.42 -4.50
N LEU C 260 -23.23 -20.69 -4.65
CA LEU C 260 -23.77 -21.56 -5.69
C LEU C 260 -24.84 -22.53 -5.17
N ASN C 261 -24.58 -23.25 -4.08
CA ASN C 261 -25.57 -24.23 -3.64
C ASN C 261 -26.81 -23.57 -3.06
N ARG C 262 -26.61 -22.55 -2.22
CA ARG C 262 -27.69 -22.00 -1.41
C ARG C 262 -28.21 -20.66 -1.91
N GLY C 263 -27.45 -19.95 -2.74
CA GLY C 263 -27.83 -18.60 -3.12
C GLY C 263 -27.90 -17.62 -1.97
N ASN C 264 -27.04 -17.79 -0.96
CA ASN C 264 -27.06 -16.91 0.20
C ASN C 264 -25.92 -15.91 0.04
N LEU C 265 -26.26 -14.76 -0.54
CA LEU C 265 -25.28 -13.71 -0.80
C LEU C 265 -24.84 -13.00 0.46
N ALA C 266 -25.68 -12.94 1.50
CA ALA C 266 -25.20 -12.36 2.76
C ALA C 266 -24.15 -13.26 3.39
N ALA C 267 -24.38 -14.58 3.34
CA ALA C 267 -23.39 -15.52 3.85
C ALA C 267 -22.11 -15.50 3.02
N ALA C 268 -22.21 -15.35 1.71
CA ALA C 268 -20.98 -15.26 0.91
C ALA C 268 -20.23 -13.98 1.22
N SER C 269 -20.96 -12.86 1.34
CA SER C 269 -20.38 -11.59 1.74
C SER C 269 -19.73 -11.66 3.11
N ASP C 270 -20.26 -12.51 4.00
CA ASP C 270 -19.67 -12.71 5.33
C ASP C 270 -18.24 -13.18 5.22
N ILE C 271 -17.96 -14.05 4.24
CA ILE C 271 -16.59 -14.51 4.03
C ILE C 271 -15.73 -13.40 3.46
N VAL C 272 -16.24 -12.73 2.41
CA VAL C 272 -15.44 -11.74 1.68
C VAL C 272 -14.96 -10.64 2.61
N ARG C 273 -15.86 -10.11 3.47
CA ARG C 273 -15.48 -8.97 4.29
C ARG C 273 -14.31 -9.30 5.23
N LEU C 274 -14.23 -10.54 5.71
CA LEU C 274 -13.13 -10.92 6.60
C LEU C 274 -11.81 -11.00 5.84
N LEU C 275 -11.85 -11.49 4.61
CA LEU C 275 -10.61 -11.58 3.83
C LEU C 275 -10.14 -10.20 3.39
N ALA C 276 -11.10 -9.32 3.06
CA ALA C 276 -10.74 -7.94 2.72
C ALA C 276 -10.00 -7.27 3.86
N LEU C 277 -10.54 -7.39 5.08
CA LEU C 277 -9.89 -6.80 6.25
C LEU C 277 -8.56 -7.48 6.53
N LYS C 278 -8.51 -8.80 6.41
CA LYS C 278 -7.27 -9.53 6.68
C LYS C 278 -6.17 -9.08 5.72
N ASN C 279 -6.49 -8.91 4.44
CA ASN C 279 -5.49 -8.58 3.44
C ASN C 279 -5.19 -7.09 3.37
N PHE C 280 -6.13 -6.23 3.74
CA PHE C 280 -5.90 -4.81 3.53
C PHE C 280 -6.05 -3.93 4.79
N GLY C 281 -6.84 -4.38 5.76
CA GLY C 281 -7.21 -3.50 6.85
C GLY C 281 -8.22 -2.43 6.46
N GLY C 282 -8.80 -1.78 7.48
CA GLY C 282 -9.65 -0.63 7.29
C GLY C 282 -11.01 -0.87 7.93
N VAL C 283 -12.06 -0.33 7.29
CA VAL C 283 -13.44 -0.39 7.77
C VAL C 283 -14.25 -1.16 6.74
N TYR C 284 -15.01 -2.15 7.20
CA TYR C 284 -15.97 -2.85 6.34
C TYR C 284 -17.36 -2.34 6.67
N LEU C 285 -18.14 -2.01 5.63
CA LEU C 285 -19.52 -1.55 5.78
C LEU C 285 -20.46 -2.28 4.81
N ASP C 286 -21.57 -2.81 5.34
CA ASP C 286 -22.71 -3.18 4.51
C ASP C 286 -23.20 -1.96 3.74
N VAL C 287 -23.66 -2.17 2.51
CA VAL C 287 -24.03 -1.03 1.66
C VAL C 287 -25.25 -0.27 2.19
N ASP C 288 -25.96 -0.80 3.19
CA ASP C 288 -27.04 -0.05 3.82
C ASP C 288 -26.59 0.75 5.05
N MET C 289 -25.29 0.82 5.32
CA MET C 289 -24.83 1.66 6.43
C MET C 289 -24.59 3.07 5.95
N LEU C 290 -24.80 4.02 6.85
CA LEU C 290 -24.66 5.44 6.58
C LEU C 290 -23.80 6.07 7.66
N PRO C 291 -23.13 7.19 7.34
CA PRO C 291 -22.28 7.86 8.34
C PRO C 291 -23.07 8.27 9.58
N GLY C 292 -22.35 8.37 10.70
CA GLY C 292 -22.98 8.76 11.95
C GLY C 292 -23.43 10.22 11.91
N ILE C 293 -24.58 10.48 12.52
CA ILE C 293 -25.06 11.85 12.60
C ILE C 293 -24.21 12.61 13.60
N HIS C 294 -23.86 13.84 13.27
CA HIS C 294 -23.10 14.66 14.19
C HIS C 294 -23.72 14.62 15.58
N SER C 295 -22.89 14.31 16.56
CA SER C 295 -23.40 14.38 17.92
C SER C 295 -23.79 15.81 18.23
N ASP C 296 -24.96 15.96 18.86
CA ASP C 296 -25.62 17.20 19.25
C ASP C 296 -26.46 17.83 18.13
N LEU C 297 -26.50 17.26 16.92
CA LEU C 297 -27.32 17.85 15.87
C LEU C 297 -28.81 17.88 16.26
N PHE C 298 -29.29 16.80 16.88
CA PHE C 298 -30.68 16.71 17.30
C PHE C 298 -30.83 16.64 18.82
N LYS C 299 -29.87 17.23 19.56
CA LYS C 299 -29.87 17.13 21.02
C LYS C 299 -31.12 17.75 21.65
N THR C 300 -31.69 18.78 21.02
CA THR C 300 -32.83 19.50 21.59
C THR C 300 -34.18 18.92 21.17
N ILE C 301 -34.21 17.90 20.33
CA ILE C 301 -35.45 17.17 20.03
C ILE C 301 -35.48 15.93 20.92
N SER C 302 -36.43 15.90 21.85
CA SER C 302 -36.57 14.78 22.76
C SER C 302 -37.39 13.68 22.10
N ARG C 303 -37.12 12.45 22.47
CA ARG C 303 -37.82 11.51 21.60
C ARG C 303 -39.16 11.07 22.20
N PRO C 304 -40.24 11.11 21.42
CA PRO C 304 -41.56 10.80 21.96
C PRO C 304 -41.62 9.41 22.59
N SER C 305 -42.34 9.31 23.70
CA SER C 305 -42.50 8.02 24.35
C SER C 305 -43.04 6.97 23.40
N SER C 306 -43.85 7.38 22.43
CA SER C 306 -44.44 6.42 21.51
C SER C 306 -43.47 5.91 20.44
N ILE C 307 -42.26 6.47 20.36
CA ILE C 307 -41.31 6.11 19.31
C ILE C 307 -40.20 5.25 19.91
N GLY C 308 -40.08 4.03 19.40
CA GLY C 308 -38.95 3.18 19.78
C GLY C 308 -37.63 3.77 19.32
N LEU C 309 -36.56 3.36 20.02
CA LEU C 309 -35.25 3.95 19.81
C LEU C 309 -34.75 3.73 18.39
N ASP C 310 -34.86 2.51 17.88
CA ASP C 310 -34.43 2.24 16.52
C ASP C 310 -35.21 3.09 15.52
N ARG C 311 -36.53 3.14 15.69
CA ARG C 311 -37.36 3.96 14.82
C ARG C 311 -36.99 5.44 14.91
N TRP C 312 -36.58 5.88 16.11
CA TRP C 312 -36.20 7.29 16.29
C TRP C 312 -34.93 7.63 15.52
N GLU C 313 -33.92 6.77 15.57
CA GLU C 313 -32.77 6.96 14.71
C GLU C 313 -33.18 7.01 13.24
N MET C 314 -34.08 6.12 12.83
CA MET C 314 -34.57 6.14 11.46
C MET C 314 -35.21 7.50 11.14
N ILE C 315 -35.87 8.11 12.13
CA ILE C 315 -36.57 9.39 11.93
C ILE C 315 -35.57 10.48 11.57
N LYS C 316 -34.45 10.54 12.29
CA LYS C 316 -33.46 11.58 12.02
C LYS C 316 -32.94 11.50 10.59
N LEU C 317 -32.65 10.28 10.13
CA LEU C 317 -32.18 10.10 8.76
C LEU C 317 -33.24 10.51 7.74
N GLU C 318 -34.48 10.06 7.95
CA GLU C 318 -35.58 10.48 7.09
C GLU C 318 -35.71 12.00 7.08
N ALA C 319 -35.55 12.62 8.25
CA ALA C 319 -35.65 14.07 8.37
C ALA C 319 -34.57 14.76 7.55
N ILE C 320 -33.30 14.33 7.71
CA ILE C 320 -32.22 14.92 6.93
C ILE C 320 -32.48 14.77 5.44
N MET C 321 -32.94 13.59 5.01
CA MET C 321 -33.12 13.38 3.58
C MET C 321 -34.32 14.16 3.04
N LYS C 322 -35.33 14.39 3.87
CA LYS C 322 -36.49 15.16 3.44
C LYS C 322 -36.09 16.56 3.00
N TYR C 323 -35.19 17.20 3.75
CA TYR C 323 -34.84 18.60 3.54
C TYR C 323 -33.50 18.81 2.85
N LYS C 324 -32.64 17.80 2.79
CA LYS C 324 -31.38 17.91 2.07
C LYS C 324 -31.34 17.10 0.79
N LYS C 325 -32.17 16.06 0.68
CA LYS C 325 -32.27 15.22 -0.49
C LYS C 325 -30.91 14.66 -0.91
N TYR C 326 -30.05 14.36 0.08
CA TYR C 326 -28.74 13.78 -0.22
C TYR C 326 -28.88 12.47 -0.97
N ILE C 327 -29.81 11.62 -0.55
CA ILE C 327 -30.08 10.34 -1.20
C ILE C 327 -31.41 10.47 -1.94
N ASN C 328 -31.40 10.19 -3.24
CA ASN C 328 -32.62 10.31 -4.06
C ASN C 328 -33.62 9.24 -3.64
N ASN C 329 -34.87 9.66 -3.47
CA ASN C 329 -36.00 8.76 -3.21
C ASN C 329 -35.86 8.03 -1.88
N TYR C 330 -35.17 8.65 -0.92
CA TYR C 330 -35.16 8.16 0.44
C TYR C 330 -36.54 8.33 1.05
N THR C 331 -37.01 7.31 1.76
CA THR C 331 -38.37 7.33 2.27
C THR C 331 -38.56 8.46 3.28
N SER C 332 -39.81 8.91 3.38
CA SER C 332 -40.26 9.84 4.41
C SER C 332 -41.42 9.23 5.19
N GLU C 333 -41.74 7.95 4.91
CA GLU C 333 -42.95 7.30 5.41
C GLU C 333 -43.09 7.41 6.92
N ASN C 334 -42.00 7.22 7.66
CA ASN C 334 -42.05 7.42 9.10
C ASN C 334 -42.06 8.90 9.47
N PHE C 335 -41.18 9.70 8.86
CA PHE C 335 -41.15 11.12 9.19
C PHE C 335 -42.46 11.81 8.82
N ASP C 336 -43.17 11.31 7.81
CA ASP C 336 -44.40 11.95 7.35
C ASP C 336 -45.59 11.70 8.26
N LYS C 337 -45.47 10.78 9.22
CA LYS C 337 -46.52 10.55 10.20
C LYS C 337 -46.27 11.28 11.52
N LEU C 338 -45.18 12.03 11.66
CA LEU C 338 -44.96 12.71 12.92
C LEU C 338 -45.95 13.84 13.11
N ASP C 339 -46.15 14.21 14.37
CA ASP C 339 -46.89 15.42 14.71
C ASP C 339 -46.26 16.61 14.01
N GLN C 340 -47.08 17.60 13.67
CA GLN C 340 -46.60 18.72 12.86
C GLN C 340 -45.54 19.53 13.57
N GLN C 341 -45.64 19.69 14.90
CA GLN C 341 -44.63 20.49 15.58
C GLN C 341 -43.27 19.80 15.57
N LEU C 342 -43.26 18.48 15.54
CA LEU C 342 -41.99 17.77 15.48
C LEU C 342 -41.36 17.90 14.10
N LYS C 343 -42.17 17.79 13.05
CA LYS C 343 -41.72 17.95 11.70
C LYS C 343 -41.10 19.33 11.58
N ASP C 344 -41.76 20.32 12.16
CA ASP C 344 -41.28 21.69 12.09
C ASP C 344 -39.93 21.87 12.83
N ASN C 345 -39.72 21.13 13.89
CA ASN C 345 -38.49 21.18 14.63
C ASN C 345 -37.30 20.63 13.87
N PHE C 346 -37.50 19.50 13.24
CA PHE C 346 -36.45 18.86 12.49
C PHE C 346 -36.05 19.80 11.38
N LYS C 347 -37.03 20.30 10.65
CA LYS C 347 -36.78 21.20 9.55
C LYS C 347 -35.94 22.40 9.96
N LEU C 348 -36.25 23.03 11.06
CA LEU C 348 -35.48 24.15 11.51
C LEU C 348 -34.02 23.82 11.71
N ILE C 349 -33.70 22.70 12.31
CA ILE C 349 -32.30 22.39 12.51
C ILE C 349 -31.55 22.04 11.24
N ILE C 350 -32.10 21.14 10.47
CA ILE C 350 -31.51 20.69 9.24
C ILE C 350 -31.25 21.84 8.27
N GLU C 351 -32.24 22.71 8.07
CA GLU C 351 -32.07 23.88 7.21
C GLU C 351 -31.11 24.96 7.71
N SER C 352 -30.66 24.91 8.94
CA SER C 352 -29.72 25.87 9.44
C SER C 352 -28.27 25.46 9.19
N LYS C 353 -28.04 24.33 8.55
CA LYS C 353 -26.69 23.88 8.33
C LYS C 353 -26.41 24.04 6.87
N SER C 354 -25.19 24.38 6.52
CA SER C 354 -24.89 24.60 5.11
C SER C 354 -24.16 23.49 4.42
N GLU C 355 -23.38 22.73 5.16
CA GLU C 355 -22.60 21.67 4.55
C GLU C 355 -22.99 20.31 5.10
N LYS C 356 -22.87 19.28 4.25
CA LYS C 356 -23.11 17.91 4.66
C LYS C 356 -22.26 17.56 5.89
N SER C 357 -21.05 18.12 5.95
CA SER C 357 -20.11 17.88 7.04
C SER C 357 -20.59 18.43 8.37
N GLU C 358 -21.64 19.25 8.38
CA GLU C 358 -22.26 19.70 9.63
C GLU C 358 -23.44 18.84 10.04
N ILE C 359 -23.76 17.82 9.25
CA ILE C 359 -24.82 16.88 9.56
C ILE C 359 -24.24 15.53 9.96
N PHE C 360 -23.42 14.94 9.09
CA PHE C 360 -22.71 13.69 9.34
C PHE C 360 -21.29 14.00 9.81
N SER C 361 -20.77 13.12 10.66
CA SER C 361 -19.42 13.25 11.20
C SER C 361 -18.43 12.40 10.40
N LYS C 362 -17.16 12.81 10.45
CA LYS C 362 -16.07 12.18 9.72
C LYS C 362 -15.48 11.01 10.51
N LEU C 363 -15.05 9.96 9.81
CA LEU C 363 -14.32 8.91 10.51
C LEU C 363 -12.99 9.43 11.07
N GLU C 364 -12.26 10.23 10.28
CA GLU C 364 -10.93 10.75 10.65
C GLU C 364 -10.06 9.57 11.09
N ASN C 365 -9.33 9.68 12.21
CA ASN C 365 -8.53 8.57 12.73
C ASN C 365 -9.39 7.66 13.60
N LEU C 366 -9.37 6.36 13.29
CA LEU C 366 -10.04 5.33 14.07
C LEU C 366 -8.94 4.49 14.72
N ASN C 367 -8.63 4.81 15.98
CA ASN C 367 -7.52 4.16 16.67
C ASN C 367 -7.93 2.76 17.12
N VAL C 368 -7.14 1.76 16.72
CA VAL C 368 -7.41 0.39 17.13
C VAL C 368 -6.07 -0.28 17.41
N SER C 369 -6.13 -1.33 18.23
CA SER C 369 -4.98 -2.21 18.41
C SER C 369 -4.79 -3.07 17.17
N ASP C 370 -3.51 -3.34 16.86
CA ASP C 370 -3.29 -4.20 15.71
C ASP C 370 -3.68 -5.65 15.98
N LEU C 371 -4.06 -5.98 17.23
CA LEU C 371 -4.58 -7.30 17.58
C LEU C 371 -6.08 -7.49 17.34
N GLU C 372 -6.86 -6.41 17.26
CA GLU C 372 -8.28 -6.56 17.51
C GLU C 372 -9.12 -6.42 16.22
N ILE C 373 -10.42 -6.64 16.36
CA ILE C 373 -11.41 -6.22 15.37
C ILE C 373 -12.56 -5.58 16.15
N LYS C 374 -12.98 -4.39 15.74
CA LYS C 374 -14.12 -3.75 16.36
C LYS C 374 -15.36 -4.05 15.53
N ILE C 375 -16.54 -3.97 16.18
CA ILE C 375 -17.79 -4.44 15.57
C ILE C 375 -18.95 -3.61 16.09
N ALA C 376 -19.94 -3.38 15.23
CA ALA C 376 -21.15 -2.70 15.65
C ALA C 376 -21.99 -3.60 16.55
N PHE C 377 -22.94 -2.99 17.25
CA PHE C 377 -23.82 -3.68 18.17
C PHE C 377 -25.26 -3.37 17.79
N ALA C 378 -26.13 -4.35 18.01
CA ALA C 378 -27.57 -4.17 17.96
C ALA C 378 -28.19 -4.99 19.07
N LEU C 379 -29.10 -4.39 19.83
CA LEU C 379 -29.84 -5.07 20.89
C LEU C 379 -28.90 -5.73 21.91
N GLY C 380 -27.76 -5.06 22.16
CA GLY C 380 -26.77 -5.54 23.11
C GLY C 380 -25.85 -6.65 22.60
N SER C 381 -25.99 -7.06 21.35
CA SER C 381 -25.21 -8.15 20.77
C SER C 381 -24.45 -7.67 19.55
N VAL C 382 -23.33 -8.34 19.23
CA VAL C 382 -22.51 -7.86 18.13
C VAL C 382 -23.20 -8.13 16.80
N ILE C 383 -22.99 -7.24 15.84
CA ILE C 383 -23.58 -7.43 14.50
C ILE C 383 -22.54 -6.99 13.47
N ASN C 384 -22.19 -7.89 12.54
CA ASN C 384 -21.01 -7.71 11.69
C ASN C 384 -21.28 -6.82 10.47
N GLN C 385 -22.32 -5.99 10.51
CA GLN C 385 -22.66 -5.11 9.40
C GLN C 385 -21.71 -3.92 9.31
N ALA C 386 -20.90 -3.68 10.34
CA ALA C 386 -19.79 -2.74 10.30
C ALA C 386 -18.66 -3.28 11.15
N LEU C 387 -17.42 -3.21 10.63
CA LEU C 387 -16.25 -3.77 11.27
C LEU C 387 -15.05 -2.84 11.08
N ILE C 388 -14.09 -2.91 12.00
CA ILE C 388 -12.84 -2.17 11.92
C ILE C 388 -11.71 -3.11 12.31
N SER C 389 -10.69 -3.21 11.45
CA SER C 389 -9.52 -4.01 11.80
C SER C 389 -8.35 -3.61 10.92
N LYS C 390 -7.16 -3.52 11.52
CA LYS C 390 -5.92 -3.37 10.80
C LYS C 390 -5.62 -4.65 10.00
N GLN C 391 -4.79 -4.49 8.98
CA GLN C 391 -4.43 -5.63 8.16
C GLN C 391 -3.86 -6.77 9.01
N GLY C 392 -4.31 -7.98 8.71
CA GLY C 392 -3.77 -9.19 9.30
C GLY C 392 -3.96 -9.31 10.80
N SER C 393 -4.95 -8.63 11.38
CA SER C 393 -5.11 -8.66 12.83
C SER C 393 -5.39 -10.07 13.36
N TYR C 394 -4.83 -10.36 14.55
CA TYR C 394 -5.00 -11.68 15.16
C TYR C 394 -6.46 -12.03 15.36
N LEU C 395 -7.27 -11.07 15.82
CA LEU C 395 -8.66 -11.40 16.12
C LEU C 395 -9.45 -11.63 14.83
N THR C 396 -9.10 -10.93 13.76
CA THR C 396 -9.71 -11.23 12.46
C THR C 396 -9.45 -12.67 12.08
N ASN C 397 -8.24 -13.16 12.35
CA ASN C 397 -7.93 -14.55 12.04
C ASN C 397 -8.65 -15.50 12.99
N LEU C 398 -8.95 -15.07 14.22
CA LEU C 398 -9.76 -15.89 15.11
C LEU C 398 -11.18 -16.10 14.55
N VAL C 399 -11.82 -15.04 14.06
CA VAL C 399 -13.15 -15.18 13.46
C VAL C 399 -13.08 -16.12 12.27
N ILE C 400 -12.07 -15.96 11.42
CA ILE C 400 -11.94 -16.81 10.24
C ILE C 400 -11.81 -18.28 10.66
N GLU C 401 -10.99 -18.54 11.68
CA GLU C 401 -10.91 -19.89 12.26
C GLU C 401 -12.26 -20.35 12.81
N GLN C 402 -12.98 -19.48 13.52
CA GLN C 402 -14.31 -19.86 14.00
C GLN C 402 -15.22 -20.28 12.84
N VAL C 403 -15.19 -19.53 11.74
CA VAL C 403 -16.04 -19.84 10.59
C VAL C 403 -15.66 -21.19 9.99
N LYS C 404 -14.35 -21.41 9.76
CA LYS C 404 -13.90 -22.70 9.23
C LYS C 404 -14.31 -23.85 10.15
N ASN C 405 -14.18 -23.66 11.46
CA ASN C 405 -14.57 -24.69 12.42
C ASN C 405 -16.04 -25.02 12.31
N ARG C 406 -16.89 -23.98 12.23
CA ARG C 406 -18.32 -24.20 12.19
C ARG C 406 -18.75 -24.83 10.88
N TYR C 407 -18.12 -24.45 9.76
CA TYR C 407 -18.47 -25.07 8.49
C TYR C 407 -17.94 -26.48 8.40
N GLN C 408 -16.80 -26.77 9.06
CA GLN C 408 -16.34 -28.15 9.12
C GLN C 408 -17.38 -29.05 9.77
N PHE C 409 -17.96 -28.59 10.87
CA PHE C 409 -18.97 -29.39 11.56
C PHE C 409 -20.23 -29.51 10.70
N LEU C 410 -20.73 -28.38 10.19
CA LEU C 410 -21.93 -28.41 9.34
C LEU C 410 -21.76 -29.36 8.17
N ASN C 411 -20.68 -29.20 7.40
CA ASN C 411 -20.53 -29.98 6.17
C ASN C 411 -20.32 -31.46 6.47
N GLN C 412 -19.68 -31.80 7.59
CA GLN C 412 -19.53 -33.20 7.97
C GLN C 412 -20.90 -33.87 8.12
N HIS C 413 -21.84 -33.17 8.75
CA HIS C 413 -23.16 -33.76 8.98
C HIS C 413 -24.15 -33.47 7.86
N LEU C 414 -23.89 -32.47 7.02
CA LEU C 414 -24.79 -32.11 5.93
C LEU C 414 -24.49 -32.86 4.64
N ASN C 415 -23.21 -33.01 4.31
CA ASN C 415 -22.83 -33.61 3.03
C ASN C 415 -23.43 -34.99 2.79
N PRO C 416 -23.48 -35.92 3.75
CA PRO C 416 -24.15 -37.21 3.46
C PRO C 416 -25.62 -37.05 3.13
N ALA C 417 -26.31 -36.07 3.74
CA ALA C 417 -27.71 -35.84 3.39
C ALA C 417 -27.82 -35.24 1.99
N ILE C 418 -27.11 -34.13 1.75
CA ILE C 418 -27.16 -33.46 0.45
C ILE C 418 -26.82 -34.43 -0.67
N GLU C 419 -25.73 -35.19 -0.49
CA GLU C 419 -25.22 -36.05 -1.55
C GLU C 419 -26.12 -37.24 -1.85
N SER C 420 -27.08 -37.55 -0.97
CA SER C 420 -27.84 -38.79 -1.11
C SER C 420 -28.95 -38.69 -2.14
N ASP C 421 -29.17 -37.52 -2.72
CA ASP C 421 -30.16 -37.33 -3.80
C ASP C 421 -31.53 -37.86 -3.38
N ASN C 422 -31.92 -37.51 -2.15
CA ASN C 422 -33.30 -37.58 -1.69
C ASN C 422 -33.96 -36.22 -1.92
N ASN C 423 -35.27 -36.16 -1.67
CA ASN C 423 -35.98 -34.91 -1.80
C ASN C 423 -35.74 -34.06 -0.54
N PHE C 424 -36.37 -32.88 -0.49
CA PHE C 424 -36.13 -31.95 0.60
C PHE C 424 -36.44 -32.59 1.96
N THR C 425 -37.60 -33.27 2.05
CA THR C 425 -38.08 -33.78 3.33
C THR C 425 -37.20 -34.90 3.87
N ASP C 426 -36.77 -35.81 2.99
CA ASP C 426 -35.94 -36.92 3.43
C ASP C 426 -34.52 -36.45 3.72
N THR C 427 -33.98 -35.58 2.85
CA THR C 427 -32.68 -34.96 3.09
C THR C 427 -32.65 -34.23 4.43
N THR C 428 -33.67 -33.40 4.69
CA THR C 428 -33.72 -32.68 5.95
C THR C 428 -33.71 -33.64 7.14
N LYS C 429 -34.42 -34.76 7.01
CA LYS C 429 -34.49 -35.72 8.12
C LYS C 429 -33.14 -36.38 8.36
N ILE C 430 -32.45 -36.78 7.29
CA ILE C 430 -31.11 -37.35 7.44
C ILE C 430 -30.18 -36.35 8.11
N PHE C 431 -30.14 -35.12 7.58
CA PHE C 431 -29.31 -34.07 8.17
C PHE C 431 -29.61 -33.92 9.65
N HIS C 432 -30.89 -33.83 10.01
CA HIS C 432 -31.29 -33.61 11.40
C HIS C 432 -30.92 -34.80 12.28
N ASP C 433 -31.10 -36.03 11.78
CA ASP C 433 -30.72 -37.20 12.57
C ASP C 433 -29.22 -37.20 12.85
N SER C 434 -28.42 -36.86 11.83
CA SER C 434 -26.97 -36.81 12.00
C SER C 434 -26.58 -35.79 13.07
N LEU C 435 -27.24 -34.63 13.08
CA LEU C 435 -26.99 -33.63 14.13
C LEU C 435 -27.37 -34.16 15.51
N PHE C 436 -28.58 -34.70 15.64
CA PHE C 436 -29.05 -35.13 16.96
C PHE C 436 -28.15 -36.21 17.55
N ASN C 437 -27.64 -37.11 16.70
CA ASN C 437 -26.75 -38.15 17.17
C ASN C 437 -25.47 -37.57 17.77
N SER C 438 -25.01 -36.43 17.24
CA SER C 438 -23.76 -35.80 17.67
C SER C 438 -23.97 -34.80 18.80
N ALA C 439 -25.19 -34.70 19.33
CA ALA C 439 -25.48 -33.69 20.33
C ALA C 439 -24.74 -33.96 21.63
N THR C 440 -24.08 -32.93 22.14
CA THR C 440 -23.49 -32.87 23.48
C THR C 440 -24.07 -31.66 24.22
N ALA C 441 -23.68 -31.52 25.49
CA ALA C 441 -24.07 -30.33 26.23
C ALA C 441 -23.28 -29.09 25.80
N GLU C 442 -22.09 -29.28 25.22
CA GLU C 442 -21.27 -28.15 24.80
C GLU C 442 -21.69 -27.58 23.45
N ASN C 443 -22.51 -28.30 22.68
CA ASN C 443 -22.87 -27.84 21.34
C ASN C 443 -24.36 -27.86 21.06
N SER C 444 -25.19 -28.15 22.07
CA SER C 444 -26.62 -28.39 21.83
C SER C 444 -27.31 -27.19 21.19
N MET C 445 -27.05 -25.99 21.70
CA MET C 445 -27.69 -24.79 21.14
C MET C 445 -27.18 -24.52 19.71
N PHE C 446 -25.89 -24.74 19.46
CA PHE C 446 -25.35 -24.54 18.12
C PHE C 446 -26.04 -25.44 17.10
N LEU C 447 -26.23 -26.72 17.45
CA LEU C 447 -26.88 -27.66 16.56
C LEU C 447 -28.31 -27.24 16.22
N THR C 448 -29.01 -26.68 17.19
CA THR C 448 -30.36 -26.20 16.91
C THR C 448 -30.34 -25.05 15.91
N LYS C 449 -29.36 -24.16 16.05
CA LYS C 449 -29.36 -22.99 15.17
C LYS C 449 -29.05 -23.38 13.73
N ILE C 450 -28.28 -24.45 13.50
CA ILE C 450 -27.94 -24.82 12.13
C ILE C 450 -28.82 -25.92 11.53
N ALA C 451 -29.71 -26.52 12.32
CA ALA C 451 -30.67 -27.47 11.76
C ALA C 451 -31.47 -26.91 10.58
N PRO C 452 -31.96 -25.66 10.59
CA PRO C 452 -32.74 -25.19 9.44
C PRO C 452 -31.92 -24.67 8.26
N TYR C 453 -30.63 -25.05 8.19
CA TYR C 453 -29.70 -24.44 7.24
C TYR C 453 -30.22 -24.41 5.80
N LEU C 454 -30.77 -25.52 5.32
CA LEU C 454 -31.24 -25.56 3.94
C LEU C 454 -32.41 -24.59 3.68
N GLN C 455 -33.14 -24.19 4.72
CA GLN C 455 -34.28 -23.29 4.56
C GLN C 455 -33.91 -21.82 4.61
N VAL C 456 -32.65 -21.50 4.94
CA VAL C 456 -32.27 -20.11 5.12
C VAL C 456 -32.43 -19.36 3.81
N GLY C 457 -33.13 -18.22 3.88
CA GLY C 457 -33.44 -17.43 2.72
C GLY C 457 -34.80 -17.70 2.10
N PHE C 458 -35.47 -18.80 2.47
CA PHE C 458 -36.68 -19.27 1.78
C PHE C 458 -37.83 -19.61 2.70
N MET C 459 -37.59 -19.79 3.99
CA MET C 459 -38.67 -19.95 4.93
C MET C 459 -38.45 -19.03 6.13
N PRO C 460 -39.52 -18.65 6.81
CA PRO C 460 -39.38 -17.67 7.90
C PRO C 460 -38.57 -18.23 9.06
N GLU C 461 -37.86 -17.32 9.73
CA GLU C 461 -37.10 -17.56 10.96
C GLU C 461 -35.94 -18.54 10.78
N ALA C 462 -35.60 -18.92 9.54
CA ALA C 462 -34.43 -19.77 9.30
C ALA C 462 -33.18 -18.88 9.31
N ARG C 463 -32.40 -18.96 10.38
CA ARG C 463 -31.38 -17.95 10.62
C ARG C 463 -30.01 -18.57 10.90
N SER C 464 -29.71 -19.72 10.31
CA SER C 464 -28.46 -20.42 10.64
C SER C 464 -27.20 -19.62 10.32
N THR C 465 -27.28 -18.68 9.38
CA THR C 465 -26.14 -17.87 9.00
C THR C 465 -25.53 -17.15 10.20
N ILE C 466 -26.37 -16.73 11.14
CA ILE C 466 -25.88 -16.02 12.32
C ILE C 466 -24.84 -16.87 13.06
N SER C 467 -25.08 -18.18 13.14
CA SER C 467 -24.22 -19.07 13.87
C SER C 467 -23.03 -19.61 13.07
N LEU C 468 -23.01 -19.40 11.75
CA LEU C 468 -21.97 -19.95 10.88
C LEU C 468 -20.91 -18.93 10.49
N SER C 469 -21.30 -17.86 9.80
CA SER C 469 -20.38 -16.83 9.36
C SER C 469 -20.72 -15.46 9.92
N GLY C 470 -21.80 -15.33 10.67
CA GLY C 470 -22.22 -14.05 11.19
C GLY C 470 -21.81 -13.81 12.64
N PRO C 471 -22.67 -13.09 13.38
CA PRO C 471 -22.29 -12.59 14.72
C PRO C 471 -21.86 -13.68 15.71
N GLY C 472 -22.44 -14.88 15.65
CA GLY C 472 -22.05 -15.94 16.57
C GLY C 472 -20.58 -16.30 16.47
N ALA C 473 -20.04 -16.31 15.25
CA ALA C 473 -18.60 -16.55 15.07
C ALA C 473 -17.78 -15.45 15.74
N TYR C 474 -18.19 -14.19 15.58
CA TYR C 474 -17.46 -13.10 16.19
C TYR C 474 -17.51 -13.17 17.72
N ALA C 475 -18.71 -13.38 18.28
CA ALA C 475 -18.87 -13.44 19.74
C ALA C 475 -17.97 -14.51 20.35
N SER C 476 -17.87 -15.67 19.70
CA SER C 476 -17.00 -16.73 20.19
C SER C 476 -15.54 -16.34 20.03
N ALA C 477 -15.17 -15.75 18.88
CA ALA C 477 -13.80 -15.28 18.69
C ALA C 477 -13.40 -14.29 19.78
N TYR C 478 -14.31 -13.40 20.18
CA TYR C 478 -14.00 -12.45 21.24
C TYR C 478 -13.73 -13.17 22.55
N TYR C 479 -14.53 -14.20 22.85
CA TYR C 479 -14.26 -15.02 24.01
C TYR C 479 -12.90 -15.71 23.91
N ASP C 480 -12.60 -16.31 22.75
CA ASP C 480 -11.28 -16.88 22.50
C ASP C 480 -10.17 -15.87 22.83
N PHE C 481 -10.31 -14.66 22.27
CA PHE C 481 -9.25 -13.67 22.40
C PHE C 481 -9.03 -13.27 23.86
N ILE C 482 -10.12 -13.02 24.58
CA ILE C 482 -10.01 -12.49 25.94
C ILE C 482 -9.37 -13.52 26.86
N ASN C 483 -9.70 -14.80 26.65
CA ASN C 483 -9.28 -15.90 27.50
C ASN C 483 -8.16 -16.74 26.89
N LEU C 484 -7.54 -16.28 25.80
CA LEU C 484 -6.37 -16.92 25.20
C LEU C 484 -6.66 -18.37 24.80
N GLN C 485 -7.82 -18.61 24.22
CA GLN C 485 -8.22 -19.94 23.76
C GLN C 485 -8.53 -19.89 22.25
N GLU C 486 -8.93 -21.05 21.72
CA GLU C 486 -9.37 -21.17 20.34
C GLU C 486 -10.57 -22.10 20.26
N ASN C 487 -11.37 -21.92 19.21
CA ASN C 487 -12.46 -22.84 18.85
C ASN C 487 -13.52 -23.02 19.93
N THR C 488 -13.77 -22.03 20.77
CA THR C 488 -14.92 -22.17 21.68
C THR C 488 -16.23 -21.91 20.94
N ILE C 489 -17.28 -22.60 21.34
CA ILE C 489 -18.54 -22.63 20.60
C ILE C 489 -19.64 -21.81 21.27
N GLU C 490 -19.90 -22.05 22.55
CA GLU C 490 -21.08 -21.44 23.16
C GLU C 490 -20.76 -20.56 24.37
N LYS C 491 -19.50 -20.21 24.56
CA LYS C 491 -19.15 -19.32 25.66
C LYS C 491 -19.16 -17.87 25.19
N THR C 492 -19.69 -16.99 26.04
CA THR C 492 -19.80 -15.58 25.72
C THR C 492 -19.18 -14.75 26.83
N LEU C 493 -18.69 -13.58 26.46
CA LEU C 493 -18.09 -12.66 27.41
C LEU C 493 -19.17 -11.91 28.18
N LYS C 494 -18.81 -11.45 29.37
CA LYS C 494 -19.67 -10.51 30.07
C LYS C 494 -19.67 -9.18 29.32
N ALA C 495 -20.76 -8.43 29.48
CA ALA C 495 -21.00 -7.26 28.64
C ALA C 495 -19.89 -6.23 28.79
N SER C 496 -19.28 -6.13 29.97
CA SER C 496 -18.16 -5.23 30.21
C SER C 496 -16.94 -5.59 29.36
N ASP C 497 -16.71 -6.89 29.12
CA ASP C 497 -15.59 -7.28 28.26
C ASP C 497 -15.90 -7.05 26.79
N LEU C 498 -17.13 -7.37 26.37
CA LEU C 498 -17.52 -7.26 24.96
C LEU C 498 -17.51 -5.81 24.48
N ILE C 499 -17.95 -4.88 25.35
CA ILE C 499 -18.11 -3.48 24.98
C ILE C 499 -16.81 -2.82 24.53
N GLU C 500 -15.65 -3.35 24.95
CA GLU C 500 -14.36 -2.77 24.53
C GLU C 500 -14.12 -2.91 23.03
N PHE C 501 -14.85 -3.79 22.36
CA PHE C 501 -14.69 -4.02 20.93
C PHE C 501 -15.77 -3.33 20.11
N LYS C 502 -16.50 -2.41 20.71
CA LYS C 502 -17.65 -1.80 20.07
C LYS C 502 -17.23 -0.69 19.11
N PHE C 503 -17.66 -0.81 17.86
CA PHE C 503 -17.54 0.24 16.85
C PHE C 503 -17.90 1.59 17.47
N PRO C 504 -17.02 2.58 17.42
CA PRO C 504 -17.29 3.85 18.11
C PRO C 504 -18.62 4.45 17.69
N GLU C 505 -19.54 4.58 18.64
CA GLU C 505 -20.79 5.25 18.31
C GLU C 505 -20.50 6.71 17.99
N ASN C 506 -21.41 7.32 17.24
CA ASN C 506 -21.23 8.60 16.55
C ASN C 506 -20.35 8.48 15.31
N ASN C 507 -19.93 7.27 14.92
CA ASN C 507 -19.28 7.06 13.62
C ASN C 507 -20.14 6.23 12.66
N LEU C 508 -21.40 5.92 13.00
CA LEU C 508 -22.18 4.98 12.21
C LEU C 508 -23.68 5.19 12.41
N SER C 509 -24.44 5.21 11.31
CA SER C 509 -25.92 5.16 11.37
C SER C 509 -26.34 3.79 10.88
N GLN C 510 -26.80 2.95 11.80
CA GLN C 510 -27.19 1.59 11.48
C GLN C 510 -28.65 1.48 11.05
N LEU C 511 -29.52 2.38 11.53
CA LEU C 511 -30.96 2.25 11.30
C LEU C 511 -31.34 3.14 10.12
N THR C 512 -31.07 2.63 8.94
CA THR C 512 -31.39 3.33 7.71
C THR C 512 -32.61 2.69 7.05
N GLU C 513 -33.14 3.37 6.03
CA GLU C 513 -34.24 2.80 5.26
C GLU C 513 -33.85 1.44 4.67
N GLN C 514 -32.66 1.37 4.05
CA GLN C 514 -32.28 0.13 3.39
C GLN C 514 -31.93 -0.98 4.39
N GLU C 515 -31.60 -0.66 5.64
CA GLU C 515 -31.34 -1.71 6.62
C GLU C 515 -32.62 -2.48 6.99
N ILE C 516 -33.79 -1.87 6.87
CA ILE C 516 -34.99 -2.48 7.42
C ILE C 516 -35.37 -3.75 6.64
N ASN C 517 -35.14 -3.78 5.33
CA ASN C 517 -35.45 -4.94 4.50
C ASN C 517 -34.22 -5.84 4.38
N SER C 518 -34.24 -6.96 5.10
CA SER C 518 -33.18 -7.94 4.96
C SER C 518 -33.32 -8.68 3.63
N LEU C 519 -32.19 -8.92 2.97
CA LEU C 519 -32.17 -9.56 1.67
C LEU C 519 -31.76 -11.03 1.73
N TRP C 520 -31.71 -11.63 2.93
CA TRP C 520 -31.36 -13.03 3.09
C TRP C 520 -32.26 -13.79 4.06
N SER C 521 -33.24 -13.13 4.67
CA SER C 521 -34.07 -13.75 5.69
C SER C 521 -35.25 -12.84 5.95
N PHE C 522 -36.26 -13.39 6.63
CA PHE C 522 -37.47 -12.65 6.93
C PHE C 522 -38.19 -13.36 8.07
N ASP C 523 -39.01 -12.61 8.80
CA ASP C 523 -39.67 -13.14 9.99
C ASP C 523 -41.12 -13.55 9.68
N GLN C 524 -41.80 -14.05 10.72
CA GLN C 524 -43.14 -14.62 10.55
C GLN C 524 -44.14 -13.59 10.02
N ALA C 525 -44.09 -12.37 10.55
CA ALA C 525 -45.00 -11.32 10.09
C ALA C 525 -44.82 -11.06 8.60
N SER C 526 -43.57 -10.82 8.17
CA SER C 526 -43.31 -10.53 6.76
C SER C 526 -43.66 -11.71 5.86
N ALA C 527 -43.45 -12.94 6.34
CA ALA C 527 -43.86 -14.11 5.58
C ALA C 527 -45.37 -14.13 5.37
N LYS C 528 -46.12 -13.74 6.39
CA LYS C 528 -47.57 -13.71 6.27
C LYS C 528 -48.01 -12.62 5.29
N TYR C 529 -47.46 -11.41 5.41
CA TYR C 529 -47.82 -10.34 4.49
C TYR C 529 -47.40 -10.67 3.06
N GLN C 530 -46.21 -11.23 2.88
CA GLN C 530 -45.77 -11.61 1.54
C GLN C 530 -46.69 -12.68 0.95
N PHE C 531 -47.09 -13.68 1.74
CA PHE C 531 -48.01 -14.70 1.25
C PHE C 531 -49.33 -14.08 0.81
N GLU C 532 -49.89 -13.19 1.64
CA GLU C 532 -51.16 -12.59 1.28
C GLU C 532 -51.03 -11.74 0.02
N LYS C 533 -49.85 -11.14 -0.19
CA LYS C 533 -49.60 -10.42 -1.43
C LYS C 533 -49.55 -11.37 -2.62
N TYR C 534 -48.96 -12.56 -2.44
CA TYR C 534 -48.90 -13.54 -3.53
C TYR C 534 -50.29 -13.99 -3.95
N VAL C 535 -51.19 -14.21 -2.99
CA VAL C 535 -52.50 -14.68 -3.40
C VAL C 535 -53.32 -13.55 -4.03
N ARG C 536 -53.16 -12.31 -3.57
CA ARG C 536 -53.82 -11.19 -4.24
C ARG C 536 -53.40 -11.13 -5.70
N ASP C 537 -52.09 -11.19 -5.95
CA ASP C 537 -51.59 -11.10 -7.31
C ASP C 537 -51.96 -12.31 -8.15
N TYR C 538 -52.08 -13.48 -7.52
CA TYR C 538 -52.47 -14.68 -8.26
C TYR C 538 -53.95 -14.63 -8.65
N THR C 539 -54.82 -14.29 -7.69
CA THR C 539 -56.26 -14.22 -7.96
C THR C 539 -56.63 -12.98 -8.76
N GLY C 540 -56.04 -11.84 -8.42
CA GLY C 540 -56.32 -10.62 -9.18
C GLY C 540 -55.75 -10.64 -10.59
N GLY C 541 -54.63 -11.35 -10.79
CA GLY C 541 -53.98 -11.38 -12.08
C GLY C 541 -53.00 -10.23 -12.28
N SER C 542 -52.22 -10.33 -13.35
CA SER C 542 -51.27 -9.28 -13.74
C SER C 542 -51.49 -8.90 -15.20
N LEU C 543 -51.47 -7.59 -15.47
CA LEU C 543 -51.65 -7.07 -16.83
C LEU C 543 -50.37 -7.16 -17.65
N GLN D 4 -10.20 -33.42 -24.40
CA GLN D 4 -9.35 -33.15 -23.24
C GLN D 4 -7.93 -32.69 -23.61
N LEU D 5 -7.19 -32.28 -22.58
CA LEU D 5 -5.80 -31.87 -22.71
C LEU D 5 -4.90 -32.99 -22.22
N VAL D 6 -3.80 -33.22 -22.93
CA VAL D 6 -2.94 -34.38 -22.66
C VAL D 6 -1.60 -33.87 -22.15
N GLU D 7 -1.24 -34.29 -20.93
CA GLU D 7 0.05 -33.95 -20.33
C GLU D 7 1.09 -35.02 -20.60
N SER D 8 2.34 -34.59 -20.74
CA SER D 8 3.46 -35.53 -20.82
C SER D 8 4.74 -34.79 -20.46
N GLY D 9 5.78 -35.56 -20.20
CA GLY D 9 7.10 -35.03 -19.90
C GLY D 9 7.50 -35.15 -18.45
N GLY D 10 6.72 -35.82 -17.60
CA GLY D 10 7.14 -36.00 -16.23
C GLY D 10 8.27 -36.99 -16.09
N GLY D 11 8.40 -37.59 -14.92
CA GLY D 11 9.30 -38.71 -14.73
C GLY D 11 10.01 -38.63 -13.41
N LEU D 12 10.99 -39.52 -13.23
CA LEU D 12 11.77 -39.62 -12.01
C LEU D 12 13.05 -38.81 -12.20
N VAL D 13 13.19 -37.71 -11.46
CA VAL D 13 14.31 -36.80 -11.62
C VAL D 13 14.98 -36.60 -10.27
N GLN D 14 16.27 -36.24 -10.33
CA GLN D 14 17.07 -35.92 -9.17
C GLN D 14 16.81 -34.49 -8.71
N PRO D 15 16.99 -34.22 -7.41
CA PRO D 15 16.90 -32.83 -6.93
C PRO D 15 17.89 -31.92 -7.65
N GLY D 16 17.45 -30.69 -7.93
CA GLY D 16 18.25 -29.70 -8.61
C GLY D 16 18.17 -29.78 -10.12
N GLY D 17 17.64 -30.87 -10.66
CA GLY D 17 17.51 -31.03 -12.09
C GLY D 17 16.40 -30.15 -12.66
N SER D 18 16.19 -30.32 -13.96
CA SER D 18 15.20 -29.56 -14.69
C SER D 18 14.36 -30.50 -15.56
N LEU D 19 13.19 -30.04 -15.96
CA LEU D 19 12.24 -30.86 -16.68
C LEU D 19 11.30 -29.94 -17.44
N ARG D 20 10.86 -30.34 -18.64
CA ARG D 20 9.86 -29.57 -19.38
C ARG D 20 8.64 -30.45 -19.61
N LEU D 21 7.50 -30.03 -19.05
CA LEU D 21 6.24 -30.69 -19.29
C LEU D 21 5.51 -30.01 -20.44
N SER D 22 4.69 -30.78 -21.16
CA SER D 22 3.91 -30.32 -22.29
C SER D 22 2.44 -30.58 -22.06
N CYS D 23 1.61 -29.65 -22.51
CA CYS D 23 0.15 -29.73 -22.45
C CYS D 23 -0.40 -29.46 -23.84
N ALA D 24 -0.97 -30.48 -24.49
CA ALA D 24 -1.41 -30.38 -25.88
C ALA D 24 -2.91 -30.63 -26.00
N ALA D 25 -3.57 -29.86 -26.85
CA ALA D 25 -4.99 -30.05 -27.11
C ALA D 25 -5.22 -30.54 -28.54
N GLY D 27 -8.97 -31.56 -30.39
CA GLY D 27 -10.39 -31.51 -30.73
C GLY D 27 -11.02 -30.15 -30.52
N PHE D 28 -10.39 -29.34 -29.67
CA PHE D 28 -10.82 -27.97 -29.42
C PHE D 28 -9.60 -27.05 -29.47
N THR D 29 -9.85 -25.77 -29.73
CA THR D 29 -8.81 -24.76 -29.80
C THR D 29 -8.55 -24.17 -28.41
N LEU D 30 -7.28 -24.10 -28.03
CA LEU D 30 -6.88 -23.44 -26.79
C LEU D 30 -6.62 -21.96 -26.98
N ASP D 31 -6.90 -21.43 -28.19
CA ASP D 31 -6.43 -20.09 -28.57
C ASP D 31 -7.21 -18.97 -27.89
N TYR D 32 -8.38 -19.23 -27.32
CA TYR D 32 -9.17 -18.20 -26.66
C TYR D 32 -9.26 -18.42 -25.14
N SER D 33 -8.29 -19.13 -24.58
CA SER D 33 -8.36 -19.57 -23.19
C SER D 33 -7.04 -19.30 -22.50
N SER D 34 -7.09 -18.84 -21.25
CA SER D 34 -5.90 -18.96 -20.40
C SER D 34 -5.69 -20.44 -20.08
N ILE D 35 -4.43 -20.82 -19.86
CA ILE D 35 -4.04 -22.22 -19.60
C ILE D 35 -3.27 -22.28 -18.30
N GLY D 36 -3.75 -23.08 -17.36
CA GLY D 36 -3.12 -23.23 -16.06
C GLY D 36 -2.55 -24.62 -15.90
N TRP D 37 -1.35 -24.69 -15.29
CA TRP D 37 -0.80 -25.92 -14.75
C TRP D 37 -1.09 -25.97 -13.25
N PHE D 38 -1.58 -27.11 -12.80
CA PHE D 38 -1.91 -27.35 -11.41
C PHE D 38 -1.20 -28.65 -11.04
N ARG D 39 -1.03 -28.89 -9.75
CA ARG D 39 -0.35 -30.09 -9.30
C ARG D 39 -1.01 -30.57 -8.01
N GLN D 40 -0.82 -31.86 -7.74
CA GLN D 40 -1.41 -32.49 -6.56
C GLN D 40 -0.35 -33.42 -6.00
N ALA D 41 0.20 -33.05 -4.83
CA ALA D 41 1.20 -33.87 -4.20
C ALA D 41 0.53 -35.05 -3.50
N PRO D 42 1.24 -36.18 -3.34
CA PRO D 42 0.62 -37.37 -2.72
C PRO D 42 0.07 -37.04 -1.36
N GLY D 43 -1.26 -37.11 -1.21
CA GLY D 43 -1.89 -36.83 0.07
C GLY D 43 -2.06 -35.37 0.42
N LYS D 44 -1.72 -34.46 -0.49
CA LYS D 44 -1.89 -33.03 -0.29
C LYS D 44 -3.02 -32.49 -1.16
N GLU D 45 -3.43 -31.25 -0.87
CA GLU D 45 -4.49 -30.59 -1.63
C GLU D 45 -3.92 -30.02 -2.93
N ARG D 46 -4.76 -29.92 -3.95
CA ARG D 46 -4.33 -29.42 -5.24
C ARG D 46 -3.98 -27.95 -5.15
N GLU D 47 -2.99 -27.52 -5.93
CA GLU D 47 -2.61 -26.11 -5.91
C GLU D 47 -2.29 -25.66 -7.32
N GLY D 48 -2.47 -24.36 -7.57
CA GLY D 48 -2.03 -23.80 -8.83
C GLY D 48 -0.52 -23.70 -8.92
N VAL D 49 0.02 -23.88 -10.12
CA VAL D 49 1.45 -23.79 -10.36
C VAL D 49 1.79 -22.63 -11.28
N SER D 50 1.10 -22.54 -12.41
CA SER D 50 1.35 -21.53 -13.43
C SER D 50 0.08 -21.26 -14.21
N CYS D 51 -0.03 -20.05 -14.72
CA CYS D 51 -1.10 -19.69 -15.66
C CYS D 51 -0.50 -18.83 -16.75
N ILE D 52 -1.03 -18.95 -17.96
CA ILE D 52 -0.55 -18.16 -19.09
C ILE D 52 -1.75 -17.67 -19.90
N SER D 53 -1.74 -16.38 -20.24
CA SER D 53 -2.82 -15.80 -21.00
C SER D 53 -2.88 -16.39 -22.41
N SER D 54 -4.02 -16.19 -23.05
CA SER D 54 -4.25 -16.66 -24.42
C SER D 54 -3.13 -16.20 -25.36
N SER D 55 -2.80 -14.90 -25.31
CA SER D 55 -1.75 -14.35 -26.16
C SER D 55 -0.35 -14.77 -25.76
N GLY D 56 -0.16 -15.29 -24.55
CA GLY D 56 1.17 -15.51 -24.03
C GLY D 56 1.83 -14.29 -23.44
N ASP D 57 1.15 -13.13 -23.42
CA ASP D 57 1.73 -11.89 -22.90
C ASP D 57 1.66 -11.79 -21.38
N SER D 58 0.90 -12.65 -20.71
CA SER D 58 0.73 -12.54 -19.27
C SER D 58 0.90 -13.91 -18.62
N THR D 59 1.62 -13.93 -17.51
CA THR D 59 1.83 -15.16 -16.76
C THR D 59 1.62 -14.91 -15.28
N LYS D 60 1.32 -15.99 -14.57
CA LYS D 60 1.15 -15.94 -13.12
C LYS D 60 1.75 -17.23 -12.56
N TYR D 61 2.23 -17.18 -11.31
CA TYR D 61 2.90 -18.32 -10.72
C TYR D 61 2.55 -18.43 -9.24
N ALA D 62 2.51 -19.66 -8.76
CA ALA D 62 2.46 -19.89 -7.33
C ALA D 62 3.75 -19.39 -6.70
N ASP D 63 3.63 -18.92 -5.45
CA ASP D 63 4.78 -18.34 -4.76
C ASP D 63 5.93 -19.35 -4.68
N SER D 64 5.62 -20.61 -4.43
CA SER D 64 6.63 -21.64 -4.27
C SER D 64 7.42 -21.93 -5.55
N VAL D 65 6.95 -21.49 -6.71
CA VAL D 65 7.65 -21.75 -7.96
C VAL D 65 8.07 -20.47 -8.69
N LYS D 66 7.56 -19.32 -8.28
CA LYS D 66 7.91 -18.08 -8.96
C LYS D 66 9.43 -17.91 -8.90
N GLY D 67 10.05 -17.62 -10.04
CA GLY D 67 11.48 -17.50 -10.12
C GLY D 67 12.24 -18.78 -10.41
N ARG D 68 11.59 -19.95 -10.35
CA ARG D 68 12.16 -21.23 -10.78
C ARG D 68 11.48 -21.82 -12.00
N PHE D 69 10.13 -21.77 -12.07
CA PHE D 69 9.35 -22.32 -13.18
C PHE D 69 8.96 -21.21 -14.14
N THR D 70 8.84 -21.55 -15.43
CA THR D 70 8.21 -20.67 -16.40
C THR D 70 7.28 -21.48 -17.29
N THR D 71 6.22 -20.83 -17.76
CA THR D 71 5.27 -21.44 -18.69
C THR D 71 5.27 -20.64 -19.98
N SER D 72 5.20 -21.33 -21.12
CA SER D 72 5.19 -20.68 -22.42
C SER D 72 4.14 -21.34 -23.31
N ARG D 73 3.73 -20.62 -24.34
CA ARG D 73 2.74 -21.15 -25.27
C ARG D 73 3.33 -21.15 -26.67
N ASP D 74 3.11 -22.27 -27.37
CA ASP D 74 3.68 -22.54 -28.69
C ASP D 74 2.51 -22.98 -29.57
N ASN D 75 1.95 -22.06 -30.36
CA ASN D 75 0.79 -22.38 -31.16
C ASN D 75 1.14 -23.11 -32.45
N ALA D 76 2.44 -23.28 -32.73
CA ALA D 76 2.85 -24.18 -33.82
C ALA D 76 2.41 -25.61 -33.53
N LYS D 77 2.64 -26.07 -32.31
CA LYS D 77 2.20 -27.39 -31.87
C LYS D 77 0.89 -27.36 -31.09
N ASN D 78 0.27 -26.19 -30.95
CA ASN D 78 -0.89 -26.02 -30.08
C ASN D 78 -0.63 -26.62 -28.69
N THR D 79 0.49 -26.20 -28.09
CA THR D 79 0.99 -26.74 -26.83
C THR D 79 1.35 -25.62 -25.88
N VAL D 80 1.10 -25.85 -24.59
CA VAL D 80 1.64 -25.03 -23.51
C VAL D 80 2.65 -25.86 -22.73
N TYR D 81 3.79 -25.24 -22.39
CA TYR D 81 4.87 -25.89 -21.66
C TYR D 81 5.00 -25.34 -20.25
N LEU D 82 5.50 -26.18 -19.34
CA LEU D 82 5.93 -25.75 -18.02
C LEU D 82 7.40 -26.16 -17.88
N GLN D 83 8.28 -25.16 -17.94
CA GLN D 83 9.72 -25.37 -17.76
C GLN D 83 10.01 -25.32 -16.26
N MET D 84 10.39 -26.46 -15.69
CA MET D 84 10.68 -26.58 -14.28
C MET D 84 12.19 -26.65 -14.07
N ASN D 85 12.72 -25.81 -13.17
CA ASN D 85 14.14 -25.78 -12.88
C ASN D 85 14.35 -25.85 -11.36
N SER D 86 15.55 -26.32 -10.99
CA SER D 86 15.94 -26.45 -9.58
C SER D 86 14.93 -27.28 -8.80
N LEU D 87 14.61 -28.45 -9.34
CA LEU D 87 13.57 -29.29 -8.76
C LEU D 87 13.90 -29.66 -7.33
N LYS D 88 12.88 -29.63 -6.48
CA LYS D 88 12.96 -29.97 -5.07
C LYS D 88 12.07 -31.17 -4.82
N PRO D 89 12.31 -31.92 -3.74
CA PRO D 89 11.35 -32.97 -3.36
C PRO D 89 9.94 -32.43 -3.17
N ASP D 90 9.81 -31.15 -2.80
CA ASP D 90 8.52 -30.48 -2.63
C ASP D 90 7.71 -30.40 -3.91
N ASP D 91 8.35 -30.57 -5.08
CA ASP D 91 7.69 -30.47 -6.36
C ASP D 91 7.15 -31.80 -6.87
N THR D 92 7.43 -32.89 -6.17
CA THR D 92 6.89 -34.20 -6.51
C THR D 92 5.37 -34.16 -6.47
N ALA D 93 4.72 -34.47 -7.60
CA ALA D 93 3.26 -34.41 -7.69
C ALA D 93 2.82 -34.89 -9.07
N VAL D 94 1.52 -35.12 -9.21
CA VAL D 94 0.94 -35.18 -10.55
C VAL D 94 0.67 -33.76 -11.02
N TYR D 95 1.11 -33.43 -12.24
CA TYR D 95 0.85 -32.14 -12.85
C TYR D 95 -0.26 -32.26 -13.90
N TYR D 96 -1.21 -31.33 -13.87
CA TYR D 96 -2.34 -31.28 -14.78
C TYR D 96 -2.44 -29.90 -15.40
N CYS D 97 -2.96 -29.84 -16.63
CA CYS D 97 -3.27 -28.55 -17.23
C CYS D 97 -4.75 -28.48 -17.57
N ALA D 98 -5.30 -27.29 -17.43
CA ALA D 98 -6.69 -27.04 -17.78
C ALA D 98 -6.76 -25.70 -18.52
N ALA D 99 -7.77 -25.56 -19.36
CA ALA D 99 -8.03 -24.30 -20.05
C ALA D 99 -9.17 -23.58 -19.34
N PHE D 100 -9.11 -22.26 -19.39
CA PHE D 100 -10.09 -21.45 -18.67
C PHE D 100 -10.68 -20.43 -19.62
N ARG D 101 -12.01 -20.29 -19.57
CA ARG D 101 -12.63 -19.15 -20.25
C ARG D 101 -12.33 -17.85 -19.51
N ALA D 102 -12.28 -17.91 -18.17
CA ALA D 102 -11.89 -16.74 -17.40
C ALA D 102 -10.49 -16.26 -17.78
N THR D 103 -10.25 -14.98 -17.57
CA THR D 103 -8.91 -14.42 -17.73
C THR D 103 -7.99 -14.99 -16.64
N MET D 104 -6.79 -15.38 -17.06
CA MET D 104 -5.72 -15.73 -16.12
C MET D 104 -6.16 -16.79 -15.10
N CYS D 105 -6.93 -17.78 -15.57
CA CYS D 105 -7.25 -18.97 -14.79
C CYS D 105 -8.07 -18.67 -13.54
N GLY D 106 -8.85 -17.59 -13.57
CA GLY D 106 -9.84 -17.36 -12.53
C GLY D 106 -9.28 -17.10 -11.14
N VAL D 107 -9.64 -17.94 -10.17
CA VAL D 107 -9.17 -17.78 -8.79
C VAL D 107 -7.77 -18.36 -8.60
N PHE D 108 -7.08 -18.67 -9.71
CA PHE D 108 -5.70 -19.13 -9.65
C PHE D 108 -4.91 -18.32 -8.62
N PRO D 109 -4.13 -18.97 -7.73
CA PRO D 109 -3.72 -20.39 -7.75
C PRO D 109 -4.72 -21.35 -7.12
N LEU D 110 -5.86 -20.87 -6.65
CA LEU D 110 -6.86 -21.79 -6.15
C LEU D 110 -7.62 -22.43 -7.32
N SER D 111 -8.39 -23.53 -7.01
CA SER D 111 -9.12 -24.31 -8.00
C SER D 111 -10.60 -23.95 -8.04
N PRO D 112 -11.25 -24.13 -9.19
CA PRO D 112 -12.71 -23.97 -9.23
C PRO D 112 -13.41 -24.93 -8.27
N TYR D 113 -14.42 -24.41 -7.58
CA TYR D 113 -15.19 -25.20 -6.65
C TYR D 113 -15.87 -26.38 -7.35
N GLY D 114 -15.71 -27.57 -6.76
CA GLY D 114 -16.30 -28.76 -7.30
C GLY D 114 -15.59 -29.39 -8.48
N LYS D 115 -14.44 -28.87 -8.90
CA LYS D 115 -13.75 -29.44 -10.07
C LYS D 115 -12.78 -30.53 -9.60
N ASP D 116 -13.14 -31.79 -9.86
CA ASP D 116 -12.27 -32.91 -9.57
C ASP D 116 -11.82 -33.67 -10.82
N ASP D 117 -12.30 -33.32 -12.00
CA ASP D 117 -11.88 -33.99 -13.22
C ASP D 117 -10.85 -33.08 -13.89
N TRP D 118 -9.59 -33.51 -13.86
CA TRP D 118 -8.51 -32.74 -14.45
C TRP D 118 -7.79 -33.50 -15.56
N GLY D 119 -8.37 -34.61 -16.05
CA GLY D 119 -7.65 -35.45 -16.99
C GLY D 119 -6.64 -36.34 -16.29
N LYS D 120 -5.81 -36.95 -17.08
CA LYS D 120 -4.84 -37.88 -16.58
C LYS D 120 -3.65 -37.27 -15.85
N GLY D 121 -3.07 -36.22 -16.39
CA GLY D 121 -1.89 -35.60 -15.80
C GLY D 121 -0.60 -36.33 -16.14
N THR D 122 0.50 -35.79 -15.61
CA THR D 122 1.80 -36.43 -15.80
C THR D 122 2.56 -36.38 -14.48
N LEU D 123 3.20 -37.49 -14.14
CA LEU D 123 3.80 -37.66 -12.82
C LEU D 123 5.23 -37.14 -12.87
N VAL D 124 5.58 -36.31 -11.88
CA VAL D 124 6.97 -35.91 -11.63
C VAL D 124 7.36 -36.42 -10.25
N THR D 125 8.44 -37.21 -10.18
CA THR D 125 8.92 -37.71 -8.91
C THR D 125 10.35 -37.21 -8.69
N VAL D 126 10.55 -36.41 -7.64
CA VAL D 126 11.86 -35.87 -7.31
C VAL D 126 12.36 -36.58 -6.07
N SER D 127 13.36 -37.44 -6.23
CA SER D 127 13.94 -38.12 -5.08
C SER D 127 15.45 -38.05 -5.16
#